data_5XH7
#
_entry.id   5XH7
#
_cell.length_a   80.656
_cell.length_b   133.298
_cell.length_c   200.020
_cell.angle_alpha   90.00
_cell.angle_beta   90.00
_cell.angle_gamma   90.00
#
_symmetry.space_group_name_H-M   'P 21 21 21'
#
loop_
_entity.id
_entity.type
_entity.pdbx_description
1 polymer 'CRISPR-associated endonuclease Cpf1'
2 polymer crRNA
3 polymer 'Target DNA strand'
4 polymer 'Non-target DNA strand'
5 non-polymer 'SODIUM ION'
6 non-polymer 'CHLORIDE ION'
7 non-polymer 1,2-ETHANEDIOL
8 water water
#
loop_
_entity_poly.entity_id
_entity_poly.type
_entity_poly.pdbx_seq_one_letter_code
_entity_poly.pdbx_strand_id
1 'polypeptide(L)'
;GSHMTQFEGFTNLYQVSKTLRFELIPQGKTLKHIQEQGFIEEDKARNDHYKELKPIIDRIYKTYADQCLQLVQLDWENLS
AAIDSYRKEKTEETRNALIEEQATYRNAIHDYFIGRTDNLTDAINKRHAEIYKGLFKAELFNGKVLKQLGTVTTTEHENA
LLRSFDKFTTYFSGFYENRKNVFSAEDISTAIPHRIVQDNFPKFKENCHIFTRLITAVPSLREHFENVKKAIGIFVSTSI
EEVFSFPFYNQLLTQTQIDLYNQLLGGISREAGTEKIKGLNEVLNLAIQKNDETAHIIASLPHRFIPLFKQILSDRNTLS
FILEEFKSDEEVIQSFCKYKTLLRNENVLETAEALFNELNSIDLTHIFISHKKLETISSALCDHWDTLRNALYERRISEL
TGKITKSAKEKVQRSLKHEDINLQEIISAAGKELSEAFKQKTSEILSHAHAALDQPLPTTLKKQEEKEILKSQLDSLLGL
YHLLDWFAVDESNEVDPEFSARLTGIKLEMEPSLSFYNKARNYATKKPYSVEKFKLNFQMPTLARGWDVNKEKNNGAILF
VKNGLYYLGIMPKQKGRYKALSFEPTEKTSEGFDKMYYDYFPDAAKMIPRCSTQLKAVTAHFQTHTTPILLSNNFIEPLE
ITKEIYDLNNPEKEPKKFQTAYAKKTGDQKGYREALCKWIDFTRDFLSKYTKTTSIDLSSLRPSSQYKDLGEYYAELNPL
LYHISFQRIAEKEIMDAVETGKLYLFQIYNKDFAKGHHGKPNLHTLYWTGLFSPENLAKTSIKLNGQAELFYRPKSRMKR
MAHRLGEKMLNKKLKDQKTPIPDTLYQELYDYVNHRLSHDLSDEARALLPNVITKEVSHEIIKDRRFTSDKFFFHVPITL
NYQAANSPSKFNQRVNAYLKEHPETPIIGIDRGERNLIYITVIDSTGKILEQRSLNTIQQFDYQKKLDNREKERVAARQA
WSVVGTIKDLKQGYLSQVIHEIVDLMIHYQAVVVLENLNFGFKSKRTGIAEKAVYQQFEKMLIDKLNCLVLKDYPAEKVG
GVLNPYQLTDQFTSFAKMGTQSGFLFYVPAPYTSKIDPLTGFVDPFVWKTIKNHESRKHFLEGFDFLHYDVKTGDFILHF
KMNRNLSFQRGLPGFMPAWDIVFEKNETQFDAKGTPFIAGKRIVPVIENHRFTGRYRDLYPANELIALLEEKGIVFRDGS
NILPKLLENDDSHAIDTMVALIRSVLQMRNSNAATGEDYINSPVRDLNGVCFDSRFQNPEWPMDADANGAYHIALKGQLL
LNHLKESKDLKLQNGISNQDWLAYIQELRN
;
A
2 'polyribonucleotide' AAUUUCUACUCUUGUAGAUGGAAAUUAGGUGCGCUUGGCAACC B
3 'polydeoxyribonucleotide'
;(DG)(DG)(DT)(DT)(DG)(DC)(DC)(DA)(DA)(DG)(DC)(DG)(DC)(DA)(DC)(DC)(DT)(DA)(DA)(DT)
(DT)(DT)(DC)(DC)(DT)(DG)(DG)(DA)(DG)(DG)(DA)(DC)(DT)(DG)
;
C
4 'polydeoxyribonucleotide' (DC)(DA)(DG)(DT)(DC)(DC)(DT)(DC)(DC)(DA) D
#
loop_
_chem_comp.id
_chem_comp.type
_chem_comp.name
_chem_comp.formula
A RNA linking ADENOSINE-5'-MONOPHOSPHATE 'C10 H14 N5 O7 P'
C RNA linking CYTIDINE-5'-MONOPHOSPHATE 'C9 H14 N3 O8 P'
CL non-polymer 'CHLORIDE ION' 'Cl -1'
DA DNA linking 2'-DEOXYADENOSINE-5'-MONOPHOSPHATE 'C10 H14 N5 O6 P'
DC DNA linking 2'-DEOXYCYTIDINE-5'-MONOPHOSPHATE 'C9 H14 N3 O7 P'
DG DNA linking 2'-DEOXYGUANOSINE-5'-MONOPHOSPHATE 'C10 H14 N5 O7 P'
DT DNA linking THYMIDINE-5'-MONOPHOSPHATE 'C10 H15 N2 O8 P'
EDO non-polymer 1,2-ETHANEDIOL 'C2 H6 O2'
G RNA linking GUANOSINE-5'-MONOPHOSPHATE 'C10 H14 N5 O8 P'
NA non-polymer 'SODIUM ION' 'Na 1'
U RNA linking URIDINE-5'-MONOPHOSPHATE 'C9 H13 N2 O9 P'
#
# COMPACT_ATOMS: atom_id res chain seq x y z
N MET A 4 6.89 41.06 1.00
CA MET A 4 6.54 39.97 1.90
C MET A 4 5.99 38.75 1.13
N THR A 5 5.69 37.68 1.85
CA THR A 5 5.35 36.40 1.23
C THR A 5 4.04 36.48 0.44
N GLN A 6 3.93 35.61 -0.55
CA GLN A 6 2.81 35.58 -1.48
C GLN A 6 2.55 34.15 -1.90
N PHE A 7 1.27 33.76 -1.98
CA PHE A 7 0.94 32.39 -2.38
C PHE A 7 1.60 32.03 -3.70
N GLU A 8 1.64 32.98 -4.63
CA GLU A 8 2.29 32.74 -5.92
C GLU A 8 3.80 32.63 -5.81
N GLY A 9 4.39 32.91 -4.64
CA GLY A 9 5.81 32.65 -4.47
C GLY A 9 6.19 31.18 -4.32
N PHE A 10 5.21 30.28 -4.20
CA PHE A 10 5.50 28.85 -4.07
C PHE A 10 5.67 28.23 -5.47
N THR A 11 6.82 28.56 -6.05
CA THR A 11 7.19 28.18 -7.41
C THR A 11 8.72 28.15 -7.47
N ASN A 12 9.25 27.33 -8.37
CA ASN A 12 10.69 27.30 -8.65
C ASN A 12 11.49 27.02 -7.37
N LEU A 13 11.04 26.01 -6.63
CA LEU A 13 11.66 25.65 -5.35
C LEU A 13 12.51 24.40 -5.41
N TYR A 14 12.17 23.40 -6.24
CA TYR A 14 13.01 22.23 -6.41
C TYR A 14 12.65 21.47 -7.68
N GLN A 15 13.68 20.85 -8.28
CA GLN A 15 13.49 20.10 -9.52
C GLN A 15 12.62 18.87 -9.32
N VAL A 16 11.81 18.57 -10.33
CA VAL A 16 10.90 17.42 -10.29
C VAL A 16 11.04 16.68 -11.61
N SER A 17 11.23 15.37 -11.54
CA SER A 17 11.37 14.56 -12.73
C SER A 17 10.10 13.77 -13.00
N LYS A 18 9.74 13.66 -14.27
CA LYS A 18 8.59 12.85 -14.69
C LYS A 18 8.94 12.13 -15.98
N THR A 19 8.21 11.06 -16.26
CA THR A 19 8.30 10.39 -17.54
C THR A 19 7.05 10.67 -18.36
N LEU A 20 7.24 10.99 -19.64
CA LEU A 20 6.16 11.09 -20.63
C LEU A 20 6.19 9.85 -21.50
N ARG A 21 5.00 9.37 -21.90
CA ARG A 21 4.86 8.19 -22.74
C ARG A 21 4.12 8.56 -24.02
N PHE A 22 4.63 8.08 -25.15
CA PHE A 22 4.03 8.33 -26.46
C PHE A 22 4.04 7.06 -27.30
N GLU A 23 3.10 6.96 -28.23
CA GLU A 23 3.22 5.99 -29.30
C GLU A 23 4.18 6.51 -30.37
N LEU A 24 4.88 5.59 -31.05
CA LEU A 24 5.76 5.93 -32.16
C LEU A 24 5.17 5.35 -33.43
N ILE A 25 4.90 6.23 -34.40
CA ILE A 25 4.27 5.85 -35.65
C ILE A 25 5.35 5.83 -36.73
N PRO A 26 5.75 4.65 -37.22
CA PRO A 26 6.83 4.60 -38.24
C PRO A 26 6.40 5.31 -39.52
N GLN A 27 7.35 6.01 -40.14
CA GLN A 27 7.09 6.82 -41.34
C GLN A 27 7.78 6.21 -42.55
N GLY A 28 7.06 6.15 -43.67
CA GLY A 28 7.72 5.80 -44.92
C GLY A 28 8.15 4.34 -44.89
N LYS A 29 9.37 4.09 -45.37
CA LYS A 29 9.90 2.71 -45.41
C LYS A 29 10.48 2.26 -44.08
N THR A 30 10.32 3.06 -43.02
CA THR A 30 10.92 2.74 -41.73
C THR A 30 10.52 1.35 -41.26
N LEU A 31 9.22 1.05 -41.25
CA LEU A 31 8.78 -0.24 -40.72
C LEU A 31 9.28 -1.39 -41.58
N LYS A 32 9.23 -1.22 -42.91
CA LYS A 32 9.74 -2.26 -43.81
C LYS A 32 11.20 -2.56 -43.51
N HIS A 33 12.02 -1.52 -43.35
CA HIS A 33 13.43 -1.71 -43.07
C HIS A 33 13.65 -2.41 -41.74
N ILE A 34 12.88 -2.04 -40.71
CA ILE A 34 13.03 -2.67 -39.40
C ILE A 34 12.70 -4.15 -39.50
N GLN A 35 11.62 -4.49 -40.20
CA GLN A 35 11.24 -5.88 -40.38
C GLN A 35 12.29 -6.64 -41.18
N GLU A 36 12.80 -6.01 -42.25
CA GLU A 36 13.84 -6.64 -43.08
C GLU A 36 15.09 -6.94 -42.25
N GLN A 37 15.43 -6.05 -41.32
CA GLN A 37 16.67 -6.24 -40.56
C GLN A 37 16.50 -7.17 -39.37
N GLY A 38 15.27 -7.50 -38.97
CA GLY A 38 15.10 -8.45 -37.88
C GLY A 38 15.36 -7.89 -36.50
N PHE A 39 15.39 -6.56 -36.35
CA PHE A 39 15.74 -5.95 -35.07
C PHE A 39 14.77 -6.32 -33.96
N ILE A 40 13.48 -6.42 -34.28
CA ILE A 40 12.49 -6.65 -33.24
C ILE A 40 12.64 -8.06 -32.66
N GLU A 41 12.81 -9.05 -33.53
CA GLU A 41 13.03 -10.43 -33.08
C GLU A 41 14.30 -10.52 -32.26
N GLU A 42 15.36 -9.83 -32.70
CA GLU A 42 16.62 -9.84 -31.97
C GLU A 42 16.50 -9.15 -30.61
N ASP A 43 15.78 -8.04 -30.54
CA ASP A 43 15.56 -7.41 -29.23
C ASP A 43 14.69 -8.29 -28.33
N LYS A 44 13.71 -9.00 -28.90
CA LYS A 44 12.93 -9.93 -28.08
C LYS A 44 13.81 -11.04 -27.54
N ALA A 45 14.69 -11.61 -28.37
CA ALA A 45 15.57 -12.68 -27.91
C ALA A 45 16.50 -12.18 -26.80
N ARG A 46 17.03 -10.95 -26.92
CA ARG A 46 17.91 -10.41 -25.91
CA ARG A 46 17.92 -10.45 -25.90
C ARG A 46 17.20 -10.25 -24.57
N ASN A 47 15.94 -9.79 -24.61
CA ASN A 47 15.17 -9.73 -23.38
C ASN A 47 14.93 -11.13 -22.80
N ASP A 48 14.65 -12.11 -23.65
CA ASP A 48 14.47 -13.47 -23.14
C ASP A 48 15.76 -13.99 -22.51
N HIS A 49 16.89 -13.72 -23.16
CA HIS A 49 18.17 -14.18 -22.62
C HIS A 49 18.46 -13.54 -21.28
N TYR A 50 18.15 -12.24 -21.15
CA TYR A 50 18.28 -11.55 -19.86
C TYR A 50 17.44 -12.24 -18.80
N LYS A 51 16.18 -12.54 -19.11
CA LYS A 51 15.30 -13.15 -18.12
C LYS A 51 15.86 -14.50 -17.65
N GLU A 52 16.45 -15.27 -18.56
CA GLU A 52 17.10 -16.53 -18.22
C GLU A 52 18.38 -16.32 -17.42
N LEU A 53 19.18 -15.31 -17.80
CA LEU A 53 20.51 -15.19 -17.22
C LEU A 53 20.48 -14.56 -15.84
N LYS A 54 19.48 -13.71 -15.56
CA LYS A 54 19.43 -13.02 -14.27
C LYS A 54 19.43 -13.96 -13.06
N PRO A 55 18.60 -15.01 -13.01
CA PRO A 55 18.66 -15.91 -11.83
C PRO A 55 19.97 -16.68 -11.75
N ILE A 56 20.62 -16.95 -12.88
CA ILE A 56 21.93 -17.59 -12.83
C ILE A 56 22.96 -16.66 -12.21
N ILE A 57 22.96 -15.39 -12.62
CA ILE A 57 23.92 -14.44 -12.05
C ILE A 57 23.62 -14.19 -10.58
N ASP A 58 22.33 -14.19 -10.19
CA ASP A 58 21.98 -13.92 -8.80
C ASP A 58 22.52 -14.98 -7.86
N ARG A 59 22.87 -16.17 -8.36
CA ARG A 59 23.52 -17.18 -7.54
CA ARG A 59 23.48 -17.16 -7.48
C ARG A 59 24.79 -16.63 -6.90
N ILE A 60 25.51 -15.78 -7.64
CA ILE A 60 26.73 -15.16 -7.14
C ILE A 60 26.43 -14.29 -5.94
N TYR A 61 25.48 -13.35 -6.09
CA TYR A 61 25.16 -12.44 -4.99
C TYR A 61 24.61 -13.18 -3.79
N LYS A 62 23.68 -14.12 -4.03
CA LYS A 62 23.08 -14.88 -2.93
C LYS A 62 24.14 -15.67 -2.17
N THR A 63 25.01 -16.37 -2.89
CA THR A 63 26.05 -17.16 -2.24
C THR A 63 27.02 -16.26 -1.48
N TYR A 64 27.42 -15.13 -2.07
CA TYR A 64 28.39 -14.28 -1.38
C TYR A 64 27.77 -13.61 -0.16
N ALA A 65 26.53 -13.13 -0.28
CA ALA A 65 25.87 -12.51 0.87
C ALA A 65 25.69 -13.53 2.00
N ASP A 66 25.31 -14.74 1.65
CA ASP A 66 25.08 -15.76 2.66
C ASP A 66 26.39 -16.15 3.35
N GLN A 67 27.49 -16.21 2.60
CA GLN A 67 28.77 -16.57 3.19
C GLN A 67 29.27 -15.48 4.15
N CYS A 68 29.08 -14.21 3.77
CA CYS A 68 29.47 -13.12 4.66
C CYS A 68 28.61 -13.08 5.92
N LEU A 69 27.29 -13.21 5.76
CA LEU A 69 26.40 -13.09 6.91
C LEU A 69 26.65 -14.19 7.95
N GLN A 70 27.07 -15.38 7.51
CA GLN A 70 27.38 -16.45 8.46
C GLN A 70 28.54 -16.09 9.37
N LEU A 71 29.38 -15.13 8.99
CA LEU A 71 30.50 -14.73 9.82
C LEU A 71 30.15 -13.64 10.83
N VAL A 72 28.98 -13.00 10.70
CA VAL A 72 28.69 -11.83 11.49
C VAL A 72 28.51 -12.19 12.96
N GLN A 73 29.10 -11.38 13.83
CA GLN A 73 28.97 -11.55 15.28
C GLN A 73 29.09 -10.16 15.89
N LEU A 74 27.96 -9.56 16.21
CA LEU A 74 27.90 -8.21 16.76
C LEU A 74 27.31 -8.24 18.16
N ASP A 75 27.65 -7.23 18.95
CA ASP A 75 26.99 -6.99 20.22
C ASP A 75 25.83 -6.02 20.02
N TRP A 76 24.61 -6.45 20.33
CA TRP A 76 23.42 -5.68 20.00
C TRP A 76 22.91 -4.82 21.15
N GLU A 77 23.58 -4.83 22.31
CA GLU A 77 23.11 -4.08 23.47
C GLU A 77 22.95 -2.58 23.17
N ASN A 78 23.91 -1.98 22.46
CA ASN A 78 23.84 -0.53 22.23
C ASN A 78 22.65 -0.18 21.34
N LEU A 79 22.38 -0.99 20.31
CA LEU A 79 21.20 -0.73 19.49
C LEU A 79 19.92 -0.89 20.30
N SER A 80 19.86 -1.92 21.14
CA SER A 80 18.69 -2.09 21.99
C SER A 80 18.51 -0.90 22.92
N ALA A 81 19.61 -0.39 23.48
CA ALA A 81 19.52 0.75 24.38
C ALA A 81 19.02 2.00 23.66
N ALA A 82 19.47 2.23 22.43
CA ALA A 82 19.02 3.43 21.71
C ALA A 82 17.56 3.31 21.31
N ILE A 83 17.09 2.11 20.97
CA ILE A 83 15.67 1.88 20.72
C ILE A 83 14.85 2.22 21.95
N ASP A 84 15.26 1.69 23.11
CA ASP A 84 14.53 1.91 24.37
C ASP A 84 14.49 3.40 24.72
N SER A 85 15.61 4.10 24.56
CA SER A 85 15.65 5.51 24.96
C SER A 85 14.75 6.37 24.07
N TYR A 86 14.71 6.06 22.78
CA TYR A 86 13.79 6.80 21.91
C TYR A 86 12.34 6.48 22.25
N ARG A 87 12.03 5.23 22.57
CA ARG A 87 10.67 4.87 22.95
C ARG A 87 10.26 5.54 24.24
N LYS A 88 11.18 5.66 25.19
CA LYS A 88 10.85 6.28 26.47
C LYS A 88 10.69 7.79 26.33
N GLU A 89 11.63 8.46 25.65
CA GLU A 89 11.68 9.92 25.62
C GLU A 89 10.91 10.54 24.45
N LYS A 90 10.96 9.94 23.27
CA LYS A 90 10.18 10.38 22.09
C LYS A 90 10.53 11.81 21.69
N THR A 91 11.81 12.15 21.81
CA THR A 91 12.31 13.46 21.47
C THR A 91 13.10 13.42 20.18
N GLU A 92 13.37 14.60 19.62
CA GLU A 92 14.21 14.68 18.42
C GLU A 92 15.65 14.27 18.74
N GLU A 93 16.10 14.51 19.97
CA GLU A 93 17.46 14.12 20.36
C GLU A 93 17.61 12.61 20.39
N THR A 94 16.66 11.90 21.00
CA THR A 94 16.78 10.45 21.06
C THR A 94 16.46 9.80 19.72
N ARG A 95 15.67 10.48 18.88
CA ARG A 95 15.44 9.97 17.53
C ARG A 95 16.71 10.00 16.70
N ASN A 96 17.45 11.12 16.77
CA ASN A 96 18.68 11.25 16.01
C ASN A 96 19.79 10.34 16.53
N ALA A 97 19.79 10.08 17.84
CA ALA A 97 20.72 9.10 18.40
C ALA A 97 20.47 7.72 17.83
N LEU A 98 19.20 7.31 17.78
CA LEU A 98 18.87 6.01 17.22
C LEU A 98 19.24 5.95 15.74
N ILE A 99 18.91 7.01 14.99
CA ILE A 99 19.27 7.07 13.58
C ILE A 99 20.77 6.86 13.40
N GLU A 100 21.58 7.54 14.23
CA GLU A 100 23.03 7.39 14.10
C GLU A 100 23.50 6.02 14.57
N GLU A 101 22.85 5.47 15.59
CA GLU A 101 23.18 4.11 16.01
C GLU A 101 22.84 3.10 14.92
N GLN A 102 21.70 3.26 14.26
CA GLN A 102 21.36 2.37 13.16
C GLN A 102 22.41 2.46 12.04
N ALA A 103 22.91 3.66 11.76
CA ALA A 103 23.95 3.78 10.74
C ALA A 103 25.21 3.01 11.15
N THR A 104 25.58 3.09 12.42
CA THR A 104 26.80 2.40 12.86
C THR A 104 26.65 0.89 12.71
N TYR A 105 25.46 0.36 13.06
CA TYR A 105 25.23 -1.06 12.93
C TYR A 105 25.15 -1.49 11.46
N ARG A 106 24.46 -0.72 10.62
CA ARG A 106 24.45 -1.02 9.18
C ARG A 106 25.86 -1.03 8.62
N ASN A 107 26.68 -0.05 9.00
CA ASN A 107 28.08 -0.04 8.55
C ASN A 107 28.83 -1.25 9.06
N ALA A 108 28.53 -1.67 10.30
CA ALA A 108 29.24 -2.83 10.84
C ALA A 108 28.95 -4.07 10.04
N ILE A 109 27.70 -4.24 9.61
CA ILE A 109 27.33 -5.35 8.72
C ILE A 109 28.05 -5.18 7.37
N HIS A 110 27.93 -3.99 6.78
CA HIS A 110 28.52 -3.69 5.48
C HIS A 110 30.02 -3.98 5.44
N ASP A 111 30.72 -3.80 6.56
CA ASP A 111 32.16 -4.03 6.59
C ASP A 111 32.54 -5.48 6.34
N TYR A 112 31.63 -6.42 6.60
CA TYR A 112 31.91 -7.81 6.21
C TYR A 112 31.89 -7.95 4.69
N PHE A 113 30.93 -7.31 4.03
CA PHE A 113 30.84 -7.38 2.57
C PHE A 113 32.11 -6.85 1.90
N ILE A 114 32.56 -5.67 2.30
CA ILE A 114 33.66 -5.01 1.63
C ILE A 114 35.02 -5.34 2.23
N GLY A 115 35.05 -6.13 3.30
CA GLY A 115 36.32 -6.57 3.87
C GLY A 115 37.04 -5.54 4.71
N ARG A 116 36.33 -4.83 5.57
CA ARG A 116 36.94 -3.81 6.43
C ARG A 116 36.44 -3.95 7.87
N THR A 117 36.31 -5.17 8.36
CA THR A 117 35.83 -5.43 9.72
C THR A 117 36.96 -5.98 10.57
N ASP A 118 37.16 -5.40 11.75
CA ASP A 118 38.17 -5.88 12.68
C ASP A 118 37.92 -7.31 13.13
N ASN A 119 36.68 -7.79 13.00
CA ASN A 119 36.31 -9.12 13.49
C ASN A 119 36.79 -10.25 12.59
N LEU A 120 37.49 -9.94 11.50
CA LEU A 120 38.02 -10.96 10.59
C LEU A 120 39.51 -10.75 10.37
N THR A 121 40.18 -11.80 9.90
CA THR A 121 41.61 -11.73 9.63
C THR A 121 41.88 -10.86 8.39
N ASP A 122 43.17 -10.56 8.19
CA ASP A 122 43.56 -9.78 7.02
C ASP A 122 43.31 -10.55 5.73
N ALA A 123 43.57 -11.87 5.74
CA ALA A 123 43.42 -12.65 4.53
C ALA A 123 41.95 -12.77 4.12
N ILE A 124 41.06 -13.00 5.08
CA ILE A 124 39.63 -13.05 4.76
C ILE A 124 39.15 -11.69 4.27
N ASN A 125 39.49 -10.62 5.01
CA ASN A 125 39.12 -9.28 4.58
C ASN A 125 39.61 -8.97 3.17
N LYS A 126 40.83 -9.39 2.84
CA LYS A 126 41.39 -9.06 1.53
C LYS A 126 40.62 -9.76 0.41
N ARG A 127 40.28 -11.04 0.59
CA ARG A 127 39.52 -11.74 -0.44
C ARG A 127 38.14 -11.14 -0.61
N HIS A 128 37.51 -10.71 0.48
CA HIS A 128 36.20 -10.08 0.38
C HIS A 128 36.29 -8.76 -0.40
N ALA A 129 37.35 -7.99 -0.19
CA ALA A 129 37.51 -6.75 -0.96
C ALA A 129 37.68 -7.06 -2.44
N GLU A 130 38.43 -8.11 -2.77
CA GLU A 130 38.66 -8.47 -4.17
C GLU A 130 37.37 -8.94 -4.83
N ILE A 131 36.55 -9.71 -4.11
CA ILE A 131 35.26 -10.15 -4.66
C ILE A 131 34.35 -8.94 -4.85
N TYR A 132 34.19 -8.13 -3.81
CA TYR A 132 33.25 -7.02 -3.85
C TYR A 132 33.60 -6.03 -4.96
N LYS A 133 34.89 -5.89 -5.28
CA LYS A 133 35.32 -4.94 -6.30
C LYS A 133 34.69 -5.27 -7.65
N GLY A 134 34.55 -6.55 -7.98
CA GLY A 134 34.00 -6.95 -9.27
C GLY A 134 32.58 -7.46 -9.26
N LEU A 135 31.82 -7.19 -8.19
CA LEU A 135 30.46 -7.71 -8.06
C LEU A 135 29.43 -6.91 -8.83
N PHE A 136 29.70 -5.64 -9.13
CA PHE A 136 28.69 -4.75 -9.69
C PHE A 136 29.15 -4.16 -11.03
N LYS A 137 29.93 -4.92 -11.78
CA LYS A 137 30.33 -4.51 -13.12
C LYS A 137 30.45 -5.76 -13.98
N ALA A 138 30.97 -5.59 -15.20
CA ALA A 138 31.05 -6.68 -16.16
C ALA A 138 31.97 -7.81 -15.72
N GLU A 139 32.75 -7.64 -14.65
CA GLU A 139 33.57 -8.74 -14.15
C GLU A 139 32.74 -9.93 -13.66
N LEU A 140 31.47 -9.69 -13.28
CA LEU A 140 30.55 -10.78 -12.99
C LEU A 140 30.57 -11.85 -14.07
N PHE A 141 30.75 -11.45 -15.33
CA PHE A 141 30.57 -12.33 -16.47
C PHE A 141 31.77 -13.20 -16.79
N ASN A 142 32.96 -12.86 -16.28
CA ASN A 142 34.13 -13.66 -16.64
C ASN A 142 34.22 -14.96 -15.85
N GLY A 143 33.45 -15.11 -14.78
CA GLY A 143 33.40 -16.33 -14.02
C GLY A 143 34.51 -16.50 -13.00
N LYS A 144 35.39 -15.51 -12.84
CA LYS A 144 36.47 -15.64 -11.87
C LYS A 144 35.91 -15.78 -10.45
N VAL A 145 34.94 -14.93 -10.09
CA VAL A 145 34.34 -14.90 -8.76
C VAL A 145 33.80 -16.28 -8.38
N LEU A 146 33.48 -17.11 -9.39
CA LEU A 146 33.03 -18.46 -9.11
C LEU A 146 34.09 -19.26 -8.36
N LYS A 147 35.36 -19.07 -8.73
CA LYS A 147 36.43 -19.81 -8.06
C LYS A 147 36.52 -19.45 -6.58
N GLN A 148 36.31 -18.16 -6.25
CA GLN A 148 36.43 -17.71 -4.87
C GLN A 148 35.22 -18.03 -4.01
N LEU A 149 34.14 -18.53 -4.61
CA LEU A 149 32.90 -18.83 -3.89
C LEU A 149 32.69 -20.31 -3.64
N GLY A 150 33.11 -21.16 -4.58
CA GLY A 150 32.96 -22.60 -4.40
C GLY A 150 33.51 -23.34 -5.61
N THR A 151 33.17 -24.63 -5.68
CA THR A 151 33.61 -25.47 -6.78
C THR A 151 32.66 -25.45 -7.97
N VAL A 152 31.62 -24.61 -7.93
CA VAL A 152 30.65 -24.55 -9.01
C VAL A 152 31.30 -24.00 -10.28
N THR A 153 30.96 -24.59 -11.42
CA THR A 153 31.38 -24.10 -12.72
C THR A 153 30.13 -23.94 -13.60
N THR A 154 30.28 -23.25 -14.72
CA THR A 154 29.14 -22.97 -15.59
C THR A 154 28.93 -24.11 -16.56
N THR A 155 27.66 -24.41 -16.83
CA THR A 155 27.28 -25.41 -17.82
C THR A 155 27.34 -24.81 -19.23
N GLU A 156 27.35 -25.69 -20.24
CA GLU A 156 27.49 -25.22 -21.62
C GLU A 156 26.35 -24.27 -21.98
N HIS A 157 25.13 -24.58 -21.53
CA HIS A 157 24.01 -23.68 -21.78
C HIS A 157 24.22 -22.33 -21.12
N GLU A 158 24.84 -22.33 -19.93
CA GLU A 158 25.07 -21.06 -19.22
C GLU A 158 26.11 -20.20 -19.94
N ASN A 159 27.19 -20.83 -20.43
CA ASN A 159 28.17 -20.09 -21.22
C ASN A 159 27.55 -19.49 -22.47
N ALA A 160 26.61 -20.21 -23.09
CA ALA A 160 25.96 -19.71 -24.29
C ALA A 160 25.15 -18.44 -23.98
N LEU A 161 24.44 -18.44 -22.86
CA LEU A 161 23.72 -17.24 -22.43
C LEU A 161 24.69 -16.09 -22.18
N LEU A 162 25.80 -16.38 -21.51
CA LEU A 162 26.79 -15.33 -21.21
C LEU A 162 27.35 -14.73 -22.48
N ARG A 163 27.72 -15.57 -23.46
CA ARG A 163 28.25 -15.05 -24.71
C ARG A 163 27.19 -14.34 -25.54
N SER A 164 25.90 -14.56 -25.25
CA SER A 164 24.88 -13.82 -25.97
C SER A 164 24.83 -12.35 -25.57
N PHE A 165 25.62 -11.93 -24.57
CA PHE A 165 25.75 -10.52 -24.19
C PHE A 165 27.16 -9.97 -24.43
N ASP A 166 27.99 -10.67 -25.20
CA ASP A 166 29.28 -10.14 -25.61
C ASP A 166 29.09 -8.77 -26.26
N LYS A 167 29.93 -7.80 -25.87
CA LYS A 167 29.85 -6.41 -26.32
C LYS A 167 28.50 -5.77 -26.00
N PHE A 168 27.76 -6.34 -25.03
CA PHE A 168 26.44 -5.83 -24.68
C PHE A 168 26.16 -6.00 -23.18
N THR A 169 27.18 -6.10 -22.34
CA THR A 169 26.92 -6.29 -20.91
C THR A 169 26.28 -5.07 -20.26
N THR A 170 26.35 -3.90 -20.91
CA THR A 170 25.67 -2.74 -20.36
C THR A 170 24.15 -2.87 -20.37
N TYR A 171 23.61 -3.94 -20.99
CA TYR A 171 22.21 -4.26 -20.80
C TYR A 171 21.89 -4.56 -19.34
N PHE A 172 22.91 -4.95 -18.55
CA PHE A 172 22.77 -5.17 -17.13
C PHE A 172 23.12 -3.96 -16.26
N SER A 173 23.29 -2.77 -16.86
CA SER A 173 23.73 -1.60 -16.08
C SER A 173 22.76 -1.25 -14.97
N GLY A 174 21.46 -1.21 -15.28
CA GLY A 174 20.48 -0.97 -14.24
C GLY A 174 20.50 -2.06 -13.18
N PHE A 175 20.66 -3.32 -13.61
CA PHE A 175 20.69 -4.45 -12.68
C PHE A 175 21.85 -4.32 -11.69
N TYR A 176 23.00 -3.81 -12.15
CA TYR A 176 24.11 -3.56 -11.22
C TYR A 176 23.69 -2.61 -10.12
N GLU A 177 22.88 -1.60 -10.46
CA GLU A 177 22.41 -0.65 -9.46
C GLU A 177 21.37 -1.30 -8.53
N ASN A 178 20.51 -2.15 -9.07
CA ASN A 178 19.56 -2.84 -8.20
C ASN A 178 20.28 -3.70 -7.18
N ARG A 179 21.47 -4.21 -7.53
CA ARG A 179 22.21 -5.06 -6.61
C ARG A 179 23.07 -4.25 -5.64
N LYS A 180 23.56 -3.08 -6.06
CA LYS A 180 24.17 -2.16 -5.11
C LYS A 180 23.17 -1.79 -4.03
N ASN A 181 21.89 -1.65 -4.42
CA ASN A 181 20.83 -1.37 -3.47
C ASN A 181 20.63 -2.52 -2.48
N VAL A 182 21.10 -3.72 -2.82
CA VAL A 182 20.97 -4.85 -1.91
C VAL A 182 22.07 -4.82 -0.86
N PHE A 183 23.31 -4.50 -1.25
CA PHE A 183 24.44 -4.58 -0.33
C PHE A 183 24.74 -3.26 0.36
N SER A 184 24.07 -2.17 -0.03
CA SER A 184 24.38 -0.84 0.48
C SER A 184 24.28 -0.77 2.00
N ALA A 185 25.09 0.10 2.58
CA ALA A 185 25.01 0.42 4.00
C ALA A 185 24.02 1.53 4.30
N GLU A 186 23.44 2.15 3.27
CA GLU A 186 22.56 3.30 3.46
C GLU A 186 21.23 2.87 4.09
N ASP A 187 20.51 3.86 4.60
CA ASP A 187 19.21 3.64 5.23
C ASP A 187 18.13 3.47 4.16
N ILE A 188 18.14 2.30 3.52
CA ILE A 188 17.24 2.03 2.42
C ILE A 188 16.65 0.62 2.58
N SER A 189 15.36 0.49 2.26
CA SER A 189 14.62 -0.75 2.48
C SER A 189 15.04 -1.88 1.56
N THR A 190 15.77 -1.59 0.49
CA THR A 190 16.21 -2.62 -0.43
C THR A 190 17.41 -3.41 0.08
N ALA A 191 18.06 -2.96 1.16
CA ALA A 191 19.39 -3.44 1.50
C ALA A 191 19.37 -4.39 2.69
N ILE A 192 20.35 -5.28 2.71
CA ILE A 192 20.51 -6.32 3.72
C ILE A 192 20.87 -5.71 5.07
N PRO A 193 21.78 -4.72 5.16
CA PRO A 193 22.05 -4.14 6.49
C PRO A 193 20.82 -3.52 7.13
N HIS A 194 20.05 -2.72 6.36
CA HIS A 194 18.77 -2.20 6.83
C HIS A 194 17.82 -3.33 7.27
N ARG A 195 17.74 -4.41 6.50
CA ARG A 195 16.81 -5.47 6.84
C ARG A 195 17.17 -6.09 8.19
N ILE A 196 18.47 -6.22 8.47
CA ILE A 196 18.91 -6.84 9.71
C ILE A 196 18.72 -5.89 10.89
N VAL A 197 19.06 -4.62 10.71
CA VAL A 197 19.21 -3.68 11.82
C VAL A 197 17.87 -3.07 12.19
N GLN A 198 17.05 -2.76 11.19
CA GLN A 198 15.88 -1.95 11.42
C GLN A 198 14.58 -2.70 11.24
N ASP A 199 14.56 -3.78 10.46
CA ASP A 199 13.36 -4.60 10.37
C ASP A 199 13.40 -5.74 11.38
N ASN A 200 14.43 -6.59 11.29
CA ASN A 200 14.37 -7.85 12.01
C ASN A 200 14.83 -7.72 13.45
N PHE A 201 15.87 -6.94 13.75
CA PHE A 201 16.29 -6.88 15.15
C PHE A 201 15.22 -6.32 16.08
N PRO A 202 14.48 -5.25 15.74
CA PRO A 202 13.39 -4.83 16.63
C PRO A 202 12.36 -5.92 16.86
N LYS A 203 12.02 -6.69 15.84
CA LYS A 203 11.07 -7.79 16.02
C LYS A 203 11.66 -8.84 16.96
N PHE A 204 12.92 -9.24 16.72
CA PHE A 204 13.57 -10.21 17.59
C PHE A 204 13.64 -9.69 19.03
N LYS A 205 14.06 -8.43 19.19
CA LYS A 205 14.15 -7.81 20.51
C LYS A 205 12.80 -7.85 21.22
N GLU A 206 11.73 -7.51 20.51
CA GLU A 206 10.41 -7.56 21.12
C GLU A 206 10.02 -8.99 21.52
N ASN A 207 10.37 -9.98 20.70
CA ASN A 207 10.08 -11.38 21.05
C ASN A 207 10.80 -11.81 22.33
N CYS A 208 12.05 -11.36 22.53
CA CYS A 208 12.74 -11.64 23.79
C CYS A 208 11.96 -11.09 24.98
N HIS A 209 11.44 -9.88 24.85
CA HIS A 209 10.68 -9.26 25.94
C HIS A 209 9.36 -9.99 26.17
N ILE A 210 8.67 -10.37 25.09
CA ILE A 210 7.43 -11.12 25.21
C ILE A 210 7.66 -12.43 25.94
N PHE A 211 8.69 -13.17 25.52
CA PHE A 211 9.08 -14.41 26.19
C PHE A 211 9.33 -14.18 27.68
N THR A 212 10.10 -13.14 28.02
CA THR A 212 10.47 -12.96 29.43
C THR A 212 9.25 -12.66 30.30
N ARG A 213 8.38 -11.75 29.84
CA ARG A 213 7.17 -11.44 30.61
C ARG A 213 6.30 -12.67 30.78
N LEU A 214 6.15 -13.47 29.71
CA LEU A 214 5.28 -14.64 29.79
C LEU A 214 5.81 -15.69 30.77
N ILE A 215 7.09 -16.02 30.70
CA ILE A 215 7.55 -17.12 31.54
C ILE A 215 7.79 -16.67 32.97
N THR A 216 7.96 -15.37 33.21
CA THR A 216 7.98 -14.89 34.59
C THR A 216 6.61 -15.04 35.23
N ALA A 217 5.56 -14.60 34.53
CA ALA A 217 4.20 -14.68 35.05
C ALA A 217 3.70 -16.13 35.13
N VAL A 218 3.95 -16.93 34.09
CA VAL A 218 3.46 -18.30 34.01
C VAL A 218 4.65 -19.22 33.74
N PRO A 219 5.40 -19.66 34.76
CA PRO A 219 6.66 -20.37 34.50
C PRO A 219 6.50 -21.67 33.74
N SER A 220 5.32 -22.30 33.80
CA SER A 220 5.13 -23.55 33.08
C SER A 220 5.23 -23.37 31.56
N LEU A 221 5.01 -22.16 31.06
CA LEU A 221 5.16 -21.91 29.64
C LEU A 221 6.58 -22.20 29.15
N ARG A 222 7.57 -22.12 30.04
CA ARG A 222 8.94 -22.36 29.64
C ARG A 222 9.11 -23.80 29.17
N GLU A 223 8.60 -24.76 29.94
CA GLU A 223 8.70 -26.15 29.55
C GLU A 223 7.89 -26.44 28.30
N HIS A 224 6.69 -25.87 28.19
CA HIS A 224 5.91 -26.06 26.98
CA HIS A 224 5.90 -26.03 26.98
C HIS A 224 6.68 -25.55 25.76
N PHE A 225 7.34 -24.39 25.88
CA PHE A 225 8.06 -23.82 24.75
C PHE A 225 9.28 -24.67 24.39
N GLU A 226 10.05 -25.10 25.40
CA GLU A 226 11.18 -26.00 25.16
C GLU A 226 10.72 -27.27 24.43
N ASN A 227 9.59 -27.85 24.85
CA ASN A 227 9.12 -29.08 24.22
C ASN A 227 8.63 -28.85 22.80
N VAL A 228 8.03 -27.69 22.52
CA VAL A 228 7.69 -27.37 21.14
C VAL A 228 8.95 -27.34 20.29
N LYS A 229 10.02 -26.69 20.79
CA LYS A 229 11.29 -26.65 20.08
C LYS A 229 11.86 -28.04 19.85
N LYS A 230 11.89 -28.86 20.91
CA LYS A 230 12.37 -30.23 20.80
C LYS A 230 11.53 -31.05 19.82
N ALA A 231 10.19 -30.89 19.88
CA ALA A 231 9.32 -31.68 19.02
C ALA A 231 9.53 -31.36 17.55
N ILE A 232 9.65 -30.07 17.21
CA ILE A 232 9.95 -29.67 15.84
C ILE A 232 11.37 -30.08 15.45
N GLY A 233 12.26 -30.27 16.42
CA GLY A 233 13.59 -30.75 16.13
C GLY A 233 14.56 -29.73 15.60
N ILE A 234 14.35 -28.45 15.89
CA ILE A 234 15.22 -27.40 15.40
C ILE A 234 15.96 -26.75 16.56
N PHE A 235 17.07 -26.09 16.22
CA PHE A 235 17.91 -25.41 17.21
C PHE A 235 18.26 -26.35 18.38
N VAL A 236 18.61 -27.59 18.04
CA VAL A 236 18.77 -28.63 19.06
C VAL A 236 19.86 -28.27 20.07
N SER A 237 20.82 -27.44 19.69
CA SER A 237 21.96 -27.10 20.52
C SER A 237 21.73 -25.85 21.38
N THR A 238 20.57 -25.22 21.26
CA THR A 238 20.28 -23.94 21.90
C THR A 238 19.04 -24.10 22.78
N SER A 239 19.16 -23.74 24.06
CA SER A 239 18.00 -23.74 24.95
C SER A 239 17.01 -22.67 24.53
N ILE A 240 15.76 -22.85 24.98
CA ILE A 240 14.71 -21.90 24.63
C ILE A 240 15.04 -20.53 25.18
N GLU A 241 15.68 -20.44 26.35
CA GLU A 241 16.12 -19.14 26.85
C GLU A 241 17.12 -18.50 25.91
N GLU A 242 18.05 -19.29 25.38
CA GLU A 242 19.08 -18.71 24.53
C GLU A 242 18.50 -18.28 23.19
N VAL A 243 17.45 -18.96 22.71
CA VAL A 243 16.77 -18.54 21.50
C VAL A 243 16.17 -17.15 21.68
N PHE A 244 15.77 -16.81 22.90
CA PHE A 244 15.20 -15.50 23.20
C PHE A 244 16.19 -14.61 23.95
N SER A 245 17.46 -14.65 23.53
CA SER A 245 18.50 -13.79 24.05
CA SER A 245 18.48 -13.76 24.05
C SER A 245 19.26 -13.14 22.89
N PHE A 246 19.73 -11.91 23.12
CA PHE A 246 20.39 -11.14 22.06
C PHE A 246 21.49 -11.89 21.33
N PRO A 247 22.42 -12.60 21.97
CA PRO A 247 23.53 -13.20 21.19
C PRO A 247 23.06 -14.12 20.09
N PHE A 248 21.94 -14.82 20.30
CA PHE A 248 21.41 -15.71 19.27
C PHE A 248 20.98 -14.97 18.01
N TYR A 249 20.68 -13.66 18.11
CA TYR A 249 20.29 -12.95 16.89
C TYR A 249 21.40 -12.98 15.84
N ASN A 250 22.66 -13.10 16.26
CA ASN A 250 23.75 -13.25 15.31
C ASN A 250 23.63 -14.51 14.45
N GLN A 251 22.80 -15.47 14.88
CA GLN A 251 22.52 -16.70 14.14
C GLN A 251 21.21 -16.62 13.37
N LEU A 252 20.59 -15.45 13.29
CA LEU A 252 19.32 -15.30 12.60
C LEU A 252 19.45 -14.29 11.45
N LEU A 253 20.60 -14.28 10.78
CA LEU A 253 20.81 -13.35 9.68
C LEU A 253 20.69 -13.99 8.30
N THR A 254 20.76 -15.32 8.20
CA THR A 254 20.58 -16.00 6.92
C THR A 254 19.18 -16.56 6.80
N GLN A 255 18.72 -16.73 5.56
CA GLN A 255 17.34 -17.14 5.32
C GLN A 255 17.04 -18.51 5.91
N THR A 256 17.96 -19.46 5.81
CA THR A 256 17.66 -20.79 6.34
C THR A 256 17.40 -20.71 7.84
N GLN A 257 18.19 -19.92 8.56
CA GLN A 257 17.97 -19.72 9.99
C GLN A 257 16.68 -18.94 10.24
N ILE A 258 16.42 -17.90 9.45
CA ILE A 258 15.18 -17.14 9.60
C ILE A 258 13.98 -18.05 9.41
N ASP A 259 14.02 -18.90 8.39
CA ASP A 259 12.93 -19.85 8.16
C ASP A 259 12.73 -20.78 9.36
N LEU A 260 13.83 -21.25 9.95
CA LEU A 260 13.68 -22.16 11.10
C LEU A 260 13.05 -21.45 12.29
N TYR A 261 13.48 -20.22 12.57
CA TYR A 261 12.93 -19.46 13.68
C TYR A 261 11.44 -19.22 13.48
N ASN A 262 11.05 -18.81 12.27
CA ASN A 262 9.64 -18.55 11.99
C ASN A 262 8.81 -19.84 12.10
N GLN A 263 9.42 -20.98 11.81
CA GLN A 263 8.69 -22.25 11.98
C GLN A 263 8.62 -22.69 13.43
N LEU A 264 9.59 -22.28 14.26
CA LEU A 264 9.40 -22.44 15.70
C LEU A 264 8.16 -21.67 16.15
N LEU A 265 7.96 -20.48 15.58
CA LEU A 265 6.80 -19.65 15.91
C LEU A 265 5.51 -20.20 15.29
N GLY A 266 5.59 -20.71 14.07
CA GLY A 266 4.38 -20.98 13.31
C GLY A 266 4.03 -22.45 13.11
N GLY A 267 4.95 -23.36 13.43
CA GLY A 267 4.67 -24.78 13.30
C GLY A 267 4.86 -25.26 11.87
N ILE A 268 4.47 -26.53 11.65
CA ILE A 268 4.73 -27.25 10.41
C ILE A 268 3.53 -28.12 10.06
N SER A 269 3.06 -28.01 8.83
CA SER A 269 1.95 -28.82 8.33
C SER A 269 2.48 -29.98 7.50
N ARG A 270 1.80 -31.11 7.60
CA ARG A 270 2.02 -32.16 6.62
C ARG A 270 0.93 -32.09 5.55
N GLU A 271 0.52 -33.24 5.02
CA GLU A 271 -0.47 -33.26 3.97
C GLU A 271 -1.83 -32.82 4.49
N ALA A 272 -2.63 -32.25 3.59
CA ALA A 272 -3.95 -31.77 3.94
C ALA A 272 -4.79 -32.91 4.52
N GLY A 273 -5.41 -32.66 5.66
CA GLY A 273 -6.22 -33.67 6.33
C GLY A 273 -5.52 -34.40 7.46
N THR A 274 -4.25 -34.09 7.73
CA THR A 274 -3.50 -34.66 8.84
C THR A 274 -3.17 -33.56 9.85
N GLU A 275 -2.88 -33.98 11.07
CA GLU A 275 -2.69 -33.03 12.17
C GLU A 275 -1.42 -32.22 11.95
N LYS A 276 -1.53 -30.90 12.16
CA LYS A 276 -0.40 -30.00 12.01
C LYS A 276 0.42 -29.94 13.30
N ILE A 277 1.73 -29.81 13.14
CA ILE A 277 2.64 -29.61 14.27
C ILE A 277 2.55 -28.16 14.72
N LYS A 278 2.29 -27.94 16.01
CA LYS A 278 2.05 -26.59 16.52
C LYS A 278 3.36 -25.87 16.83
N GLY A 279 3.37 -24.56 16.58
CA GLY A 279 4.43 -23.69 17.03
C GLY A 279 4.03 -22.92 18.28
N LEU A 280 4.91 -22.00 18.69
CA LEU A 280 4.70 -21.27 19.94
C LEU A 280 3.40 -20.46 19.92
N ASN A 281 3.09 -19.82 18.79
CA ASN A 281 1.93 -18.93 18.76
C ASN A 281 0.62 -19.72 18.88
N GLU A 282 0.54 -20.89 18.25
CA GLU A 282 -0.62 -21.77 18.44
C GLU A 282 -0.72 -22.27 19.88
N VAL A 283 0.41 -22.62 20.49
CA VAL A 283 0.37 -23.05 21.89
C VAL A 283 -0.21 -21.96 22.77
N LEU A 284 0.24 -20.71 22.57
CA LEU A 284 -0.27 -19.58 23.35
C LEU A 284 -1.76 -19.36 23.06
N ASN A 285 -2.16 -19.45 21.79
CA ASN A 285 -3.57 -19.28 21.44
C ASN A 285 -4.44 -20.33 22.12
N LEU A 286 -4.05 -21.61 22.03
CA LEU A 286 -4.84 -22.66 22.66
C LEU A 286 -4.93 -22.45 24.17
N ALA A 287 -3.83 -22.03 24.80
CA ALA A 287 -3.85 -21.83 26.24
C ALA A 287 -4.86 -20.75 26.62
N ILE A 288 -4.97 -19.72 25.78
CA ILE A 288 -5.91 -18.64 26.03
C ILE A 288 -7.34 -19.09 25.83
N GLN A 289 -7.57 -19.89 24.79
CA GLN A 289 -8.93 -20.34 24.53
C GLN A 289 -9.44 -21.35 25.54
N LYS A 290 -8.59 -21.86 26.43
CA LYS A 290 -9.08 -22.71 27.52
C LYS A 290 -9.93 -21.94 28.52
N ASN A 291 -9.82 -20.62 28.55
CA ASN A 291 -10.72 -19.75 29.30
C ASN A 291 -10.71 -20.01 30.80
N ASP A 292 -9.62 -20.57 31.34
CA ASP A 292 -9.49 -20.79 32.77
C ASP A 292 -8.73 -19.61 33.39
N GLU A 293 -8.27 -19.78 34.63
CA GLU A 293 -7.62 -18.67 35.31
C GLU A 293 -6.29 -18.31 34.65
N THR A 294 -5.50 -19.32 34.31
CA THR A 294 -4.22 -19.07 33.62
C THR A 294 -4.45 -18.38 32.28
N ALA A 295 -5.48 -18.82 31.55
CA ALA A 295 -5.82 -18.20 30.27
C ALA A 295 -5.97 -16.69 30.40
N HIS A 296 -6.70 -16.23 31.42
CA HIS A 296 -6.93 -14.80 31.57
C HIS A 296 -5.61 -14.07 31.81
N ILE A 297 -4.69 -14.71 32.54
CA ILE A 297 -3.40 -14.09 32.82
C ILE A 297 -2.58 -13.99 31.55
N ILE A 298 -2.44 -15.10 30.82
CA ILE A 298 -1.73 -15.08 29.55
C ILE A 298 -2.35 -14.06 28.61
N ALA A 299 -3.68 -14.03 28.53
CA ALA A 299 -4.33 -13.08 27.63
C ALA A 299 -4.04 -11.63 28.01
N SER A 300 -3.72 -11.36 29.29
CA SER A 300 -3.44 -10.00 29.72
C SER A 300 -2.04 -9.52 29.34
N LEU A 301 -1.17 -10.41 28.88
CA LEU A 301 0.18 -10.07 28.47
C LEU A 301 0.30 -10.17 26.95
N PRO A 302 1.27 -9.49 26.35
CA PRO A 302 1.58 -9.76 24.94
C PRO A 302 1.80 -11.25 24.76
N HIS A 303 1.08 -11.84 23.80
CA HIS A 303 1.03 -13.29 23.78
C HIS A 303 1.12 -13.85 22.36
N ARG A 304 1.86 -13.17 21.49
CA ARG A 304 2.05 -13.64 20.12
C ARG A 304 3.40 -13.17 19.62
N PHE A 305 4.28 -14.12 19.26
CA PHE A 305 5.62 -13.77 18.80
C PHE A 305 5.61 -13.30 17.34
N ILE A 306 6.54 -12.41 17.02
CA ILE A 306 6.55 -11.71 15.73
C ILE A 306 7.52 -12.43 14.79
N PRO A 307 7.07 -12.98 13.67
CA PRO A 307 8.01 -13.60 12.74
C PRO A 307 8.93 -12.56 12.09
N LEU A 308 10.12 -13.01 11.72
CA LEU A 308 11.09 -12.13 11.08
C LEU A 308 10.81 -12.04 9.59
N PHE A 309 11.14 -10.88 9.00
CA PHE A 309 11.09 -10.73 7.56
C PHE A 309 12.20 -11.55 6.89
N LYS A 310 12.03 -11.83 5.60
CA LYS A 310 13.04 -12.61 4.88
C LYS A 310 14.30 -11.79 4.65
N GLN A 311 15.40 -12.48 4.42
CA GLN A 311 16.63 -11.80 4.02
C GLN A 311 16.58 -11.45 2.54
N ILE A 312 17.12 -10.29 2.17
CA ILE A 312 16.98 -9.82 0.78
C ILE A 312 17.62 -10.82 -0.18
N LEU A 313 16.90 -11.15 -1.26
CA LEU A 313 17.31 -11.99 -2.39
C LEU A 313 17.20 -13.48 -2.11
N SER A 314 17.14 -13.85 -0.84
CA SER A 314 17.30 -15.26 -0.51
CA SER A 314 17.27 -15.26 -0.47
C SER A 314 16.04 -16.06 -0.87
N ASP A 315 16.25 -17.34 -1.16
CA ASP A 315 15.14 -18.23 -1.45
C ASP A 315 14.49 -18.72 -0.17
N ARG A 316 13.17 -18.69 -0.14
CA ARG A 316 12.44 -19.18 1.03
CA ARG A 316 12.41 -19.18 1.01
C ARG A 316 12.41 -20.70 1.01
N ASN A 317 12.50 -21.29 2.19
CA ASN A 317 12.40 -22.73 2.36
C ASN A 317 11.41 -23.04 3.46
N THR A 318 10.78 -24.20 3.38
CA THR A 318 9.79 -24.59 4.36
C THR A 318 9.95 -26.07 4.67
N LEU A 319 9.65 -26.44 5.92
CA LEU A 319 9.57 -27.84 6.32
C LEU A 319 8.17 -28.41 6.13
N SER A 320 7.18 -27.58 5.80
CA SER A 320 5.83 -28.06 5.57
C SER A 320 5.71 -28.78 4.23
N PHE A 321 4.69 -29.64 4.14
CA PHE A 321 4.45 -30.43 2.94
C PHE A 321 4.00 -29.54 1.77
N ILE A 322 4.56 -29.80 0.59
CA ILE A 322 4.21 -29.10 -0.64
C ILE A 322 3.64 -30.11 -1.62
N LEU A 323 2.40 -29.88 -2.06
CA LEU A 323 1.78 -30.73 -3.08
C LEU A 323 2.56 -30.67 -4.38
N GLU A 324 2.52 -31.77 -5.13
CA GLU A 324 3.00 -31.74 -6.51
C GLU A 324 2.03 -30.93 -7.39
N GLU A 325 2.48 -30.58 -8.57
CA GLU A 325 1.73 -29.71 -9.46
C GLU A 325 1.29 -30.46 -10.70
N PHE A 326 0.04 -30.28 -11.09
CA PHE A 326 -0.36 -30.58 -12.45
C PHE A 326 0.36 -29.64 -13.41
N LYS A 327 0.64 -30.12 -14.62
CA LYS A 327 1.42 -29.34 -15.57
C LYS A 327 0.67 -28.98 -16.86
N SER A 328 -0.46 -29.62 -17.16
CA SER A 328 -1.17 -29.31 -18.38
C SER A 328 -2.65 -29.64 -18.21
N ASP A 329 -3.47 -29.06 -19.09
CA ASP A 329 -4.89 -29.43 -19.15
C ASP A 329 -5.04 -30.94 -19.22
N GLU A 330 -4.21 -31.59 -20.03
CA GLU A 330 -4.35 -33.03 -20.23
C GLU A 330 -3.99 -33.82 -18.99
N GLU A 331 -3.02 -33.35 -18.21
CA GLU A 331 -2.67 -34.06 -16.97
C GLU A 331 -3.85 -34.04 -16.00
N VAL A 332 -4.47 -32.87 -15.80
CA VAL A 332 -5.61 -32.77 -14.90
C VAL A 332 -6.75 -33.67 -15.37
N ILE A 333 -7.19 -33.48 -16.62
CA ILE A 333 -8.38 -34.17 -17.10
C ILE A 333 -8.18 -35.67 -17.13
N GLN A 334 -7.05 -36.14 -17.69
CA GLN A 334 -6.80 -37.57 -17.76
C GLN A 334 -6.69 -38.18 -16.37
N SER A 335 -5.88 -37.56 -15.50
CA SER A 335 -5.71 -38.09 -14.15
C SER A 335 -7.04 -38.16 -13.42
N PHE A 336 -7.83 -37.08 -13.51
CA PHE A 336 -9.13 -37.09 -12.84
C PHE A 336 -10.07 -38.10 -13.46
N CYS A 337 -10.07 -38.20 -14.79
CA CYS A 337 -10.96 -39.15 -15.47
C CYS A 337 -10.64 -40.58 -15.06
N LYS A 338 -9.34 -40.90 -14.94
CA LYS A 338 -8.96 -42.20 -14.40
C LYS A 338 -9.53 -42.41 -13.01
N TYR A 339 -9.50 -41.37 -12.17
CA TYR A 339 -9.97 -41.51 -10.80
C TYR A 339 -11.48 -41.74 -10.74
N LYS A 340 -12.26 -40.97 -11.51
CA LYS A 340 -13.69 -41.21 -11.59
C LYS A 340 -13.98 -42.66 -11.97
N THR A 341 -13.26 -43.18 -12.97
CA THR A 341 -13.47 -44.55 -13.43
C THR A 341 -13.22 -45.54 -12.31
N LEU A 342 -12.19 -45.30 -11.50
CA LEU A 342 -11.90 -46.17 -10.37
C LEU A 342 -13.04 -46.14 -9.34
N LEU A 343 -13.58 -44.95 -9.07
CA LEU A 343 -14.69 -44.82 -8.12
C LEU A 343 -15.93 -45.55 -8.62
N ARG A 344 -16.19 -45.49 -9.93
CA ARG A 344 -17.29 -46.27 -10.49
C ARG A 344 -17.05 -47.76 -10.35
N ASN A 345 -15.84 -48.22 -10.71
CA ASN A 345 -15.53 -49.64 -10.60
C ASN A 345 -15.56 -50.12 -9.16
N GLU A 346 -14.97 -49.35 -8.26
CA GLU A 346 -14.94 -49.71 -6.84
C GLU A 346 -16.31 -49.66 -6.18
N ASN A 347 -17.34 -49.20 -6.89
CA ASN A 347 -18.72 -49.12 -6.38
C ASN A 347 -18.80 -48.30 -5.09
N VAL A 348 -18.12 -47.16 -5.06
CA VAL A 348 -18.10 -46.35 -3.84
C VAL A 348 -19.48 -45.77 -3.56
N LEU A 349 -20.19 -45.34 -4.61
CA LEU A 349 -21.45 -44.62 -4.40
C LEU A 349 -22.57 -45.56 -4.00
N GLU A 350 -22.62 -46.76 -4.61
CA GLU A 350 -23.59 -47.75 -4.19
C GLU A 350 -23.34 -48.16 -2.75
N THR A 351 -22.05 -48.28 -2.36
CA THR A 351 -21.74 -48.63 -0.99
C THR A 351 -22.14 -47.52 -0.02
N ALA A 352 -21.82 -46.27 -0.36
CA ALA A 352 -22.24 -45.16 0.47
C ALA A 352 -23.76 -45.14 0.64
N GLU A 353 -24.49 -45.20 -0.48
CA GLU A 353 -25.95 -45.20 -0.43
C GLU A 353 -26.47 -46.36 0.42
N ALA A 354 -25.83 -47.53 0.33
CA ALA A 354 -26.26 -48.66 1.14
C ALA A 354 -25.93 -48.43 2.61
N LEU A 355 -24.73 -47.88 2.90
CA LEU A 355 -24.39 -47.56 4.28
C LEU A 355 -25.39 -46.59 4.89
N PHE A 356 -25.67 -45.48 4.21
CA PHE A 356 -26.60 -44.51 4.76
C PHE A 356 -28.02 -45.05 4.83
N ASN A 357 -28.42 -45.86 3.84
CA ASN A 357 -29.75 -46.47 3.91
C ASN A 357 -29.86 -47.41 5.11
N GLU A 358 -28.75 -48.02 5.53
CA GLU A 358 -28.77 -48.89 6.70
C GLU A 358 -29.18 -48.13 7.95
N LEU A 359 -28.91 -46.83 8.01
CA LEU A 359 -29.19 -46.05 9.21
C LEU A 359 -30.69 -45.96 9.52
N ASN A 360 -31.56 -46.38 8.60
CA ASN A 360 -32.98 -46.37 8.87
C ASN A 360 -33.44 -47.53 9.73
N SER A 361 -32.59 -48.54 9.94
CA SER A 361 -33.01 -49.71 10.72
C SER A 361 -31.98 -50.23 11.72
N ILE A 362 -30.69 -49.88 11.61
CA ILE A 362 -29.72 -50.45 12.53
C ILE A 362 -29.69 -49.65 13.83
N ASP A 363 -29.02 -50.20 14.84
CA ASP A 363 -28.96 -49.62 16.18
C ASP A 363 -28.10 -48.36 16.15
N LEU A 364 -28.72 -47.20 16.19
CA LEU A 364 -27.98 -45.94 16.08
C LEU A 364 -27.22 -45.58 17.35
N THR A 365 -27.39 -46.33 18.45
CA THR A 365 -26.55 -46.09 19.63
C THR A 365 -25.10 -46.47 19.40
N HIS A 366 -24.79 -47.20 18.33
CA HIS A 366 -23.41 -47.55 18.02
C HIS A 366 -22.92 -46.92 16.72
N ILE A 367 -23.58 -45.85 16.27
CA ILE A 367 -23.11 -45.00 15.20
C ILE A 367 -22.73 -43.66 15.82
N PHE A 368 -21.50 -43.22 15.59
CA PHE A 368 -20.98 -42.08 16.32
C PHE A 368 -20.63 -40.93 15.40
N ILE A 369 -20.97 -39.73 15.86
CA ILE A 369 -20.60 -38.48 15.19
C ILE A 369 -19.39 -37.90 15.90
N SER A 370 -18.41 -37.45 15.12
CA SER A 370 -17.22 -36.83 15.68
C SER A 370 -17.57 -35.53 16.38
N HIS A 371 -17.05 -35.35 17.60
CA HIS A 371 -17.31 -34.11 18.33
C HIS A 371 -16.69 -32.92 17.61
N LYS A 372 -15.62 -33.15 16.84
CA LYS A 372 -15.05 -32.09 16.02
C LYS A 372 -15.98 -31.62 14.92
N LYS A 373 -16.96 -32.44 14.53
CA LYS A 373 -17.78 -32.12 13.38
C LYS A 373 -19.18 -31.65 13.76
N LEU A 374 -19.54 -31.72 15.05
CA LEU A 374 -20.95 -31.55 15.45
C LEU A 374 -21.48 -30.17 15.07
N GLU A 375 -20.66 -29.13 15.21
CA GLU A 375 -21.14 -27.79 14.87
C GLU A 375 -21.22 -27.60 13.36
N THR A 376 -20.32 -28.23 12.60
CA THR A 376 -20.45 -28.23 11.15
C THR A 376 -21.77 -28.87 10.75
N ILE A 377 -22.09 -30.01 11.37
CA ILE A 377 -23.31 -30.74 11.04
C ILE A 377 -24.54 -29.94 11.45
N SER A 378 -24.51 -29.33 12.63
CA SER A 378 -25.61 -28.48 13.06
C SER A 378 -25.87 -27.38 12.04
N SER A 379 -24.81 -26.76 11.49
CA SER A 379 -25.00 -25.71 10.48
C SER A 379 -25.54 -26.28 9.18
N ALA A 380 -25.10 -27.47 8.79
CA ALA A 380 -25.57 -28.05 7.54
C ALA A 380 -27.00 -28.60 7.64
N LEU A 381 -27.46 -28.96 8.84
CA LEU A 381 -28.74 -29.63 9.01
C LEU A 381 -29.78 -28.84 9.79
N CYS A 382 -29.37 -27.86 10.58
CA CYS A 382 -30.28 -27.15 11.46
C CYS A 382 -30.29 -25.67 11.07
N ASP A 383 -30.91 -24.86 11.92
CA ASP A 383 -30.99 -23.42 11.65
C ASP A 383 -29.89 -22.62 12.34
N HIS A 384 -29.10 -23.24 13.22
CA HIS A 384 -28.03 -22.55 13.94
C HIS A 384 -26.90 -23.54 14.23
N TRP A 385 -25.67 -23.01 14.27
CA TRP A 385 -24.48 -23.84 14.51
C TRP A 385 -24.53 -24.52 15.87
N ASP A 386 -25.27 -23.95 16.82
CA ASP A 386 -25.33 -24.46 18.18
C ASP A 386 -26.63 -25.20 18.48
N THR A 387 -27.48 -25.42 17.47
CA THR A 387 -28.76 -26.09 17.69
C THR A 387 -28.55 -27.49 18.27
N LEU A 388 -27.70 -28.29 17.63
CA LEU A 388 -27.46 -29.64 18.14
C LEU A 388 -26.77 -29.62 19.50
N ARG A 389 -25.82 -28.71 19.70
CA ARG A 389 -25.12 -28.66 20.98
C ARG A 389 -26.09 -28.31 22.10
N ASN A 390 -26.92 -27.28 21.88
CA ASN A 390 -27.89 -26.87 22.90
C ASN A 390 -28.91 -27.98 23.17
N ALA A 391 -29.37 -28.68 22.13
CA ALA A 391 -30.35 -29.74 22.34
C ALA A 391 -29.77 -30.87 23.18
N LEU A 392 -28.54 -31.30 22.86
CA LEU A 392 -27.90 -32.33 23.65
C LEU A 392 -27.67 -31.88 25.09
N TYR A 393 -27.27 -30.62 25.26
CA TYR A 393 -27.12 -30.04 26.59
C TYR A 393 -28.43 -30.12 27.37
N GLU A 394 -29.54 -29.68 26.76
CA GLU A 394 -30.81 -29.69 27.46
C GLU A 394 -31.24 -31.12 27.81
N ARG A 395 -31.06 -32.06 26.88
CA ARG A 395 -31.45 -33.44 27.17
C ARG A 395 -30.64 -34.00 28.34
N ARG A 396 -29.33 -33.75 28.37
CA ARG A 396 -28.52 -34.34 29.44
C ARG A 396 -28.82 -33.69 30.78
N ILE A 397 -29.07 -32.38 30.78
CA ILE A 397 -29.51 -31.69 31.99
C ILE A 397 -30.73 -32.37 32.59
N SER A 398 -31.69 -32.74 31.74
CA SER A 398 -32.91 -33.34 32.26
C SER A 398 -32.70 -34.78 32.73
N GLU A 399 -31.51 -35.34 32.51
CA GLU A 399 -31.21 -36.69 32.98
C GLU A 399 -30.38 -36.70 34.24
N LEU A 400 -29.99 -35.53 34.77
CA LEU A 400 -29.16 -35.48 35.96
C LEU A 400 -29.98 -35.82 37.21
N THR A 401 -29.37 -36.55 38.13
CA THR A 401 -30.03 -36.95 39.35
C THR A 401 -29.75 -35.96 40.48
N GLY A 402 -30.74 -35.79 41.36
CA GLY A 402 -30.57 -34.88 42.47
C GLY A 402 -30.66 -33.43 42.04
N LYS A 403 -30.18 -32.55 42.93
CA LYS A 403 -30.22 -31.12 42.67
C LYS A 403 -29.29 -30.78 41.51
N ILE A 404 -29.75 -29.89 40.64
CA ILE A 404 -29.00 -29.49 39.46
C ILE A 404 -28.14 -28.28 39.84
N THR A 405 -26.86 -28.52 40.08
CA THR A 405 -25.91 -27.49 40.47
C THR A 405 -25.39 -26.76 39.24
N LYS A 406 -24.81 -25.58 39.48
CA LYS A 406 -24.04 -24.93 38.43
C LYS A 406 -22.85 -25.80 38.02
N SER A 407 -22.16 -26.38 39.01
CA SER A 407 -21.06 -27.29 38.69
C SER A 407 -21.55 -28.47 37.85
N ALA A 408 -22.70 -29.03 38.18
CA ALA A 408 -23.24 -30.15 37.42
C ALA A 408 -23.55 -29.73 35.98
N LYS A 409 -24.09 -28.53 35.79
CA LYS A 409 -24.36 -28.05 34.45
C LYS A 409 -23.05 -27.79 33.68
N GLU A 410 -22.04 -27.27 34.35
CA GLU A 410 -20.75 -27.07 33.70
C GLU A 410 -20.14 -28.40 33.27
N LYS A 411 -20.27 -29.43 34.12
CA LYS A 411 -19.77 -30.74 33.76
C LYS A 411 -20.39 -31.22 32.46
N VAL A 412 -21.71 -31.08 32.32
CA VAL A 412 -22.38 -31.43 31.08
C VAL A 412 -21.79 -30.66 29.90
N GLN A 413 -21.60 -29.35 30.06
CA GLN A 413 -21.02 -28.56 28.96
C GLN A 413 -19.64 -29.07 28.57
N ARG A 414 -18.80 -29.37 29.56
CA ARG A 414 -17.46 -29.88 29.26
C ARG A 414 -17.54 -31.21 28.51
N SER A 415 -18.47 -32.09 28.91
CA SER A 415 -18.54 -33.41 28.28
C SER A 415 -18.84 -33.31 26.79
N LEU A 416 -19.62 -32.33 26.37
CA LEU A 416 -19.98 -32.21 24.97
C LEU A 416 -18.80 -31.78 24.09
N LYS A 417 -17.68 -31.36 24.67
CA LYS A 417 -16.49 -31.07 23.88
C LYS A 417 -15.53 -32.25 23.78
N HIS A 418 -15.67 -33.25 24.65
CA HIS A 418 -14.67 -34.30 24.82
C HIS A 418 -15.09 -35.66 24.30
N GLU A 419 -16.35 -35.85 23.96
CA GLU A 419 -16.87 -37.17 23.67
C GLU A 419 -17.58 -37.15 22.32
N ASP A 420 -17.37 -38.21 21.54
CA ASP A 420 -18.14 -38.40 20.32
C ASP A 420 -19.55 -38.84 20.68
N ILE A 421 -20.53 -38.37 19.91
CA ILE A 421 -21.94 -38.52 20.26
C ILE A 421 -22.55 -39.60 19.40
N ASN A 422 -23.25 -40.55 19.99
CA ASN A 422 -23.92 -41.52 19.14
C ASN A 422 -25.12 -40.86 18.48
N LEU A 423 -25.42 -41.31 17.25
CA LEU A 423 -26.45 -40.67 16.44
C LEU A 423 -27.83 -40.74 17.10
N GLN A 424 -28.12 -41.81 17.83
CA GLN A 424 -29.44 -41.93 18.45
C GLN A 424 -29.67 -40.84 19.49
N GLU A 425 -28.66 -40.51 20.29
CA GLU A 425 -28.83 -39.45 21.27
C GLU A 425 -29.12 -38.12 20.59
N ILE A 426 -28.43 -37.85 19.46
CA ILE A 426 -28.67 -36.63 18.70
C ILE A 426 -30.12 -36.58 18.23
N ILE A 427 -30.63 -37.69 17.71
CA ILE A 427 -31.99 -37.72 17.21
C ILE A 427 -32.99 -37.56 18.36
N SER A 428 -32.76 -38.27 19.47
CA SER A 428 -33.62 -38.13 20.63
C SER A 428 -33.63 -36.69 21.15
N ALA A 429 -32.47 -36.02 21.11
CA ALA A 429 -32.37 -34.67 21.66
C ALA A 429 -32.90 -33.61 20.71
N ALA A 430 -32.73 -33.79 19.40
CA ALA A 430 -33.07 -32.74 18.45
C ALA A 430 -34.45 -32.91 17.82
N GLY A 431 -35.01 -34.11 17.83
CA GLY A 431 -36.34 -34.34 17.31
C GLY A 431 -36.31 -34.96 15.91
N LYS A 432 -37.52 -35.31 15.45
CA LYS A 432 -37.65 -36.02 14.18
C LYS A 432 -37.26 -35.15 12.99
N GLU A 433 -37.34 -33.84 13.11
CA GLU A 433 -36.95 -33.02 11.97
C GLU A 433 -35.45 -33.10 11.71
N LEU A 434 -34.66 -33.47 12.71
CA LEU A 434 -33.23 -33.68 12.47
C LEU A 434 -33.01 -34.88 11.56
N SER A 435 -33.73 -35.97 11.81
CA SER A 435 -33.62 -37.15 10.95
C SER A 435 -34.00 -36.82 9.52
N GLU A 436 -35.03 -35.98 9.33
CA GLU A 436 -35.48 -35.65 7.99
C GLU A 436 -34.43 -34.81 7.26
N ALA A 437 -33.88 -33.79 7.92
CA ALA A 437 -32.81 -33.01 7.31
C ALA A 437 -31.61 -33.89 7.00
N PHE A 438 -31.30 -34.83 7.89
CA PHE A 438 -30.21 -35.76 7.66
C PHE A 438 -30.45 -36.56 6.37
N LYS A 439 -31.64 -37.13 6.23
CA LYS A 439 -31.99 -37.86 5.01
C LYS A 439 -31.83 -36.98 3.78
N GLN A 440 -32.37 -35.75 3.82
CA GLN A 440 -32.34 -34.87 2.66
C GLN A 440 -30.91 -34.50 2.29
N LYS A 441 -30.08 -34.19 3.28
CA LYS A 441 -28.70 -33.80 2.98
C LYS A 441 -27.93 -34.97 2.37
N THR A 442 -28.12 -36.17 2.92
CA THR A 442 -27.44 -37.36 2.40
C THR A 442 -27.84 -37.63 0.95
N SER A 443 -29.14 -37.61 0.67
CA SER A 443 -29.60 -37.79 -0.70
C SER A 443 -29.02 -36.75 -1.63
N GLU A 444 -28.98 -35.48 -1.20
CA GLU A 444 -28.43 -34.43 -2.06
C GLU A 444 -26.95 -34.67 -2.34
N ILE A 445 -26.18 -34.97 -1.30
CA ILE A 445 -24.74 -35.14 -1.46
C ILE A 445 -24.45 -36.33 -2.37
N LEU A 446 -25.14 -37.45 -2.13
CA LEU A 446 -24.95 -38.64 -2.95
C LEU A 446 -25.43 -38.41 -4.38
N SER A 447 -26.59 -37.78 -4.55
CA SER A 447 -27.10 -37.51 -5.89
C SER A 447 -26.15 -36.64 -6.69
N HIS A 448 -25.51 -35.65 -6.04
CA HIS A 448 -24.59 -34.79 -6.77
C HIS A 448 -23.32 -35.54 -7.15
N ALA A 449 -22.78 -36.33 -6.22
CA ALA A 449 -21.64 -37.17 -6.54
C ALA A 449 -21.96 -38.11 -7.70
N HIS A 450 -23.18 -38.64 -7.72
CA HIS A 450 -23.60 -39.53 -8.79
C HIS A 450 -23.56 -38.81 -10.14
N ALA A 451 -24.28 -37.68 -10.25
CA ALA A 451 -24.28 -36.93 -11.49
C ALA A 451 -22.87 -36.56 -11.93
N ALA A 452 -21.95 -36.41 -10.96
CA ALA A 452 -20.58 -36.06 -11.29
C ALA A 452 -19.86 -37.23 -11.95
N LEU A 453 -19.96 -38.43 -11.36
CA LEU A 453 -19.29 -39.59 -11.95
C LEU A 453 -19.85 -39.92 -13.33
N ASP A 454 -21.11 -39.57 -13.59
CA ASP A 454 -21.71 -39.89 -14.88
C ASP A 454 -21.39 -38.87 -15.95
N GLN A 455 -21.16 -37.63 -15.55
CA GLN A 455 -20.96 -36.56 -16.52
C GLN A 455 -19.54 -36.59 -17.05
N PRO A 456 -19.34 -36.57 -18.37
CA PRO A 456 -17.98 -36.55 -18.92
C PRO A 456 -17.28 -35.23 -18.65
N LEU A 457 -15.95 -35.30 -18.66
CA LEU A 457 -15.10 -34.13 -18.51
C LEU A 457 -14.93 -33.43 -19.85
N PRO A 458 -14.64 -32.14 -19.84
CA PRO A 458 -14.38 -31.43 -21.09
C PRO A 458 -13.08 -31.88 -21.73
N THR A 459 -12.90 -31.49 -23.00
CA THR A 459 -11.72 -31.91 -23.75
C THR A 459 -10.48 -31.15 -23.31
N THR A 460 -10.64 -29.87 -22.98
CA THR A 460 -9.57 -29.02 -22.46
C THR A 460 -10.16 -28.15 -21.35
N LEU A 461 -9.30 -27.28 -20.79
CA LEU A 461 -9.73 -26.30 -19.81
C LEU A 461 -9.61 -24.87 -20.35
N LYS A 462 -9.75 -24.69 -21.67
CA LYS A 462 -9.50 -23.39 -22.27
C LYS A 462 -10.62 -22.40 -21.98
N LYS A 463 -11.87 -22.85 -22.04
CA LYS A 463 -13.01 -21.99 -21.76
C LYS A 463 -13.38 -22.08 -20.28
N GLN A 464 -13.84 -20.96 -19.73
CA GLN A 464 -14.26 -20.93 -18.34
C GLN A 464 -15.37 -21.94 -18.07
N GLU A 465 -16.29 -22.11 -19.03
CA GLU A 465 -17.37 -23.10 -18.88
C GLU A 465 -16.81 -24.49 -18.70
N GLU A 466 -15.67 -24.79 -19.34
CA GLU A 466 -15.00 -26.08 -19.17
C GLU A 466 -14.37 -26.18 -17.79
N LYS A 467 -13.78 -25.09 -17.28
CA LYS A 467 -13.26 -25.09 -15.92
C LYS A 467 -14.39 -25.30 -14.92
N GLU A 468 -15.56 -24.71 -15.19
CA GLU A 468 -16.69 -24.85 -14.27
C GLU A 468 -17.18 -26.28 -14.20
N ILE A 469 -17.11 -27.04 -15.30
CA ILE A 469 -17.50 -28.44 -15.24
C ILE A 469 -16.54 -29.20 -14.32
N LEU A 470 -15.24 -29.02 -14.53
CA LEU A 470 -14.24 -29.63 -13.65
C LEU A 470 -14.51 -29.30 -12.19
N LYS A 471 -14.58 -28.00 -11.87
CA LYS A 471 -14.80 -27.59 -10.48
C LYS A 471 -16.09 -28.17 -9.92
N SER A 472 -17.15 -28.21 -10.74
CA SER A 472 -18.44 -28.70 -10.24
C SER A 472 -18.35 -30.16 -9.79
N GLN A 473 -17.64 -30.98 -10.56
CA GLN A 473 -17.52 -32.39 -10.22
C GLN A 473 -16.61 -32.58 -9.01
N LEU A 474 -15.54 -31.79 -8.91
CA LEU A 474 -14.70 -31.83 -7.72
C LEU A 474 -15.47 -31.40 -6.48
N ASP A 475 -16.23 -30.30 -6.59
CA ASP A 475 -17.10 -29.91 -5.48
C ASP A 475 -17.98 -31.07 -5.04
N SER A 476 -18.49 -31.83 -6.01
CA SER A 476 -19.42 -32.91 -5.69
C SER A 476 -18.73 -34.07 -4.95
N LEU A 477 -17.52 -34.45 -5.39
CA LEU A 477 -16.81 -35.52 -4.69
C LEU A 477 -16.28 -35.04 -3.35
N LEU A 478 -15.85 -33.78 -3.26
CA LEU A 478 -15.41 -33.25 -1.97
C LEU A 478 -16.57 -33.21 -0.97
N GLY A 479 -17.79 -32.96 -1.46
CA GLY A 479 -18.94 -33.00 -0.57
C GLY A 479 -19.15 -34.37 0.05
N LEU A 480 -19.05 -35.42 -0.77
CA LEU A 480 -19.15 -36.77 -0.24
C LEU A 480 -17.99 -37.08 0.70
N TYR A 481 -16.78 -36.66 0.34
CA TYR A 481 -15.63 -36.83 1.23
C TYR A 481 -15.92 -36.18 2.59
N HIS A 482 -16.44 -34.96 2.58
CA HIS A 482 -16.78 -34.27 3.83
C HIS A 482 -17.83 -35.05 4.61
N LEU A 483 -18.86 -35.53 3.92
CA LEU A 483 -19.96 -36.24 4.58
C LEU A 483 -19.46 -37.51 5.29
N LEU A 484 -18.57 -38.25 4.64
CA LEU A 484 -18.07 -39.48 5.28
C LEU A 484 -17.27 -39.17 6.54
N ASP A 485 -16.58 -38.02 6.56
CA ASP A 485 -15.84 -37.55 7.71
C ASP A 485 -16.72 -37.05 8.84
N TRP A 486 -18.05 -37.14 8.73
CA TRP A 486 -18.89 -36.79 9.88
C TRP A 486 -18.79 -37.82 10.99
N PHE A 487 -18.48 -39.05 10.65
CA PHE A 487 -18.56 -40.15 11.60
C PHE A 487 -17.27 -40.26 12.40
N ALA A 488 -17.41 -40.63 13.67
CA ALA A 488 -16.26 -40.68 14.57
C ALA A 488 -15.32 -41.82 14.21
N VAL A 489 -14.03 -41.57 14.41
CA VAL A 489 -13.01 -42.56 14.09
C VAL A 489 -12.36 -43.16 15.35
N ASP A 490 -12.52 -42.54 16.52
CA ASP A 490 -11.80 -42.96 17.71
C ASP A 490 -12.10 -44.41 18.05
N GLU A 491 -11.05 -45.14 18.45
CA GLU A 491 -11.20 -46.55 18.77
C GLU A 491 -11.98 -46.78 20.05
N SER A 492 -12.13 -45.75 20.89
CA SER A 492 -12.79 -45.91 22.18
C SER A 492 -14.29 -46.13 22.03
N ASN A 493 -14.89 -45.57 20.98
CA ASN A 493 -16.32 -45.73 20.79
C ASN A 493 -16.66 -47.18 20.42
N GLU A 494 -17.82 -47.63 20.89
CA GLU A 494 -18.30 -48.98 20.60
C GLU A 494 -18.95 -49.01 19.21
N VAL A 495 -18.09 -48.91 18.19
CA VAL A 495 -18.56 -48.76 16.82
C VAL A 495 -19.17 -50.07 16.31
N ASP A 496 -20.18 -49.93 15.46
CA ASP A 496 -20.77 -51.05 14.74
C ASP A 496 -19.73 -51.65 13.79
N PRO A 497 -19.37 -52.93 13.93
CA PRO A 497 -18.15 -53.42 13.27
C PRO A 497 -18.24 -53.48 11.75
N GLU A 498 -19.31 -54.09 11.21
CA GLU A 498 -19.46 -54.14 9.75
C GLU A 498 -19.65 -52.74 9.17
N PHE A 499 -20.49 -51.92 9.81
CA PHE A 499 -20.66 -50.55 9.36
C PHE A 499 -19.34 -49.79 9.39
N SER A 500 -18.54 -50.01 10.44
CA SER A 500 -17.25 -49.33 10.55
C SER A 500 -16.30 -49.77 9.44
N ALA A 501 -16.19 -51.09 9.22
CA ALA A 501 -15.26 -51.57 8.20
C ALA A 501 -15.68 -51.11 6.80
N ARG A 502 -16.98 -51.05 6.53
CA ARG A 502 -17.44 -50.59 5.23
C ARG A 502 -17.21 -49.10 5.07
N LEU A 503 -17.55 -48.31 6.09
CA LEU A 503 -17.30 -46.88 6.06
C LEU A 503 -15.81 -46.58 5.91
N THR A 504 -14.96 -47.29 6.65
CA THR A 504 -13.52 -47.07 6.53
C THR A 504 -13.04 -47.38 5.12
N GLY A 505 -13.61 -48.42 4.49
CA GLY A 505 -13.20 -48.76 3.14
C GLY A 505 -13.45 -47.64 2.14
N ILE A 506 -14.69 -47.14 2.07
CA ILE A 506 -14.99 -46.11 1.09
C ILE A 506 -14.36 -44.78 1.45
N LYS A 507 -14.06 -44.54 2.73
CA LYS A 507 -13.31 -43.34 3.08
C LYS A 507 -11.91 -43.39 2.47
N LEU A 508 -11.23 -44.53 2.62
CA LEU A 508 -9.90 -44.68 2.03
C LEU A 508 -9.93 -44.46 0.52
N GLU A 509 -10.99 -44.96 -0.13
CA GLU A 509 -11.14 -44.76 -1.56
C GLU A 509 -11.46 -43.31 -1.91
N MET A 510 -11.97 -42.54 -0.95
CA MET A 510 -12.31 -41.14 -1.18
C MET A 510 -11.17 -40.18 -0.85
N GLU A 511 -10.14 -40.64 -0.14
CA GLU A 511 -9.04 -39.78 0.25
C GLU A 511 -8.35 -39.04 -0.90
N PRO A 512 -8.16 -39.63 -2.10
CA PRO A 512 -7.54 -38.84 -3.19
C PRO A 512 -8.33 -37.60 -3.58
N SER A 513 -9.64 -37.57 -3.32
CA SER A 513 -10.47 -36.44 -3.74
C SER A 513 -9.92 -35.11 -3.21
N LEU A 514 -9.42 -35.11 -1.98
CA LEU A 514 -8.90 -33.87 -1.42
C LEU A 514 -7.67 -33.39 -2.18
N SER A 515 -6.75 -34.31 -2.49
CA SER A 515 -5.55 -33.91 -3.25
C SER A 515 -5.91 -33.49 -4.67
N PHE A 516 -6.84 -34.20 -5.31
CA PHE A 516 -7.32 -33.78 -6.62
C PHE A 516 -7.94 -32.39 -6.56
N TYR A 517 -8.71 -32.11 -5.51
CA TYR A 517 -9.33 -30.80 -5.40
C TYR A 517 -8.28 -29.69 -5.37
N ASN A 518 -7.29 -29.83 -4.49
CA ASN A 518 -6.32 -28.74 -4.33
C ASN A 518 -5.39 -28.65 -5.53
N LYS A 519 -4.93 -29.80 -6.05
CA LYS A 519 -4.08 -29.80 -7.23
C LYS A 519 -4.77 -29.16 -8.43
N ALA A 520 -6.06 -29.47 -8.61
CA ALA A 520 -6.79 -28.90 -9.73
C ALA A 520 -6.97 -27.39 -9.57
N ARG A 521 -7.36 -26.94 -8.36
CA ARG A 521 -7.48 -25.50 -8.14
C ARG A 521 -6.15 -24.79 -8.39
N ASN A 522 -5.06 -25.33 -7.86
CA ASN A 522 -3.77 -24.67 -8.00
C ASN A 522 -3.38 -24.52 -9.47
N TYR A 523 -3.79 -25.47 -10.32
CA TYR A 523 -3.51 -25.36 -11.75
C TYR A 523 -4.53 -24.49 -12.46
N ALA A 524 -5.82 -24.78 -12.28
CA ALA A 524 -6.88 -24.10 -13.03
C ALA A 524 -6.90 -22.60 -12.78
N THR A 525 -6.45 -22.13 -11.61
CA THR A 525 -6.51 -20.71 -11.30
C THR A 525 -5.23 -19.97 -11.71
N LYS A 526 -4.27 -20.63 -12.35
CA LYS A 526 -3.09 -19.92 -12.82
C LYS A 526 -3.47 -18.96 -13.95
N LYS A 527 -2.82 -17.81 -13.97
CA LYS A 527 -3.10 -16.81 -15.01
C LYS A 527 -2.39 -17.21 -16.30
N PRO A 528 -3.07 -17.19 -17.45
CA PRO A 528 -2.44 -17.64 -18.70
C PRO A 528 -1.34 -16.70 -19.14
N TYR A 529 -0.47 -17.24 -20.00
CA TYR A 529 0.63 -16.47 -20.57
C TYR A 529 0.07 -15.25 -21.31
N SER A 530 0.62 -14.08 -20.99
CA SER A 530 0.09 -12.83 -21.53
C SER A 530 1.16 -12.11 -22.35
N VAL A 531 0.71 -11.25 -23.24
CA VAL A 531 1.58 -10.47 -24.12
C VAL A 531 2.07 -9.25 -23.35
N GLU A 532 3.40 -9.08 -23.29
CA GLU A 532 3.97 -7.89 -22.67
C GLU A 532 4.86 -7.13 -23.66
N LYS A 533 4.93 -5.82 -23.50
CA LYS A 533 5.86 -5.05 -24.33
C LYS A 533 7.30 -5.38 -23.92
N PHE A 534 8.24 -5.15 -24.83
CA PHE A 534 9.64 -5.38 -24.50
C PHE A 534 10.54 -4.29 -25.08
N LYS A 535 11.67 -4.10 -24.42
CA LYS A 535 12.58 -3.01 -24.72
C LYS A 535 13.25 -3.23 -26.08
N LEU A 536 13.41 -2.14 -26.82
CA LEU A 536 14.07 -2.16 -28.13
C LEU A 536 15.43 -1.49 -28.04
N ASN A 537 16.45 -2.10 -28.66
CA ASN A 537 17.78 -1.53 -28.74
C ASN A 537 18.28 -1.31 -30.15
N PHE A 538 17.67 -1.94 -31.16
CA PHE A 538 18.20 -1.87 -32.53
C PHE A 538 19.70 -2.16 -32.52
N GLN A 539 20.09 -3.13 -31.68
CA GLN A 539 21.45 -3.63 -31.60
C GLN A 539 22.45 -2.57 -31.11
N MET A 540 21.96 -1.52 -30.45
CA MET A 540 22.82 -0.44 -29.97
C MET A 540 22.80 -0.39 -28.44
N PRO A 541 23.91 -0.68 -27.77
CA PRO A 541 23.88 -0.78 -26.31
C PRO A 541 23.51 0.51 -25.60
N THR A 542 23.79 1.70 -26.17
CA THR A 542 23.45 2.95 -25.50
C THR A 542 22.36 3.72 -26.25
N LEU A 543 21.46 3.00 -26.94
CA LEU A 543 20.38 3.68 -27.67
C LEU A 543 19.61 4.63 -26.77
N ALA A 544 19.52 5.89 -27.18
CA ALA A 544 18.76 6.92 -26.48
C ALA A 544 19.23 7.14 -25.04
N ARG A 545 20.47 6.76 -24.72
CA ARG A 545 21.00 7.00 -23.39
C ARG A 545 21.21 8.49 -23.14
N GLY A 546 21.46 9.26 -24.21
CA GLY A 546 21.60 10.70 -24.10
C GLY A 546 21.31 11.32 -25.44
N TRP A 547 21.13 12.64 -25.43
CA TRP A 547 20.74 13.38 -26.61
C TRP A 547 21.83 14.30 -27.14
N ASP A 548 22.95 14.42 -26.43
CA ASP A 548 23.96 15.43 -26.77
C ASP A 548 24.46 15.31 -28.21
N VAL A 549 24.63 16.48 -28.86
CA VAL A 549 25.13 16.53 -30.24
C VAL A 549 26.32 15.62 -30.43
N ASN A 550 27.27 15.65 -29.49
CA ASN A 550 28.54 14.93 -29.67
C ASN A 550 28.36 13.43 -29.62
N LYS A 551 27.23 12.93 -29.14
CA LYS A 551 27.04 11.49 -29.01
C LYS A 551 25.89 10.97 -29.86
N GLU A 552 25.41 11.76 -30.82
CA GLU A 552 24.28 11.33 -31.65
C GLU A 552 24.60 10.05 -32.38
N LYS A 553 25.82 9.90 -32.87
CA LYS A 553 26.19 8.68 -33.58
C LYS A 553 26.11 7.48 -32.67
N ASN A 554 26.62 7.61 -31.44
CA ASN A 554 26.69 6.44 -30.58
C ASN A 554 25.43 6.18 -29.79
N ASN A 555 24.64 7.22 -29.45
CA ASN A 555 23.35 6.97 -28.81
C ASN A 555 22.21 6.79 -29.81
N GLY A 556 22.42 7.16 -31.08
CA GLY A 556 21.52 6.80 -32.16
C GLY A 556 20.19 7.56 -32.24
N ALA A 557 19.96 8.58 -31.42
CA ALA A 557 18.62 9.16 -31.33
C ALA A 557 18.61 10.67 -31.47
N ILE A 558 17.71 11.18 -32.31
CA ILE A 558 17.55 12.61 -32.55
C ILE A 558 16.06 12.94 -32.61
N LEU A 559 15.76 14.24 -32.48
CA LEU A 559 14.39 14.74 -32.46
C LEU A 559 14.18 15.78 -33.56
N PHE A 560 13.01 15.74 -34.19
CA PHE A 560 12.61 16.73 -35.19
C PHE A 560 11.23 17.30 -34.84
N VAL A 561 10.99 18.53 -35.30
CA VAL A 561 9.66 19.15 -35.28
C VAL A 561 9.35 19.63 -36.70
N LYS A 562 8.15 19.37 -37.17
CA LYS A 562 7.74 19.90 -38.48
C LYS A 562 6.24 20.16 -38.44
N ASN A 563 5.85 21.42 -38.69
CA ASN A 563 4.44 21.81 -38.72
C ASN A 563 3.73 21.42 -37.42
N GLY A 564 4.41 21.59 -36.29
CA GLY A 564 3.78 21.31 -35.01
C GLY A 564 3.73 19.85 -34.63
N LEU A 565 4.25 18.96 -35.47
CA LEU A 565 4.33 17.54 -35.16
C LEU A 565 5.77 17.17 -34.82
N TYR A 566 5.93 16.17 -33.97
CA TYR A 566 7.22 15.79 -33.40
C TYR A 566 7.64 14.42 -33.90
N TYR A 567 8.94 14.25 -34.16
CA TYR A 567 9.45 13.01 -34.71
C TYR A 567 10.67 12.54 -33.96
N LEU A 568 10.74 11.24 -33.76
CA LEU A 568 11.92 10.59 -33.23
C LEU A 568 12.66 9.93 -34.39
N GLY A 569 13.96 10.19 -34.48
CA GLY A 569 14.79 9.56 -35.49
C GLY A 569 15.78 8.62 -34.81
N ILE A 570 15.79 7.37 -35.27
CA ILE A 570 16.71 6.36 -34.81
C ILE A 570 17.66 6.03 -35.94
N MET A 571 18.96 6.04 -35.65
CA MET A 571 19.97 5.78 -36.67
C MET A 571 20.70 4.50 -36.32
N PRO A 572 20.37 3.38 -36.96
CA PRO A 572 21.04 2.12 -36.64
C PRO A 572 22.44 2.08 -37.23
N LYS A 573 23.21 1.11 -36.78
CA LYS A 573 24.49 0.80 -37.42
C LYS A 573 24.27 0.44 -38.90
N GLN A 574 25.31 0.61 -39.69
CA GLN A 574 25.27 0.29 -41.11
C GLN A 574 26.28 -0.82 -41.38
N LYS A 575 25.78 -2.01 -41.72
CA LYS A 575 26.64 -3.16 -41.95
C LYS A 575 27.58 -3.39 -40.77
N GLY A 576 27.04 -3.26 -39.56
CA GLY A 576 27.78 -3.52 -38.34
C GLY A 576 28.58 -2.36 -37.80
N ARG A 577 28.58 -1.20 -38.47
CA ARG A 577 29.44 -0.08 -38.09
C ARG A 577 28.59 1.17 -37.85
N TYR A 578 29.02 1.98 -36.87
CA TYR A 578 28.39 3.27 -36.66
C TYR A 578 28.84 4.22 -37.76
N LYS A 579 27.91 5.03 -38.25
CA LYS A 579 28.20 5.99 -39.32
C LYS A 579 27.38 7.25 -39.04
N ALA A 580 28.08 8.35 -38.79
CA ALA A 580 27.41 9.64 -38.62
C ALA A 580 26.59 9.97 -39.85
N LEU A 581 25.42 10.58 -39.63
CA LEU A 581 24.55 10.96 -40.73
C LEU A 581 24.89 12.32 -41.30
N SER A 582 25.44 13.21 -40.47
CA SER A 582 25.90 14.53 -40.87
C SER A 582 24.82 15.30 -41.64
N PHE A 583 23.66 15.48 -41.00
CA PHE A 583 22.65 16.34 -41.59
C PHE A 583 23.19 17.76 -41.69
N GLU A 584 22.80 18.47 -42.76
CA GLU A 584 23.35 19.78 -43.04
C GLU A 584 22.32 20.87 -42.76
N PRO A 585 22.58 21.76 -41.80
CA PRO A 585 21.68 22.90 -41.59
C PRO A 585 21.52 23.72 -42.85
N THR A 586 20.34 24.31 -43.01
CA THR A 586 20.00 25.08 -44.20
C THR A 586 19.15 26.26 -43.77
N GLU A 587 18.86 27.14 -44.74
CA GLU A 587 18.08 28.33 -44.43
C GLU A 587 16.67 27.97 -43.97
N LYS A 588 16.13 28.78 -43.07
CA LYS A 588 14.77 28.56 -42.57
C LYS A 588 13.73 28.78 -43.65
N THR A 589 14.11 29.30 -44.81
CA THR A 589 13.22 29.37 -45.95
C THR A 589 13.08 28.03 -46.66
N SER A 590 14.00 27.10 -46.45
CA SER A 590 13.97 25.82 -47.13
C SER A 590 12.92 24.90 -46.50
N GLU A 591 12.19 24.17 -47.33
CA GLU A 591 11.27 23.17 -46.82
C GLU A 591 12.03 22.05 -46.09
N GLY A 592 11.51 21.62 -44.94
CA GLY A 592 12.16 20.54 -44.23
C GLY A 592 11.66 20.41 -42.81
N PHE A 593 12.52 19.83 -41.97
CA PHE A 593 12.28 19.54 -40.57
C PHE A 593 13.23 20.37 -39.73
N ASP A 594 12.77 20.80 -38.56
CA ASP A 594 13.65 21.41 -37.58
C ASP A 594 14.27 20.32 -36.72
N LYS A 595 15.59 20.16 -36.76
CA LYS A 595 16.27 19.16 -35.95
C LYS A 595 16.79 19.79 -34.67
N MET A 596 16.62 19.07 -33.57
CA MET A 596 17.14 19.50 -32.27
C MET A 596 18.66 19.35 -32.19
N TYR A 597 19.29 20.34 -31.59
CA TYR A 597 20.71 20.32 -31.27
C TYR A 597 20.79 20.52 -29.77
N TYR A 598 21.21 19.47 -29.06
CA TYR A 598 21.13 19.38 -27.61
C TYR A 598 22.55 19.40 -27.05
N ASP A 599 22.84 20.36 -26.18
CA ASP A 599 24.17 20.51 -25.57
C ASP A 599 24.01 20.35 -24.07
N TYR A 600 24.72 19.37 -23.49
CA TYR A 600 24.58 19.10 -22.07
C TYR A 600 25.91 18.66 -21.49
N PHE A 601 26.41 19.41 -20.49
CA PHE A 601 27.55 19.01 -19.68
C PHE A 601 26.97 18.59 -18.35
N PRO A 602 26.88 17.29 -18.07
CA PRO A 602 26.12 16.83 -16.89
C PRO A 602 26.72 17.34 -15.59
N ASP A 603 25.92 17.19 -14.53
CA ASP A 603 26.19 17.60 -13.15
C ASP A 603 27.64 18.00 -12.92
N ALA A 604 27.88 19.31 -12.81
CA ALA A 604 29.25 19.80 -12.74
C ALA A 604 29.97 19.25 -11.51
N ALA A 605 29.23 18.93 -10.45
CA ALA A 605 29.86 18.41 -9.23
C ALA A 605 30.63 17.13 -9.50
N LYS A 606 30.16 16.31 -10.44
CA LYS A 606 30.91 15.10 -10.79
C LYS A 606 31.73 15.27 -12.06
N MET A 607 31.21 16.00 -13.04
CA MET A 607 31.84 16.02 -14.35
C MET A 607 33.12 16.86 -14.38
N ILE A 608 33.19 17.92 -13.58
CA ILE A 608 34.43 18.71 -13.64
C ILE A 608 35.56 17.91 -13.00
N PRO A 609 35.39 17.30 -11.82
CA PRO A 609 36.45 16.43 -11.31
C PRO A 609 36.81 15.30 -12.27
N ARG A 610 35.82 14.66 -12.90
CA ARG A 610 36.13 13.55 -13.80
C ARG A 610 37.01 14.00 -14.96
N CYS A 611 36.88 15.25 -15.39
CA CYS A 611 37.59 15.74 -16.57
C CYS A 611 38.83 16.57 -16.22
N SER A 612 39.25 16.58 -14.95
CA SER A 612 40.43 17.34 -14.56
C SER A 612 41.16 16.73 -13.37
N THR A 613 40.71 17.03 -12.14
CA THR A 613 41.48 16.58 -10.98
C THR A 613 41.57 15.06 -10.88
N GLN A 614 40.53 14.35 -11.33
CA GLN A 614 40.52 12.90 -11.16
C GLN A 614 41.07 12.15 -12.36
N LEU A 615 41.66 12.85 -13.33
CA LEU A 615 42.27 12.14 -14.46
C LEU A 615 43.35 11.19 -13.98
N LYS A 616 43.50 10.08 -14.70
CA LYS A 616 44.48 9.06 -14.32
C LYS A 616 45.89 9.66 -14.28
N ALA A 617 46.22 10.51 -15.25
CA ALA A 617 47.56 11.10 -15.29
C ALA A 617 47.76 12.11 -14.16
N VAL A 618 46.69 12.74 -13.70
CA VAL A 618 46.79 13.71 -12.62
C VAL A 618 46.96 13.01 -11.27
N THR A 619 46.10 12.02 -11.00
CA THR A 619 46.23 11.21 -9.79
C THR A 619 47.61 10.57 -9.70
N ALA A 620 48.09 10.02 -10.81
CA ALA A 620 49.42 9.42 -10.81
C ALA A 620 50.50 10.45 -10.50
N HIS A 621 50.40 11.64 -11.11
CA HIS A 621 51.45 12.65 -10.95
C HIS A 621 51.61 13.07 -9.49
N PHE A 622 50.51 13.14 -8.75
CA PHE A 622 50.50 13.67 -7.39
C PHE A 622 50.80 12.61 -6.34
N GLN A 623 51.23 11.41 -6.74
CA GLN A 623 51.79 10.46 -5.80
C GLN A 623 53.28 10.66 -5.60
N THR A 624 53.98 11.17 -6.61
CA THR A 624 55.41 11.38 -6.53
C THR A 624 55.84 12.83 -6.75
N HIS A 625 54.89 13.74 -6.94
CA HIS A 625 55.23 15.13 -7.24
C HIS A 625 54.33 16.08 -6.45
N THR A 626 54.87 17.25 -6.15
CA THR A 626 54.12 18.36 -5.59
C THR A 626 53.96 19.51 -6.58
N THR A 627 54.69 19.48 -7.70
CA THR A 627 54.65 20.53 -8.70
C THR A 627 53.34 20.49 -9.48
N PRO A 628 52.97 21.60 -10.12
CA PRO A 628 51.71 21.62 -10.88
C PRO A 628 51.81 20.78 -12.15
N ILE A 629 50.64 20.33 -12.61
CA ILE A 629 50.51 19.60 -13.87
C ILE A 629 49.52 20.36 -14.74
N LEU A 630 49.86 20.51 -16.03
CA LEU A 630 49.08 21.30 -16.97
C LEU A 630 48.38 20.39 -17.97
N LEU A 631 47.07 20.57 -18.13
CA LEU A 631 46.26 19.78 -19.05
C LEU A 631 46.02 20.57 -20.33
N SER A 632 46.26 19.93 -21.47
CA SER A 632 46.04 20.57 -22.77
C SER A 632 44.97 19.90 -23.62
N ASN A 633 44.78 18.59 -23.47
CA ASN A 633 43.75 17.87 -24.23
C ASN A 633 42.38 18.41 -23.91
N ASN A 634 41.65 18.83 -24.94
CA ASN A 634 40.29 19.36 -24.82
C ASN A 634 40.23 20.66 -24.02
N PHE A 635 41.34 21.38 -23.90
CA PHE A 635 41.37 22.71 -23.30
C PHE A 635 41.94 23.70 -24.31
N ILE A 636 41.26 24.83 -24.48
CA ILE A 636 41.70 25.81 -25.47
C ILE A 636 42.97 26.49 -25.02
N GLU A 637 43.12 26.72 -23.72
CA GLU A 637 44.35 27.10 -23.06
C GLU A 637 44.57 26.15 -21.89
N PRO A 638 45.82 25.91 -21.49
CA PRO A 638 46.08 24.86 -20.51
C PRO A 638 45.38 25.13 -19.18
N LEU A 639 44.85 24.07 -18.59
CA LEU A 639 44.27 24.13 -17.25
C LEU A 639 45.32 23.63 -16.27
N GLU A 640 45.66 24.47 -15.29
CA GLU A 640 46.64 24.11 -14.27
C GLU A 640 45.96 23.40 -13.11
N ILE A 641 46.54 22.28 -12.68
CA ILE A 641 46.12 21.56 -11.49
C ILE A 641 47.27 21.64 -10.49
N THR A 642 47.05 22.34 -9.37
CA THR A 642 48.04 22.42 -8.30
C THR A 642 47.82 21.29 -7.30
N LYS A 643 48.84 21.08 -6.44
CA LYS A 643 48.65 20.14 -5.35
C LYS A 643 47.58 20.63 -4.38
N GLU A 644 47.46 21.94 -4.19
CA GLU A 644 46.40 22.47 -3.33
C GLU A 644 45.02 22.14 -3.87
N ILE A 645 44.81 22.35 -5.18
CA ILE A 645 43.52 22.03 -5.79
C ILE A 645 43.26 20.53 -5.73
N TYR A 646 44.29 19.73 -6.05
CA TYR A 646 44.11 18.28 -6.02
C TYR A 646 43.76 17.80 -4.63
N ASP A 647 44.57 18.17 -3.62
CA ASP A 647 44.29 17.78 -2.24
C ASP A 647 42.90 18.21 -1.82
N LEU A 648 42.45 19.38 -2.28
CA LEU A 648 41.16 19.89 -1.87
C LEU A 648 40.04 18.94 -2.23
N ASN A 649 40.13 18.30 -3.40
CA ASN A 649 39.10 17.34 -3.79
C ASN A 649 39.46 15.91 -3.42
N ASN A 650 40.65 15.67 -2.90
CA ASN A 650 41.11 14.34 -2.52
C ASN A 650 41.74 14.40 -1.13
N PRO A 651 40.94 14.64 -0.09
CA PRO A 651 41.48 14.70 1.26
C PRO A 651 41.76 13.30 1.80
N GLU A 652 42.76 13.23 2.70
CA GLU A 652 43.07 11.97 3.35
C GLU A 652 41.84 11.37 4.02
N LYS A 653 40.97 12.23 4.56
CA LYS A 653 39.71 11.77 5.11
C LYS A 653 38.64 12.83 4.86
N GLU A 654 37.42 12.36 4.58
CA GLU A 654 36.26 13.22 4.46
C GLU A 654 35.98 13.95 5.78
N PRO A 655 35.26 15.09 5.74
CA PRO A 655 34.67 15.76 4.58
C PRO A 655 35.65 16.66 3.84
N LYS A 656 35.34 17.00 2.59
CA LYS A 656 36.19 17.91 1.84
C LYS A 656 36.04 19.32 2.41
N LYS A 657 37.15 20.06 2.44
CA LYS A 657 37.19 21.32 3.17
C LYS A 657 36.18 22.34 2.65
N PHE A 658 35.79 22.25 1.37
CA PHE A 658 34.87 23.22 0.79
C PHE A 658 33.40 22.83 0.94
N GLN A 659 33.12 21.68 1.55
CA GLN A 659 31.76 21.29 1.87
C GLN A 659 31.32 21.89 3.20
N THR A 660 30.00 21.99 3.38
CA THR A 660 29.47 22.59 4.60
C THR A 660 29.88 21.78 5.83
N ALA A 661 29.93 20.45 5.69
CA ALA A 661 30.25 19.58 6.83
C ALA A 661 31.57 19.95 7.49
N TYR A 662 32.56 20.41 6.71
CA TYR A 662 33.83 20.81 7.31
C TYR A 662 33.66 22.03 8.20
N ALA A 663 32.79 22.97 7.81
CA ALA A 663 32.58 24.15 8.64
C ALA A 663 31.79 23.82 9.90
N LYS A 664 30.94 22.79 9.83
CA LYS A 664 30.23 22.33 11.02
C LYS A 664 31.18 21.64 11.99
N LYS A 665 31.90 20.61 11.52
CA LYS A 665 32.75 19.83 12.40
C LYS A 665 33.92 20.67 12.93
N THR A 666 34.68 21.30 12.04
CA THR A 666 35.85 22.04 12.49
C THR A 666 35.49 23.38 13.12
N GLY A 667 34.40 24.01 12.67
CA GLY A 667 34.11 25.36 13.10
C GLY A 667 35.06 26.40 12.57
N ASP A 668 35.96 26.02 11.66
CA ASP A 668 36.92 26.95 11.05
C ASP A 668 36.25 27.54 9.81
N GLN A 669 35.60 28.68 9.99
CA GLN A 669 34.87 29.31 8.90
C GLN A 669 35.79 30.11 8.00
N LYS A 670 36.89 30.63 8.53
CA LYS A 670 37.88 31.28 7.69
C LYS A 670 38.46 30.30 6.68
N GLY A 671 38.62 29.04 7.05
CA GLY A 671 39.15 28.04 6.15
C GLY A 671 38.12 27.51 5.20
N TYR A 672 36.91 27.25 5.68
CA TYR A 672 35.84 26.75 4.82
C TYR A 672 35.53 27.74 3.71
N ARG A 673 35.33 29.01 4.06
CA ARG A 673 35.06 30.03 3.05
C ARG A 673 36.25 30.26 2.14
N GLU A 674 37.47 29.99 2.61
CA GLU A 674 38.64 30.08 1.74
C GLU A 674 38.66 28.94 0.73
N ALA A 675 38.43 27.71 1.21
CA ALA A 675 38.45 26.55 0.33
C ALA A 675 37.33 26.63 -0.69
N LEU A 676 36.14 27.01 -0.25
CA LEU A 676 35.00 27.12 -1.16
C LEU A 676 35.29 28.11 -2.28
N CYS A 677 35.85 29.27 -1.94
CA CYS A 677 36.16 30.25 -2.97
C CYS A 677 37.23 29.75 -3.92
N LYS A 678 38.22 29.02 -3.39
CA LYS A 678 39.28 28.48 -4.23
C LYS A 678 38.73 27.39 -5.17
N TRP A 679 37.89 26.50 -4.66
CA TRP A 679 37.35 25.46 -5.53
C TRP A 679 36.42 26.04 -6.59
N ILE A 680 35.58 27.00 -6.21
CA ILE A 680 34.68 27.61 -7.19
C ILE A 680 35.47 28.33 -8.27
N ASP A 681 36.52 29.06 -7.86
CA ASP A 681 37.42 29.70 -8.82
C ASP A 681 38.02 28.68 -9.78
N PHE A 682 38.43 27.52 -9.27
CA PHE A 682 38.95 26.46 -10.12
C PHE A 682 37.92 26.01 -11.16
N THR A 683 36.67 25.76 -10.73
CA THR A 683 35.65 25.33 -11.69
C THR A 683 35.44 26.39 -12.77
N ARG A 684 35.53 27.67 -12.41
CA ARG A 684 35.42 28.74 -13.42
C ARG A 684 36.57 28.68 -14.40
N ASP A 685 37.79 28.42 -13.90
CA ASP A 685 38.95 28.27 -14.77
C ASP A 685 38.74 27.10 -15.75
N PHE A 686 38.33 25.95 -15.22
CA PHE A 686 38.01 24.79 -16.05
C PHE A 686 36.99 25.13 -17.12
N LEU A 687 35.85 25.71 -16.71
CA LEU A 687 34.75 25.93 -17.63
C LEU A 687 35.14 26.91 -18.74
N SER A 688 36.02 27.85 -18.44
CA SER A 688 36.46 28.79 -19.48
C SER A 688 37.38 28.14 -20.50
N LYS A 689 37.92 26.95 -20.23
CA LYS A 689 38.92 26.35 -21.10
C LYS A 689 38.50 25.04 -21.74
N TYR A 690 37.70 24.22 -21.03
CA TYR A 690 37.22 22.97 -21.60
C TYR A 690 36.45 23.24 -22.87
N THR A 691 36.74 22.48 -23.93
CA THR A 691 36.19 22.81 -25.24
C THR A 691 34.67 22.74 -25.25
N LYS A 692 34.06 21.91 -24.39
CA LYS A 692 32.61 21.82 -24.42
C LYS A 692 31.94 23.03 -23.80
N THR A 693 32.61 23.69 -22.84
CA THR A 693 32.00 24.78 -22.10
C THR A 693 32.61 26.15 -22.37
N THR A 694 33.73 26.24 -23.11
CA THR A 694 34.46 27.51 -23.18
C THR A 694 33.64 28.63 -23.81
N SER A 695 32.65 28.29 -24.64
CA SER A 695 31.81 29.30 -25.30
C SER A 695 30.60 29.70 -24.48
N ILE A 696 30.36 29.07 -23.34
CA ILE A 696 29.20 29.41 -22.52
C ILE A 696 29.46 30.70 -21.75
N ASP A 697 28.51 31.63 -21.84
CA ASP A 697 28.60 32.89 -21.12
C ASP A 697 28.17 32.64 -19.68
N LEU A 698 29.12 32.74 -18.75
CA LEU A 698 28.87 32.50 -17.33
C LEU A 698 28.90 33.80 -16.52
N SER A 699 28.83 34.96 -17.18
CA SER A 699 28.98 36.23 -16.47
C SER A 699 27.81 36.52 -15.53
N SER A 700 26.67 35.84 -15.70
CA SER A 700 25.57 36.04 -14.76
C SER A 700 25.83 35.46 -13.39
N LEU A 701 26.85 34.61 -13.23
CA LEU A 701 27.16 34.08 -11.91
C LEU A 701 27.78 35.18 -11.04
N ARG A 702 27.59 35.04 -9.73
CA ARG A 702 28.14 36.02 -8.80
C ARG A 702 29.65 35.82 -8.67
N PRO A 703 30.36 36.85 -8.19
CA PRO A 703 31.77 36.64 -7.81
C PRO A 703 31.89 35.43 -6.89
N SER A 704 32.98 34.69 -7.05
CA SER A 704 33.09 33.37 -6.42
C SER A 704 33.01 33.47 -4.90
N SER A 705 33.61 34.51 -4.31
CA SER A 705 33.65 34.62 -2.86
C SER A 705 32.26 34.79 -2.24
N GLN A 706 31.28 35.27 -3.01
CA GLN A 706 29.96 35.60 -2.47
C GLN A 706 29.05 34.37 -2.29
N TYR A 707 29.41 33.23 -2.84
CA TYR A 707 28.60 32.03 -2.60
C TYR A 707 28.85 31.53 -1.19
N LYS A 708 27.77 31.21 -0.47
CA LYS A 708 27.87 30.75 0.91
C LYS A 708 28.07 29.25 1.01
N ASP A 709 27.71 28.49 -0.03
CA ASP A 709 27.99 27.07 -0.04
C ASP A 709 27.98 26.56 -1.48
N LEU A 710 28.46 25.33 -1.66
CA LEU A 710 28.70 24.80 -2.99
C LEU A 710 27.39 24.46 -3.70
N GLY A 711 26.42 23.92 -2.96
CA GLY A 711 25.15 23.56 -3.57
C GLY A 711 24.44 24.77 -4.17
N GLU A 712 24.56 25.92 -3.52
CA GLU A 712 24.02 27.17 -4.05
C GLU A 712 24.73 27.57 -5.35
N TYR A 713 26.06 27.36 -5.40
CA TYR A 713 26.80 27.67 -6.62
C TYR A 713 26.42 26.72 -7.75
N TYR A 714 26.46 25.41 -7.49
CA TYR A 714 26.08 24.47 -8.54
C TYR A 714 24.64 24.66 -8.97
N ALA A 715 23.75 25.05 -8.05
CA ALA A 715 22.36 25.25 -8.43
C ALA A 715 22.20 26.42 -9.40
N GLU A 716 23.08 27.42 -9.32
CA GLU A 716 23.10 28.48 -10.33
C GLU A 716 23.91 28.11 -11.55
N LEU A 717 24.95 27.29 -11.40
CA LEU A 717 25.78 26.92 -12.54
C LEU A 717 25.08 25.98 -13.49
N ASN A 718 24.52 24.89 -12.97
CA ASN A 718 23.99 23.83 -13.85
C ASN A 718 22.98 24.31 -14.89
N PRO A 719 22.04 25.21 -14.60
CA PRO A 719 21.16 25.67 -15.69
C PRO A 719 21.90 26.27 -16.87
N LEU A 720 23.11 26.79 -16.68
CA LEU A 720 23.86 27.34 -17.80
C LEU A 720 24.59 26.29 -18.62
N LEU A 721 24.60 25.02 -18.18
CA LEU A 721 25.34 23.97 -18.86
C LEU A 721 24.45 23.09 -19.74
N TYR A 722 23.23 23.52 -20.00
CA TYR A 722 22.27 22.77 -20.79
C TYR A 722 21.61 23.74 -21.76
N HIS A 723 21.55 23.37 -23.03
CA HIS A 723 20.90 24.24 -24.00
C HIS A 723 20.35 23.40 -25.14
N ILE A 724 19.18 23.78 -25.63
CA ILE A 724 18.62 23.19 -26.84
C ILE A 724 18.37 24.27 -27.88
N SER A 725 18.70 23.96 -29.14
CA SER A 725 18.37 24.84 -30.26
C SER A 725 17.96 23.97 -31.45
N PHE A 726 17.44 24.61 -32.49
CA PHE A 726 16.97 23.92 -33.69
C PHE A 726 17.60 24.53 -34.93
N GLN A 727 17.84 23.69 -35.93
CA GLN A 727 18.25 24.14 -37.24
C GLN A 727 17.42 23.39 -38.27
N ARG A 728 17.10 24.08 -39.36
CA ARG A 728 16.33 23.48 -40.45
C ARG A 728 17.19 22.49 -41.21
N ILE A 729 16.65 21.30 -41.46
CA ILE A 729 17.27 20.30 -42.32
C ILE A 729 16.39 20.13 -43.55
N ALA A 730 17.00 20.13 -44.73
CA ALA A 730 16.23 20.07 -45.97
C ALA A 730 15.41 18.79 -46.05
N GLU A 731 14.17 18.95 -46.54
CA GLU A 731 13.21 17.85 -46.67
C GLU A 731 13.83 16.61 -47.34
N LYS A 732 14.52 16.82 -48.47
CA LYS A 732 15.03 15.71 -49.25
C LYS A 732 16.09 14.93 -48.49
N GLU A 733 16.90 15.61 -47.67
CA GLU A 733 17.92 14.90 -46.91
C GLU A 733 17.27 13.93 -45.91
N ILE A 734 16.18 14.36 -45.28
CA ILE A 734 15.51 13.49 -44.31
C ILE A 734 14.81 12.35 -45.03
N MET A 735 14.08 12.67 -46.11
CA MET A 735 13.35 11.62 -46.83
C MET A 735 14.30 10.63 -47.50
N ASP A 736 15.43 11.11 -48.03
CA ASP A 736 16.43 10.17 -48.58
C ASP A 736 16.96 9.23 -47.51
N ALA A 737 17.22 9.76 -46.31
CA ALA A 737 17.80 8.94 -45.24
C ALA A 737 16.83 7.84 -44.79
N VAL A 738 15.54 8.15 -44.75
CA VAL A 738 14.53 7.13 -44.43
C VAL A 738 14.44 6.10 -45.56
N GLU A 739 14.52 6.57 -46.81
CA GLU A 739 14.40 5.66 -47.94
C GLU A 739 15.53 4.62 -47.95
N THR A 740 16.75 5.04 -47.61
CA THR A 740 17.90 4.13 -47.67
C THR A 740 18.05 3.26 -46.43
N GLY A 741 17.27 3.52 -45.38
CA GLY A 741 17.44 2.79 -44.15
C GLY A 741 18.51 3.31 -43.22
N LYS A 742 19.02 4.52 -43.45
CA LYS A 742 19.92 5.11 -42.46
C LYS A 742 19.17 5.80 -41.34
N LEU A 743 17.90 6.15 -41.55
CA LEU A 743 17.12 6.84 -40.54
C LEU A 743 15.80 6.11 -40.38
N TYR A 744 15.52 5.66 -39.15
CA TYR A 744 14.21 5.16 -38.76
C TYR A 744 13.44 6.33 -38.16
N LEU A 745 12.39 6.75 -38.83
CA LEU A 745 11.69 7.97 -38.44
C LEU A 745 10.31 7.59 -37.92
N PHE A 746 9.96 8.11 -36.72
CA PHE A 746 8.68 7.85 -36.08
C PHE A 746 8.04 9.16 -35.68
N GLN A 747 6.75 9.32 -35.94
CA GLN A 747 6.03 10.42 -35.30
C GLN A 747 5.83 10.09 -33.83
N ILE A 748 6.18 11.03 -32.96
CA ILE A 748 5.92 10.94 -31.54
C ILE A 748 4.46 11.37 -31.33
N TYR A 749 3.60 10.45 -30.90
CA TYR A 749 2.17 10.62 -31.08
C TYR A 749 1.39 10.36 -29.79
N ASN A 750 0.41 11.22 -29.53
CA ASN A 750 -0.74 10.89 -28.69
C ASN A 750 -1.93 11.60 -29.33
N LYS A 751 -3.13 11.37 -28.80
CA LYS A 751 -4.33 11.82 -29.51
C LYS A 751 -4.46 13.34 -29.56
N ASP A 752 -3.72 14.08 -28.74
CA ASP A 752 -3.78 15.53 -28.91
C ASP A 752 -3.21 15.97 -30.25
N PHE A 753 -2.51 15.09 -30.97
CA PHE A 753 -2.02 15.40 -32.30
C PHE A 753 -2.92 14.87 -33.40
N ALA A 754 -4.07 14.29 -33.06
CA ALA A 754 -4.96 13.75 -34.09
C ALA A 754 -5.51 14.87 -34.96
N LYS A 755 -5.86 14.51 -36.21
CA LYS A 755 -6.41 15.49 -37.14
C LYS A 755 -7.65 16.18 -36.58
N GLY A 756 -8.54 15.44 -35.94
CA GLY A 756 -9.75 16.02 -35.40
C GLY A 756 -9.65 16.57 -33.99
N HIS A 757 -8.44 16.71 -33.44
CA HIS A 757 -8.25 17.30 -32.12
C HIS A 757 -8.72 18.75 -32.10
N HIS A 758 -9.43 19.15 -31.05
CA HIS A 758 -9.90 20.53 -30.97
C HIS A 758 -10.13 20.99 -29.53
N GLY A 759 -10.02 20.09 -28.58
CA GLY A 759 -10.21 20.43 -27.18
C GLY A 759 -8.90 20.76 -26.48
N LYS A 760 -8.95 20.74 -25.16
CA LYS A 760 -7.75 20.97 -24.38
C LYS A 760 -6.79 19.77 -24.50
N PRO A 761 -5.50 19.98 -24.37
CA PRO A 761 -4.55 18.87 -24.37
C PRO A 761 -4.43 18.23 -23.01
N ASN A 762 -3.91 17.00 -23.00
CA ASN A 762 -3.43 16.39 -21.76
C ASN A 762 -2.36 17.27 -21.13
N LEU A 763 -2.31 17.26 -19.80
CA LEU A 763 -1.18 17.87 -19.10
C LEU A 763 0.15 17.43 -19.70
N HIS A 764 0.30 16.14 -19.97
CA HIS A 764 1.59 15.66 -20.45
C HIS A 764 1.94 16.26 -21.82
N THR A 765 0.94 16.47 -22.66
CA THR A 765 1.18 17.13 -23.95
C THR A 765 1.64 18.56 -23.73
N LEU A 766 1.05 19.23 -22.74
CA LEU A 766 1.46 20.59 -22.41
C LEU A 766 2.88 20.63 -21.88
N TYR A 767 3.27 19.65 -21.05
CA TYR A 767 4.68 19.61 -20.63
C TYR A 767 5.60 19.54 -21.84
N TRP A 768 5.24 18.71 -22.84
CA TRP A 768 6.09 18.46 -23.99
C TRP A 768 6.14 19.67 -24.93
N THR A 769 4.97 20.23 -25.29
CA THR A 769 5.01 21.41 -26.14
C THR A 769 5.58 22.62 -25.40
N GLY A 770 5.38 22.68 -24.08
CA GLY A 770 6.05 23.71 -23.29
C GLY A 770 7.56 23.57 -23.31
N LEU A 771 8.07 22.34 -23.26
CA LEU A 771 9.50 22.09 -23.34
C LEU A 771 10.13 22.73 -24.58
N PHE A 772 9.46 22.59 -25.73
CA PHE A 772 10.03 23.08 -26.99
C PHE A 772 9.52 24.47 -27.38
N SER A 773 8.83 25.17 -26.48
CA SER A 773 8.38 26.52 -26.78
C SER A 773 9.55 27.52 -26.79
N PRO A 774 9.39 28.65 -27.49
CA PRO A 774 10.49 29.64 -27.53
C PRO A 774 10.91 30.14 -26.15
N GLU A 775 9.94 30.41 -25.27
CA GLU A 775 10.26 30.90 -23.93
C GLU A 775 11.07 29.88 -23.16
N ASN A 776 10.72 28.59 -23.26
CA ASN A 776 11.51 27.57 -22.58
C ASN A 776 12.87 27.41 -23.22
N LEU A 777 12.96 27.52 -24.55
CA LEU A 777 14.28 27.39 -25.18
C LEU A 777 15.18 28.55 -24.77
N ALA A 778 14.61 29.74 -24.55
CA ALA A 778 15.39 30.91 -24.14
C ALA A 778 15.82 30.83 -22.68
N LYS A 779 15.00 30.24 -21.80
CA LYS A 779 15.38 30.09 -20.39
C LYS A 779 14.69 28.84 -19.86
N THR A 780 15.48 27.85 -19.46
CA THR A 780 14.96 26.49 -19.26
C THR A 780 14.14 26.40 -17.97
N SER A 781 12.83 26.17 -18.11
CA SER A 781 12.02 25.62 -17.01
C SER A 781 11.93 24.11 -17.07
N ILE A 782 11.84 23.55 -18.27
CA ILE A 782 11.70 22.11 -18.46
C ILE A 782 12.89 21.63 -19.28
N LYS A 783 13.65 20.68 -18.73
CA LYS A 783 14.73 20.02 -19.45
C LYS A 783 14.28 18.67 -20.01
N LEU A 784 14.72 18.37 -21.22
CA LEU A 784 14.61 17.03 -21.81
C LEU A 784 15.75 16.16 -21.30
N ASN A 785 15.44 14.99 -20.72
CA ASN A 785 16.47 14.15 -20.15
C ASN A 785 16.82 12.98 -21.06
N GLY A 786 18.03 12.47 -20.87
CA GLY A 786 18.45 11.23 -21.48
C GLY A 786 17.81 10.02 -20.82
N GLN A 787 18.36 8.85 -21.13
CA GLN A 787 17.81 7.55 -20.67
C GLN A 787 16.35 7.40 -21.06
N ALA A 788 16.05 7.72 -22.31
CA ALA A 788 14.77 7.42 -22.91
C ALA A 788 14.73 5.95 -23.33
N GLU A 789 13.53 5.43 -23.54
CA GLU A 789 13.40 4.02 -23.88
C GLU A 789 12.35 3.83 -24.96
N LEU A 790 12.59 2.86 -25.82
CA LEU A 790 11.65 2.45 -26.86
C LEU A 790 11.17 1.02 -26.57
N PHE A 791 9.90 0.75 -26.83
CA PHE A 791 9.29 -0.56 -26.61
C PHE A 791 8.49 -0.95 -27.84
N TYR A 792 8.39 -2.27 -28.04
CA TYR A 792 7.46 -2.89 -28.98
C TYR A 792 6.41 -3.63 -28.16
N ARG A 793 5.13 -3.39 -28.43
CA ARG A 793 4.03 -4.07 -27.72
C ARG A 793 3.24 -4.87 -28.73
N PRO A 794 3.41 -6.20 -28.79
CA PRO A 794 2.61 -7.00 -29.72
C PRO A 794 1.14 -6.89 -29.36
N LYS A 795 0.28 -7.10 -30.35
CA LYS A 795 -1.15 -7.02 -30.10
C LYS A 795 -1.56 -8.04 -29.04
N SER A 796 -2.63 -7.71 -28.30
CA SER A 796 -3.06 -8.54 -27.18
C SER A 796 -4.58 -8.66 -27.05
N ARG A 797 -5.36 -8.08 -27.96
CA ARG A 797 -6.82 -8.23 -27.95
C ARG A 797 -7.30 -8.45 -29.39
N MET A 798 -8.52 -8.96 -29.51
CA MET A 798 -9.13 -9.14 -30.82
C MET A 798 -10.07 -8.01 -31.21
N MET A 801 -14.85 -7.04 -29.49
CA MET A 801 -16.06 -6.26 -29.23
C MET A 801 -15.99 -4.89 -29.90
N ALA A 802 -16.93 -4.63 -30.80
CA ALA A 802 -16.92 -3.38 -31.57
C ALA A 802 -18.34 -2.98 -31.94
N HIS A 803 -18.51 -1.67 -32.14
CA HIS A 803 -19.76 -1.12 -32.67
C HIS A 803 -19.61 -1.05 -34.19
N ARG A 804 -20.23 -2.02 -34.88
CA ARG A 804 -20.16 -2.08 -36.34
C ARG A 804 -21.04 -1.00 -36.97
N LEU A 805 -20.86 -0.84 -38.29
CA LEU A 805 -21.34 0.36 -38.97
C LEU A 805 -22.88 0.42 -39.05
N GLY A 806 -23.54 -0.72 -39.22
CA GLY A 806 -24.99 -0.67 -39.31
C GLY A 806 -25.75 -0.68 -38.00
N GLU A 807 -25.04 -0.61 -36.86
CA GLU A 807 -25.62 -0.73 -35.53
C GLU A 807 -25.95 0.64 -34.95
N LYS A 808 -26.42 0.64 -33.71
CA LYS A 808 -26.66 1.89 -32.98
C LYS A 808 -25.88 1.88 -31.67
N MET A 809 -25.50 3.08 -31.24
CA MET A 809 -24.86 3.28 -29.95
C MET A 809 -25.81 4.09 -29.07
N LEU A 810 -25.66 3.92 -27.76
CA LEU A 810 -26.56 4.50 -26.77
C LEU A 810 -25.76 5.41 -25.85
N ASN A 811 -26.14 6.69 -25.79
CA ASN A 811 -25.53 7.58 -24.80
C ASN A 811 -25.86 7.13 -23.39
N LYS A 812 -24.90 7.28 -22.47
CA LYS A 812 -25.17 6.93 -21.08
C LYS A 812 -26.08 7.95 -20.41
N LYS A 813 -26.12 9.19 -20.91
CA LYS A 813 -26.99 10.21 -20.35
C LYS A 813 -28.21 10.41 -21.24
N LEU A 814 -29.33 10.74 -20.61
CA LEU A 814 -30.58 10.91 -21.33
C LEU A 814 -30.58 12.21 -22.11
N LYS A 815 -31.71 12.49 -22.77
CA LYS A 815 -31.85 13.66 -23.63
C LYS A 815 -31.46 14.96 -22.93
N ASP A 816 -31.71 15.05 -21.62
CA ASP A 816 -31.35 16.26 -20.87
C ASP A 816 -29.84 16.40 -20.67
N GLN A 817 -29.06 15.41 -21.07
CA GLN A 817 -27.60 15.41 -20.94
C GLN A 817 -27.13 15.54 -19.49
N LYS A 818 -27.99 15.20 -18.53
CA LYS A 818 -27.62 15.20 -17.13
C LYS A 818 -27.92 13.85 -16.49
N THR A 819 -29.13 13.34 -16.71
CA THR A 819 -29.56 12.11 -16.07
C THR A 819 -28.90 10.89 -16.69
N PRO A 820 -28.17 10.09 -15.91
CA PRO A 820 -27.62 8.84 -16.45
C PRO A 820 -28.64 7.72 -16.44
N ILE A 821 -28.49 6.81 -17.39
CA ILE A 821 -29.27 5.57 -17.41
C ILE A 821 -28.65 4.58 -16.43
N PRO A 822 -29.40 4.03 -15.47
CA PRO A 822 -28.80 3.03 -14.55
C PRO A 822 -28.29 1.81 -15.30
N ASP A 823 -27.29 1.15 -14.72
CA ASP A 823 -26.52 0.11 -15.42
C ASP A 823 -27.41 -1.00 -16.00
N THR A 824 -28.36 -1.53 -15.21
CA THR A 824 -29.17 -2.64 -15.72
C THR A 824 -30.07 -2.19 -16.86
N LEU A 825 -30.62 -0.97 -16.77
CA LEU A 825 -31.45 -0.48 -17.84
C LEU A 825 -30.64 -0.16 -19.08
N TYR A 826 -29.38 0.26 -18.89
CA TYR A 826 -28.55 0.65 -20.03
C TYR A 826 -28.31 -0.54 -20.95
N GLN A 827 -27.89 -1.68 -20.38
CA GLN A 827 -27.67 -2.86 -21.19
C GLN A 827 -28.94 -3.30 -21.91
N GLU A 828 -30.06 -3.31 -21.17
CA GLU A 828 -31.32 -3.72 -21.77
C GLU A 828 -31.73 -2.78 -22.91
N LEU A 829 -31.62 -1.47 -22.69
CA LEU A 829 -31.97 -0.52 -23.74
C LEU A 829 -30.98 -0.57 -24.90
N TYR A 830 -29.70 -0.85 -24.63
CA TYR A 830 -28.75 -0.96 -25.73
C TYR A 830 -29.10 -2.13 -26.62
N ASP A 831 -29.43 -3.28 -26.02
CA ASP A 831 -29.86 -4.43 -26.80
C ASP A 831 -31.14 -4.13 -27.57
N TYR A 832 -32.08 -3.45 -26.93
CA TYR A 832 -33.37 -3.19 -27.56
C TYR A 832 -33.22 -2.35 -28.83
N VAL A 833 -32.51 -1.21 -28.72
CA VAL A 833 -32.37 -0.33 -29.89
C VAL A 833 -31.50 -0.95 -30.97
N ASN A 834 -30.74 -1.99 -30.64
CA ASN A 834 -30.02 -2.76 -31.64
C ASN A 834 -30.76 -4.03 -32.04
N HIS A 835 -32.04 -4.15 -31.66
CA HIS A 835 -32.91 -5.27 -32.05
C HIS A 835 -32.32 -6.63 -31.64
N ARG A 836 -31.62 -6.65 -30.51
CA ARG A 836 -31.06 -7.88 -29.94
C ARG A 836 -31.67 -8.25 -28.60
N LEU A 837 -32.79 -7.64 -28.22
CA LEU A 837 -33.43 -7.98 -26.94
C LEU A 837 -34.35 -9.16 -27.18
N SER A 838 -34.12 -10.25 -26.45
CA SER A 838 -34.88 -11.48 -26.68
C SER A 838 -36.16 -11.55 -25.86
N HIS A 839 -36.60 -10.45 -25.26
CA HIS A 839 -37.80 -10.48 -24.43
C HIS A 839 -38.39 -9.07 -24.39
N ASP A 840 -39.52 -8.93 -23.70
CA ASP A 840 -40.16 -7.63 -23.50
C ASP A 840 -39.20 -6.63 -22.87
N LEU A 841 -39.29 -5.38 -23.30
CA LEU A 841 -38.67 -4.27 -22.59
C LEU A 841 -39.34 -4.07 -21.23
N SER A 842 -38.54 -3.93 -20.17
CA SER A 842 -39.12 -3.66 -18.86
C SER A 842 -39.93 -2.36 -18.88
N ASP A 843 -40.80 -2.20 -17.89
CA ASP A 843 -41.65 -1.02 -17.83
C ASP A 843 -40.81 0.24 -17.71
N GLU A 844 -39.81 0.22 -16.84
CA GLU A 844 -39.00 1.41 -16.63
C GLU A 844 -38.14 1.72 -17.84
N ALA A 845 -37.57 0.68 -18.48
CA ALA A 845 -36.81 0.93 -19.71
C ALA A 845 -37.69 1.51 -20.79
N ARG A 846 -38.89 0.95 -20.98
CA ARG A 846 -39.79 1.49 -21.99
C ARG A 846 -40.22 2.92 -21.65
N ALA A 847 -40.34 3.23 -20.35
CA ALA A 847 -40.66 4.60 -19.94
C ALA A 847 -39.54 5.57 -20.33
N LEU A 848 -38.28 5.13 -20.21
CA LEU A 848 -37.15 5.96 -20.59
C LEU A 848 -36.98 6.08 -22.10
N LEU A 849 -37.51 5.13 -22.86
CA LEU A 849 -37.21 5.01 -24.28
C LEU A 849 -37.30 6.31 -25.05
N PRO A 850 -38.35 7.14 -24.93
CA PRO A 850 -38.40 8.38 -25.73
C PRO A 850 -37.35 9.40 -25.34
N ASN A 851 -36.67 9.22 -24.21
CA ASN A 851 -35.69 10.22 -23.77
C ASN A 851 -34.25 9.72 -23.83
N VAL A 852 -34.02 8.55 -24.44
CA VAL A 852 -32.64 8.13 -24.70
C VAL A 852 -32.15 8.81 -25.97
N ILE A 853 -30.82 8.86 -26.11
CA ILE A 853 -30.17 9.39 -27.31
C ILE A 853 -29.38 8.25 -27.92
N THR A 854 -29.72 7.88 -29.15
CA THR A 854 -28.93 6.87 -29.85
C THR A 854 -28.13 7.54 -30.95
N LYS A 855 -26.99 6.93 -31.29
CA LYS A 855 -26.08 7.43 -32.30
C LYS A 855 -25.98 6.40 -33.43
N GLU A 856 -26.09 6.88 -34.66
CA GLU A 856 -25.79 6.03 -35.81
C GLU A 856 -24.29 5.78 -35.87
N VAL A 857 -23.89 4.53 -36.06
CA VAL A 857 -22.47 4.24 -36.15
C VAL A 857 -21.97 4.67 -37.52
N SER A 858 -21.42 5.89 -37.59
CA SER A 858 -20.88 6.38 -38.86
C SER A 858 -19.49 5.84 -39.16
N HIS A 859 -18.78 5.37 -38.14
CA HIS A 859 -17.45 4.81 -38.31
C HIS A 859 -17.17 3.90 -37.14
N GLU A 860 -16.57 2.74 -37.42
CA GLU A 860 -16.39 1.71 -36.42
C GLU A 860 -15.64 2.24 -35.20
N ILE A 861 -16.15 1.92 -34.02
CA ILE A 861 -15.53 2.32 -32.77
C ILE A 861 -15.33 1.04 -31.96
N ILE A 862 -14.07 0.68 -31.73
CA ILE A 862 -13.70 -0.66 -31.28
C ILE A 862 -13.17 -0.55 -29.86
N LYS A 863 -13.80 -1.27 -28.92
CA LYS A 863 -13.23 -1.41 -27.59
C LYS A 863 -11.82 -1.95 -27.71
N ASP A 864 -10.91 -1.42 -26.89
CA ASP A 864 -9.52 -1.87 -26.81
C ASP A 864 -8.78 -1.76 -28.15
N ARG A 865 -9.23 -0.87 -29.04
CA ARG A 865 -8.64 -0.81 -30.37
C ARG A 865 -7.13 -0.68 -30.31
N ARG A 866 -6.62 0.07 -29.33
CA ARG A 866 -5.18 0.31 -29.20
C ARG A 866 -4.39 -0.97 -28.93
N PHE A 867 -5.05 -2.01 -28.41
CA PHE A 867 -4.38 -3.27 -28.08
C PHE A 867 -4.49 -4.31 -29.20
N THR A 868 -5.19 -4.01 -30.28
CA THR A 868 -5.50 -5.00 -31.31
C THR A 868 -4.51 -5.00 -32.48
N SER A 869 -3.48 -4.15 -32.45
CA SER A 869 -2.40 -4.25 -33.41
C SER A 869 -1.09 -4.02 -32.67
N ASP A 870 0.01 -4.46 -33.28
CA ASP A 870 1.34 -4.22 -32.74
C ASP A 870 1.68 -2.73 -32.82
N LYS A 871 2.29 -2.20 -31.76
CA LYS A 871 2.64 -0.79 -31.71
C LYS A 871 4.04 -0.61 -31.11
N PHE A 872 4.62 0.57 -31.39
CA PHE A 872 5.88 1.05 -30.82
C PHE A 872 5.58 2.15 -29.81
N PHE A 873 6.41 2.25 -28.78
CA PHE A 873 6.22 3.24 -27.74
C PHE A 873 7.54 3.88 -27.33
N PHE A 874 7.42 5.08 -26.76
CA PHE A 874 8.55 5.95 -26.42
C PHE A 874 8.30 6.49 -25.03
N HIS A 875 9.25 6.26 -24.12
CA HIS A 875 9.20 6.77 -22.76
C HIS A 875 10.37 7.72 -22.61
N VAL A 876 10.09 8.95 -22.24
CA VAL A 876 11.14 9.96 -22.22
C VAL A 876 11.05 10.77 -20.93
N PRO A 877 12.09 10.81 -20.13
CA PRO A 877 12.05 11.59 -18.90
C PRO A 877 12.26 13.07 -19.18
N ILE A 878 11.66 13.90 -18.34
CA ILE A 878 11.87 15.35 -18.36
C ILE A 878 12.06 15.79 -16.91
N THR A 879 12.60 16.99 -16.74
CA THR A 879 12.74 17.59 -15.41
C THR A 879 12.12 18.98 -15.44
N LEU A 880 11.14 19.21 -14.57
CA LEU A 880 10.50 20.50 -14.41
C LEU A 880 11.13 21.30 -13.27
N ASN A 881 10.89 22.62 -13.27
CA ASN A 881 11.53 23.56 -12.36
C ASN A 881 13.05 23.50 -12.48
N TYR A 882 13.55 23.49 -13.72
CA TYR A 882 14.98 23.24 -13.90
C TYR A 882 15.88 24.32 -13.33
N GLN A 883 15.36 25.55 -13.13
CA GLN A 883 16.18 26.60 -12.54
C GLN A 883 16.44 26.39 -11.06
N ALA A 884 15.65 25.54 -10.39
CA ALA A 884 15.78 25.33 -8.95
C ALA A 884 16.89 24.33 -8.65
N ALA A 885 17.22 24.22 -7.36
CA ALA A 885 18.12 23.18 -6.91
C ALA A 885 17.42 21.81 -6.95
N ASN A 886 18.23 20.75 -6.86
CA ASN A 886 17.70 19.39 -6.92
CA ASN A 886 17.64 19.42 -6.95
C ASN A 886 16.81 19.07 -5.73
N SER A 887 17.02 19.75 -4.61
CA SER A 887 16.25 19.54 -3.39
C SER A 887 16.05 20.89 -2.72
N PRO A 888 14.91 21.11 -2.07
CA PRO A 888 14.68 22.40 -1.43
C PRO A 888 15.40 22.48 -0.09
N SER A 889 15.53 23.72 0.39
CA SER A 889 16.05 23.97 1.73
C SER A 889 14.94 24.60 2.55
N LYS A 890 14.62 23.98 3.68
CA LYS A 890 13.69 24.54 4.66
C LYS A 890 12.33 24.81 4.03
N PHE A 891 11.81 23.84 3.28
CA PHE A 891 10.53 24.03 2.61
C PHE A 891 9.42 24.34 3.61
N ASN A 892 9.36 23.59 4.71
CA ASN A 892 8.26 23.76 5.66
C ASN A 892 8.33 25.12 6.36
N GLN A 893 9.54 25.57 6.70
CA GLN A 893 9.67 26.91 7.28
C GLN A 893 9.23 27.97 6.31
N ARG A 894 9.52 27.78 5.02
CA ARG A 894 9.07 28.77 4.04
C ARG A 894 7.56 28.85 4.00
N VAL A 895 6.89 27.69 4.03
CA VAL A 895 5.42 27.67 4.11
C VAL A 895 4.96 28.32 5.41
N ASN A 896 5.62 28.01 6.52
CA ASN A 896 5.15 28.51 7.80
C ASN A 896 5.35 30.02 7.92
N ALA A 897 6.38 30.56 7.27
CA ALA A 897 6.51 32.02 7.18
C ALA A 897 5.34 32.63 6.42
N TYR A 898 4.97 32.03 5.30
CA TYR A 898 3.77 32.49 4.58
C TYR A 898 2.54 32.44 5.49
N LEU A 899 2.36 31.32 6.21
CA LEU A 899 1.16 31.10 7.01
C LEU A 899 1.06 32.07 8.18
N LYS A 900 2.19 32.44 8.79
CA LYS A 900 2.13 33.44 9.84
C LYS A 900 1.78 34.82 9.29
N GLU A 901 2.19 35.12 8.06
CA GLU A 901 1.80 36.39 7.45
C GLU A 901 0.39 36.36 6.89
N HIS A 902 -0.25 35.19 6.84
CA HIS A 902 -1.60 35.06 6.30
C HIS A 902 -2.44 34.29 7.29
N PRO A 903 -2.77 34.91 8.44
CA PRO A 903 -3.53 34.20 9.48
C PRO A 903 -4.97 33.89 9.07
N GLU A 904 -5.47 34.43 7.96
CA GLU A 904 -6.80 34.08 7.50
C GLU A 904 -6.81 32.92 6.50
N THR A 905 -5.70 32.19 6.37
CA THR A 905 -5.64 31.06 5.45
C THR A 905 -6.72 30.04 5.82
N PRO A 906 -7.56 29.62 4.87
CA PRO A 906 -8.59 28.62 5.17
C PRO A 906 -7.98 27.22 5.23
N ILE A 907 -8.82 26.25 5.65
CA ILE A 907 -8.35 24.90 5.95
C ILE A 907 -9.29 23.87 5.34
N ILE A 908 -8.73 22.92 4.60
CA ILE A 908 -9.50 21.83 4.02
C ILE A 908 -9.20 20.57 4.82
N GLY A 909 -10.21 20.07 5.52
CA GLY A 909 -10.08 18.82 6.24
C GLY A 909 -10.60 17.68 5.38
N ILE A 910 -9.83 16.59 5.34
CA ILE A 910 -10.19 15.44 4.51
C ILE A 910 -10.14 14.19 5.37
N ASP A 911 -11.26 13.47 5.43
CA ASP A 911 -11.38 12.32 6.30
C ASP A 911 -11.86 11.11 5.50
N ARG A 912 -11.53 9.93 6.00
CA ARG A 912 -12.11 8.70 5.47
C ARG A 912 -13.25 8.31 6.40
N GLY A 913 -14.36 7.91 5.81
CA GLY A 913 -15.55 7.78 6.61
C GLY A 913 -15.98 6.35 6.75
N GLU A 914 -16.89 6.10 7.69
CA GLU A 914 -17.48 4.78 7.79
C GLU A 914 -18.34 4.48 6.58
N ARG A 915 -19.19 5.43 6.17
CA ARG A 915 -20.00 5.23 4.97
C ARG A 915 -19.57 6.11 3.80
N ASN A 916 -18.39 6.74 3.86
CA ASN A 916 -17.92 7.58 2.77
C ASN A 916 -16.45 7.28 2.51
N LEU A 917 -16.10 7.02 1.25
CA LEU A 917 -14.69 6.79 0.93
C LEU A 917 -13.85 7.98 1.38
N ILE A 918 -14.27 9.18 0.99
CA ILE A 918 -13.59 10.42 1.33
C ILE A 918 -14.64 11.46 1.64
N TYR A 919 -14.40 12.25 2.68
CA TYR A 919 -15.31 13.30 3.10
C TYR A 919 -14.49 14.55 3.34
N ILE A 920 -14.94 15.69 2.81
CA ILE A 920 -14.19 16.93 2.93
C ILE A 920 -15.05 17.96 3.64
N THR A 921 -14.39 18.81 4.43
CA THR A 921 -15.02 19.96 5.07
C THR A 921 -14.04 21.12 4.95
N VAL A 922 -14.49 22.24 4.35
CA VAL A 922 -13.69 23.45 4.24
C VAL A 922 -14.13 24.41 5.33
N ILE A 923 -13.17 24.93 6.09
CA ILE A 923 -13.51 25.86 7.16
C ILE A 923 -12.73 27.14 6.94
N ASP A 924 -13.27 28.26 7.42
CA ASP A 924 -12.44 29.46 7.41
C ASP A 924 -11.49 29.41 8.61
N SER A 925 -10.63 30.42 8.72
CA SER A 925 -9.56 30.39 9.70
C SER A 925 -10.06 30.44 11.14
N THR A 926 -11.33 30.76 11.39
CA THR A 926 -11.89 30.70 12.73
C THR A 926 -12.82 29.51 12.93
N GLY A 927 -12.93 28.61 11.96
CA GLY A 927 -13.68 27.39 12.15
C GLY A 927 -15.07 27.36 11.55
N LYS A 928 -15.49 28.40 10.84
CA LYS A 928 -16.81 28.39 10.24
C LYS A 928 -16.80 27.49 9.01
N ILE A 929 -17.79 26.62 8.90
CA ILE A 929 -17.82 25.68 7.78
C ILE A 929 -18.22 26.42 6.53
N LEU A 930 -17.37 26.38 5.49
CA LEU A 930 -17.67 26.99 4.21
C LEU A 930 -18.31 26.01 3.24
N GLU A 931 -17.84 24.77 3.25
CA GLU A 931 -18.29 23.69 2.38
C GLU A 931 -18.11 22.36 3.10
N GLN A 932 -19.01 21.42 2.83
CA GLN A 932 -18.86 20.07 3.34
C GLN A 932 -19.53 19.12 2.37
N ARG A 933 -18.92 17.96 2.16
CA ARG A 933 -19.26 17.16 0.99
C ARG A 933 -18.68 15.77 1.11
N SER A 934 -19.53 14.75 0.95
CA SER A 934 -19.05 13.41 0.64
C SER A 934 -18.57 13.34 -0.80
N LEU A 935 -17.49 12.60 -1.04
CA LEU A 935 -16.99 12.41 -2.40
C LEU A 935 -17.23 10.97 -2.88
N ASN A 936 -18.21 10.27 -2.30
CA ASN A 936 -18.64 8.98 -2.86
C ASN A 936 -19.01 9.11 -4.33
N THR A 937 -19.70 10.20 -4.66
CA THR A 937 -20.18 10.44 -6.01
C THR A 937 -19.48 11.67 -6.55
N ILE A 938 -19.00 11.59 -7.78
CA ILE A 938 -18.36 12.72 -8.43
C ILE A 938 -18.98 12.83 -9.82
N GLN A 939 -19.68 13.94 -10.06
CA GLN A 939 -20.35 14.19 -11.33
C GLN A 939 -21.27 13.04 -11.73
N GLN A 940 -22.23 12.76 -10.84
CA GLN A 940 -23.28 11.76 -11.05
C GLN A 940 -22.78 10.33 -11.20
N PHE A 941 -21.46 10.09 -11.07
CA PHE A 941 -20.96 8.72 -11.04
C PHE A 941 -20.69 8.30 -9.60
N ASP A 942 -21.33 7.21 -9.17
CA ASP A 942 -21.20 6.72 -7.80
C ASP A 942 -20.00 5.78 -7.74
N TYR A 943 -18.83 6.35 -7.49
CA TYR A 943 -17.61 5.53 -7.41
C TYR A 943 -17.64 4.59 -6.22
N GLN A 944 -18.27 5.02 -5.13
CA GLN A 944 -18.42 4.17 -3.96
C GLN A 944 -19.13 2.85 -4.31
N LYS A 945 -20.25 2.95 -5.02
CA LYS A 945 -21.00 1.76 -5.44
C LYS A 945 -20.21 0.94 -6.45
N LYS A 946 -19.57 1.61 -7.40
CA LYS A 946 -18.82 0.90 -8.44
C LYS A 946 -17.69 0.09 -7.85
N LEU A 947 -16.93 0.69 -6.91
CA LEU A 947 -15.84 -0.03 -6.28
C LEU A 947 -16.34 -1.21 -5.46
N ASP A 948 -17.42 -0.99 -4.71
CA ASP A 948 -17.96 -2.07 -3.89
C ASP A 948 -18.42 -3.23 -4.77
N ASN A 949 -19.12 -2.92 -5.87
CA ASN A 949 -19.54 -3.96 -6.81
C ASN A 949 -18.34 -4.66 -7.45
N ARG A 950 -17.29 -3.92 -7.79
CA ARG A 950 -16.13 -4.55 -8.41
C ARG A 950 -15.42 -5.47 -7.43
N GLU A 951 -15.38 -5.10 -6.14
CA GLU A 951 -14.75 -6.00 -5.19
C GLU A 951 -15.59 -7.26 -4.99
N LYS A 952 -16.92 -7.13 -5.00
CA LYS A 952 -17.75 -8.34 -4.91
C LYS A 952 -17.53 -9.24 -6.13
N GLU A 953 -17.32 -8.64 -7.30
CA GLU A 953 -17.07 -9.43 -8.50
C GLU A 953 -15.75 -10.19 -8.39
N ARG A 954 -14.70 -9.50 -7.92
CA ARG A 954 -13.39 -10.15 -7.78
C ARG A 954 -13.45 -11.32 -6.79
N VAL A 955 -14.17 -11.14 -5.68
CA VAL A 955 -14.32 -12.25 -4.73
C VAL A 955 -15.05 -13.43 -5.39
N ALA A 956 -16.17 -13.15 -6.06
CA ALA A 956 -16.91 -14.23 -6.71
C ALA A 956 -16.06 -14.91 -7.77
N ALA A 957 -15.22 -14.14 -8.47
CA ALA A 957 -14.34 -14.69 -9.49
C ALA A 957 -13.34 -15.66 -8.88
N ARG A 958 -12.70 -15.27 -7.77
CA ARG A 958 -11.74 -16.16 -7.13
C ARG A 958 -12.43 -17.45 -6.67
N GLN A 959 -13.62 -17.32 -6.08
CA GLN A 959 -14.34 -18.48 -5.61
C GLN A 959 -14.73 -19.42 -6.76
N ALA A 960 -14.94 -18.87 -7.94
CA ALA A 960 -15.34 -19.63 -9.12
C ALA A 960 -14.18 -20.08 -9.99
N TRP A 961 -12.93 -19.80 -9.60
CA TRP A 961 -11.76 -20.14 -10.41
C TRP A 961 -11.81 -19.47 -11.78
N SER A 962 -12.25 -18.21 -11.83
CA SER A 962 -12.31 -17.47 -13.08
C SER A 962 -11.47 -16.21 -12.99
N VAL A 963 -11.35 -15.51 -14.13
CA VAL A 963 -10.42 -14.39 -14.23
C VAL A 963 -10.80 -13.30 -13.25
N VAL A 964 -9.82 -12.86 -12.46
CA VAL A 964 -10.11 -11.90 -11.40
C VAL A 964 -10.07 -10.48 -11.95
N GLY A 965 -8.98 -10.12 -12.59
CA GLY A 965 -8.88 -8.80 -13.13
C GLY A 965 -8.44 -7.81 -12.06
N THR A 966 -8.67 -6.53 -12.37
CA THR A 966 -8.13 -5.48 -11.54
C THR A 966 -9.21 -4.63 -10.91
N ILE A 967 -8.84 -4.03 -9.78
CA ILE A 967 -9.57 -2.92 -9.21
C ILE A 967 -8.70 -1.67 -9.10
N LYS A 968 -7.37 -1.80 -9.27
CA LYS A 968 -6.48 -0.64 -9.09
C LYS A 968 -6.74 0.44 -10.13
N ASP A 969 -7.11 0.06 -11.36
CA ASP A 969 -7.36 1.08 -12.39
C ASP A 969 -8.61 1.90 -12.10
N LEU A 970 -9.64 1.24 -11.54
CA LEU A 970 -10.85 1.96 -11.12
C LEU A 970 -10.55 2.84 -9.92
N LYS A 971 -9.78 2.35 -8.94
CA LYS A 971 -9.40 3.18 -7.80
C LYS A 971 -8.65 4.43 -8.24
N GLN A 972 -7.71 4.26 -9.18
CA GLN A 972 -6.94 5.39 -9.66
C GLN A 972 -7.80 6.36 -10.46
N GLY A 973 -8.73 5.85 -11.26
CA GLY A 973 -9.63 6.75 -11.96
C GLY A 973 -10.46 7.60 -11.02
N TYR A 974 -11.04 6.97 -9.99
CA TYR A 974 -11.77 7.70 -8.96
C TYR A 974 -10.86 8.71 -8.28
N LEU A 975 -9.68 8.28 -7.84
CA LEU A 975 -8.82 9.18 -7.10
C LEU A 975 -8.36 10.36 -7.95
N SER A 976 -8.24 10.18 -9.27
CA SER A 976 -7.85 11.33 -10.09
C SER A 976 -8.92 12.40 -10.09
N GLN A 977 -10.20 12.00 -9.99
CA GLN A 977 -11.28 12.97 -9.86
C GLN A 977 -11.25 13.66 -8.51
N VAL A 978 -10.94 12.91 -7.46
CA VAL A 978 -10.81 13.50 -6.13
C VAL A 978 -9.67 14.50 -6.10
N ILE A 979 -8.52 14.12 -6.66
CA ILE A 979 -7.36 15.03 -6.76
C ILE A 979 -7.77 16.32 -7.44
N HIS A 980 -8.46 16.21 -8.58
CA HIS A 980 -8.88 17.39 -9.32
C HIS A 980 -9.73 18.31 -8.46
N GLU A 981 -10.69 17.74 -7.73
CA GLU A 981 -11.56 18.57 -6.91
C GLU A 981 -10.79 19.22 -5.76
N ILE A 982 -9.96 18.44 -5.04
CA ILE A 982 -9.25 18.97 -3.88
C ILE A 982 -8.27 20.06 -4.30
N VAL A 983 -7.51 19.83 -5.37
CA VAL A 983 -6.56 20.85 -5.83
C VAL A 983 -7.28 22.12 -6.20
N ASP A 984 -8.42 22.00 -6.90
CA ASP A 984 -9.18 23.20 -7.28
C ASP A 984 -9.62 23.99 -6.05
N LEU A 985 -10.08 23.29 -5.01
CA LEU A 985 -10.45 23.98 -3.76
C LEU A 985 -9.24 24.63 -3.12
N MET A 986 -8.13 23.90 -3.08
CA MET A 986 -6.93 24.44 -2.45
CA MET A 986 -6.91 24.42 -2.47
C MET A 986 -6.44 25.69 -3.17
N ILE A 987 -6.44 25.68 -4.50
CA ILE A 987 -5.97 26.86 -5.24
C ILE A 987 -6.97 28.00 -5.12
N HIS A 988 -8.27 27.70 -5.19
CA HIS A 988 -9.27 28.75 -5.10
C HIS A 988 -9.21 29.46 -3.75
N TYR A 989 -9.13 28.68 -2.67
CA TYR A 989 -9.12 29.22 -1.31
C TYR A 989 -7.75 29.61 -0.81
N GLN A 990 -6.68 29.22 -1.51
CA GLN A 990 -5.31 29.32 -1.02
C GLN A 990 -5.20 28.70 0.37
N ALA A 991 -5.67 27.45 0.47
CA ALA A 991 -5.88 26.78 1.74
C ALA A 991 -4.79 25.78 2.09
N VAL A 992 -4.65 25.54 3.38
CA VAL A 992 -3.92 24.38 3.86
C VAL A 992 -4.86 23.17 3.78
N VAL A 993 -4.33 21.98 3.56
CA VAL A 993 -5.08 20.72 3.53
CA VAL A 993 -5.18 20.80 3.65
C VAL A 993 -4.61 19.86 4.69
N VAL A 994 -5.54 19.24 5.43
CA VAL A 994 -5.21 18.45 6.60
C VAL A 994 -5.75 17.04 6.40
N LEU A 995 -4.88 16.06 6.55
CA LEU A 995 -5.20 14.64 6.40
C LEU A 995 -5.00 13.92 7.72
N GLU A 996 -5.51 12.70 7.78
CA GLU A 996 -5.27 11.83 8.92
C GLU A 996 -3.84 11.32 8.92
N ASN A 997 -3.23 11.30 10.10
CA ASN A 997 -1.93 10.64 10.27
C ASN A 997 -2.21 9.16 10.46
N LEU A 998 -1.82 8.35 9.48
CA LEU A 998 -2.25 6.96 9.44
C LEU A 998 -1.53 6.06 10.46
N ASN A 999 -0.49 6.56 11.12
CA ASN A 999 0.17 5.81 12.19
C ASN A 999 -0.68 5.73 13.45
N PHE A 1000 -1.86 6.34 13.47
CA PHE A 1000 -2.74 6.33 14.64
C PHE A 1000 -4.05 5.60 14.32
N ALA A 1013 -7.69 1.36 1.92
CA ALA A 1013 -6.46 1.61 1.18
C ALA A 1013 -6.64 2.78 0.21
N VAL A 1014 -7.91 3.06 -0.14
CA VAL A 1014 -8.23 4.17 -1.02
C VAL A 1014 -7.70 5.49 -0.46
N TYR A 1015 -7.77 5.65 0.86
CA TYR A 1015 -7.38 6.90 1.48
C TYR A 1015 -5.87 7.06 1.56
N GLN A 1016 -5.12 5.99 1.85
CA GLN A 1016 -3.67 6.10 1.85
C GLN A 1016 -3.13 6.36 0.45
N GLN A 1017 -3.71 5.71 -0.56
CA GLN A 1017 -3.30 5.97 -1.94
C GLN A 1017 -3.64 7.39 -2.35
N PHE A 1018 -4.76 7.92 -1.85
CA PHE A 1018 -5.08 9.32 -2.09
C PHE A 1018 -4.01 10.23 -1.52
N GLU A 1019 -3.52 9.93 -0.32
CA GLU A 1019 -2.54 10.81 0.32
C GLU A 1019 -1.30 10.94 -0.55
N LYS A 1020 -0.80 9.82 -1.07
CA LYS A 1020 0.40 9.85 -1.89
C LYS A 1020 0.17 10.60 -3.20
N MET A 1021 -0.98 10.37 -3.84
CA MET A 1021 -1.24 11.07 -5.10
C MET A 1021 -1.43 12.56 -4.88
N LEU A 1022 -1.97 12.95 -3.72
CA LEU A 1022 -2.15 14.37 -3.46
C LEU A 1022 -0.79 15.03 -3.23
N ILE A 1023 0.06 14.41 -2.40
CA ILE A 1023 1.40 14.96 -2.19
C ILE A 1023 2.16 15.09 -3.51
N ASP A 1024 2.11 14.03 -4.33
CA ASP A 1024 2.84 14.00 -5.59
C ASP A 1024 2.34 15.05 -6.56
N LYS A 1025 1.01 15.21 -6.66
CA LYS A 1025 0.49 16.26 -7.53
C LYS A 1025 0.98 17.63 -7.10
N LEU A 1026 1.04 17.86 -5.78
CA LEU A 1026 1.41 19.19 -5.29
C LEU A 1026 2.91 19.42 -5.24
N ASN A 1027 3.74 18.39 -5.51
CA ASN A 1027 5.16 18.65 -5.74
C ASN A 1027 5.39 19.49 -7.00
N CYS A 1028 4.46 19.45 -7.95
CA CYS A 1028 4.66 20.07 -9.27
C CYS A 1028 3.29 20.22 -9.93
N LEU A 1029 2.63 21.33 -9.62
CA LEU A 1029 1.23 21.53 -10.00
C LEU A 1029 1.17 22.50 -11.18
N VAL A 1030 0.76 21.99 -12.34
CA VAL A 1030 0.43 22.78 -13.52
C VAL A 1030 -1.08 22.73 -13.70
N LEU A 1031 -1.69 23.88 -13.92
CA LEU A 1031 -3.10 24.00 -14.28
C LEU A 1031 -3.18 24.33 -15.76
N LYS A 1032 -3.79 23.43 -16.55
CA LYS A 1032 -3.61 23.50 -18.00
C LYS A 1032 -4.23 24.74 -18.62
N ASP A 1033 -5.16 25.42 -17.94
CA ASP A 1033 -5.74 26.66 -18.47
C ASP A 1033 -4.94 27.91 -18.14
N TYR A 1034 -3.92 27.81 -17.32
CA TYR A 1034 -3.16 28.99 -16.97
C TYR A 1034 -2.18 29.35 -18.10
N PRO A 1035 -1.95 30.64 -18.33
CA PRO A 1035 -0.88 31.02 -19.26
C PRO A 1035 0.47 30.50 -18.75
N ALA A 1036 1.30 30.06 -19.71
CA ALA A 1036 2.56 29.40 -19.38
C ALA A 1036 3.43 30.22 -18.44
N GLU A 1037 3.33 31.55 -18.49
CA GLU A 1037 4.23 32.40 -17.72
C GLU A 1037 3.65 32.85 -16.39
N LYS A 1038 2.41 32.48 -16.07
CA LYS A 1038 1.85 32.71 -14.75
C LYS A 1038 2.23 31.57 -13.82
N VAL A 1039 2.30 31.86 -12.53
CA VAL A 1039 2.53 30.79 -11.57
C VAL A 1039 1.35 29.84 -11.64
N GLY A 1040 1.65 28.54 -11.80
CA GLY A 1040 0.66 27.53 -12.11
C GLY A 1040 0.63 27.12 -13.57
N GLY A 1041 1.16 27.96 -14.47
CA GLY A 1041 1.31 27.57 -15.86
C GLY A 1041 2.50 26.63 -16.04
N VAL A 1042 2.58 26.05 -17.22
CA VAL A 1042 3.50 24.94 -17.44
C VAL A 1042 4.95 25.34 -17.19
N LEU A 1043 5.33 26.60 -17.48
CA LEU A 1043 6.72 27.02 -17.27
C LEU A 1043 6.97 27.56 -15.87
N ASN A 1044 5.94 27.66 -15.01
CA ASN A 1044 6.10 28.11 -13.63
C ASN A 1044 5.19 27.30 -12.69
N PRO A 1045 5.39 25.97 -12.60
CA PRO A 1045 4.48 25.15 -11.77
C PRO A 1045 4.41 25.63 -10.32
N TYR A 1046 3.23 25.45 -9.72
CA TYR A 1046 3.14 25.56 -8.27
C TYR A 1046 3.90 24.41 -7.62
N GLN A 1047 4.51 24.69 -6.47
CA GLN A 1047 5.09 23.65 -5.63
C GLN A 1047 4.62 23.93 -4.22
N LEU A 1048 3.62 23.16 -3.76
CA LEU A 1048 2.97 23.41 -2.50
C LEU A 1048 3.23 22.35 -1.43
N THR A 1049 3.73 21.17 -1.80
CA THR A 1049 4.17 20.19 -0.82
C THR A 1049 5.68 20.01 -0.89
N ASP A 1050 6.23 19.52 0.22
CA ASP A 1050 7.66 19.22 0.30
C ASP A 1050 8.00 18.04 -0.60
N GLN A 1051 9.24 18.03 -1.07
CA GLN A 1051 9.69 17.00 -1.98
C GLN A 1051 9.44 15.62 -1.39
N PHE A 1052 8.76 14.77 -2.15
CA PHE A 1052 8.44 13.46 -1.63
C PHE A 1052 9.63 12.53 -1.76
N THR A 1053 9.89 11.77 -0.70
CA THR A 1053 10.93 10.74 -0.71
C THR A 1053 10.34 9.38 -0.34
N SER A 1054 9.74 9.26 0.84
CA SER A 1054 9.06 8.05 1.26
C SER A 1054 8.08 8.42 2.36
N PHE A 1055 7.11 7.52 2.60
CA PHE A 1055 6.19 7.70 3.72
C PHE A 1055 6.89 7.55 5.06
N ALA A 1056 7.77 6.55 5.17
CA ALA A 1056 8.47 6.30 6.43
C ALA A 1056 9.31 7.50 6.86
N LYS A 1057 9.89 8.22 5.89
CA LYS A 1057 10.74 9.38 6.15
C LYS A 1057 9.97 10.69 6.19
N MET A 1058 8.67 10.66 6.47
CA MET A 1058 7.84 11.86 6.40
C MET A 1058 7.33 12.24 7.78
N GLY A 1059 7.45 13.54 8.10
CA GLY A 1059 6.93 14.08 9.32
C GLY A 1059 5.45 14.40 9.20
N THR A 1060 4.98 15.24 10.10
CA THR A 1060 3.58 15.61 10.13
C THR A 1060 3.25 16.81 9.24
N GLN A 1061 4.26 17.42 8.60
CA GLN A 1061 4.01 18.52 7.68
C GLN A 1061 4.76 18.27 6.37
N SER A 1062 4.07 18.46 5.25
CA SER A 1062 4.70 18.51 3.94
C SER A 1062 4.19 19.78 3.30
N GLY A 1063 4.88 20.90 3.58
CA GLY A 1063 4.43 22.18 3.04
C GLY A 1063 3.02 22.54 3.48
N PHE A 1064 2.13 22.72 2.51
CA PHE A 1064 0.76 23.12 2.82
C PHE A 1064 -0.11 21.93 3.26
N LEU A 1065 0.45 20.74 3.34
CA LEU A 1065 -0.28 19.55 3.78
CA LEU A 1065 -0.27 19.54 3.78
C LEU A 1065 0.17 19.20 5.19
N PHE A 1066 -0.81 18.95 6.07
CA PHE A 1066 -0.57 18.58 7.46
C PHE A 1066 -1.25 17.26 7.78
N TYR A 1067 -0.64 16.50 8.68
CA TYR A 1067 -1.19 15.23 9.17
C TYR A 1067 -1.48 15.34 10.64
N VAL A 1068 -2.69 14.95 11.05
CA VAL A 1068 -3.09 15.03 12.45
C VAL A 1068 -3.64 13.68 12.92
N PRO A 1069 -3.57 13.38 14.22
CA PRO A 1069 -4.15 12.13 14.72
C PRO A 1069 -5.67 12.13 14.57
N ALA A 1070 -6.21 10.95 14.25
CA ALA A 1070 -7.65 10.73 14.15
C ALA A 1070 -8.43 10.69 15.47
N PRO A 1071 -7.86 10.28 16.61
CA PRO A 1071 -8.68 10.12 17.82
C PRO A 1071 -9.37 11.41 18.25
N TYR A 1072 -10.65 11.27 18.67
CA TYR A 1072 -11.47 12.38 19.13
C TYR A 1072 -11.74 13.39 18.03
N THR A 1073 -11.97 12.88 16.81
CA THR A 1073 -12.42 13.74 15.72
C THR A 1073 -13.84 13.44 15.28
N SER A 1074 -14.32 12.21 15.49
CA SER A 1074 -15.71 11.87 15.13
C SER A 1074 -16.66 11.92 16.33
N LYS A 1075 -16.29 11.27 17.42
CA LYS A 1075 -17.17 11.17 18.60
C LYS A 1075 -16.94 12.36 19.54
N ILE A 1076 -17.14 13.54 18.99
CA ILE A 1076 -16.90 14.76 19.73
C ILE A 1076 -17.98 15.76 19.35
N ASP A 1077 -18.46 16.51 20.34
CA ASP A 1077 -19.56 17.44 20.13
C ASP A 1077 -19.02 18.69 19.45
N PRO A 1078 -19.45 19.01 18.22
CA PRO A 1078 -18.93 20.22 17.56
C PRO A 1078 -19.29 21.51 18.27
N LEU A 1079 -20.33 21.55 19.11
CA LEU A 1079 -20.68 22.81 19.75
C LEU A 1079 -19.92 23.07 21.05
N THR A 1080 -19.34 22.02 21.67
CA THR A 1080 -18.72 22.15 22.99
C THR A 1080 -17.36 21.50 23.09
N GLY A 1081 -17.01 20.56 22.21
CA GLY A 1081 -15.80 19.78 22.39
C GLY A 1081 -15.94 18.66 23.39
N PHE A 1082 -17.14 18.41 23.90
CA PHE A 1082 -17.34 17.31 24.83
C PHE A 1082 -17.07 15.98 24.16
N VAL A 1083 -16.43 15.07 24.90
CA VAL A 1083 -16.31 13.68 24.51
C VAL A 1083 -16.73 12.84 25.72
N ASP A 1084 -17.18 11.62 25.45
CA ASP A 1084 -17.47 10.65 26.54
C ASP A 1084 -16.18 10.41 27.30
N PRO A 1085 -16.08 10.79 28.57
CA PRO A 1085 -14.81 10.63 29.30
C PRO A 1085 -14.60 9.26 29.91
N PHE A 1086 -15.54 8.34 29.82
CA PHE A 1086 -15.45 7.11 30.61
C PHE A 1086 -14.96 5.93 29.79
N VAL A 1087 -14.23 5.05 30.46
CA VAL A 1087 -13.74 3.80 29.88
C VAL A 1087 -14.68 2.71 30.36
N TRP A 1088 -15.62 2.32 29.51
CA TRP A 1088 -16.72 1.48 29.98
C TRP A 1088 -16.26 0.09 30.38
N LYS A 1089 -15.11 -0.37 29.89
CA LYS A 1089 -14.60 -1.67 30.31
C LYS A 1089 -14.30 -1.72 31.81
N THR A 1090 -14.14 -0.57 32.48
CA THR A 1090 -13.85 -0.53 33.91
C THR A 1090 -15.10 -0.53 34.78
N ILE A 1091 -16.27 -0.38 34.17
CA ILE A 1091 -17.54 -0.40 34.89
C ILE A 1091 -18.20 -1.74 34.58
N LYS A 1092 -17.79 -2.77 35.34
CA LYS A 1092 -17.98 -4.19 35.04
C LYS A 1092 -19.06 -4.85 35.87
N ASN A 1093 -19.13 -4.51 37.16
CA ASN A 1093 -19.90 -5.30 38.10
C ASN A 1093 -20.69 -4.35 38.98
N HIS A 1094 -21.43 -4.93 39.94
CA HIS A 1094 -22.34 -4.16 40.75
C HIS A 1094 -21.61 -3.12 41.59
N GLU A 1095 -20.46 -3.49 42.15
CA GLU A 1095 -19.76 -2.59 43.07
C GLU A 1095 -19.19 -1.38 42.31
N SER A 1096 -18.57 -1.62 41.16
CA SER A 1096 -18.04 -0.49 40.39
C SER A 1096 -19.16 0.31 39.77
N ARG A 1097 -20.23 -0.35 39.31
CA ARG A 1097 -21.41 0.38 38.85
C ARG A 1097 -21.95 1.28 39.95
N LYS A 1098 -21.97 0.81 41.20
CA LYS A 1098 -22.43 1.64 42.30
C LYS A 1098 -21.46 2.79 42.55
N HIS A 1099 -20.15 2.53 42.54
CA HIS A 1099 -19.17 3.60 42.68
C HIS A 1099 -19.32 4.62 41.56
N PHE A 1100 -19.60 4.15 40.34
CA PHE A 1100 -19.74 5.04 39.19
C PHE A 1100 -20.90 6.01 39.37
N LEU A 1101 -22.05 5.52 39.85
CA LEU A 1101 -23.18 6.42 40.09
C LEU A 1101 -22.91 7.34 41.26
N GLU A 1102 -22.15 6.88 42.25
CA GLU A 1102 -21.79 7.71 43.40
C GLU A 1102 -20.93 8.91 42.99
N GLY A 1103 -20.21 8.79 41.88
CA GLY A 1103 -19.37 9.88 41.41
C GLY A 1103 -20.08 11.03 40.72
N PHE A 1104 -21.40 11.01 40.58
CA PHE A 1104 -22.13 12.12 39.97
C PHE A 1104 -22.77 12.97 41.06
N ASP A 1105 -22.79 14.29 40.84
CA ASP A 1105 -23.36 15.19 41.84
C ASP A 1105 -24.85 14.97 42.00
N PHE A 1106 -25.58 14.87 40.90
CA PHE A 1106 -27.01 14.65 41.00
C PHE A 1106 -27.55 14.20 39.65
N LEU A 1107 -28.76 13.65 39.69
CA LEU A 1107 -29.57 13.39 38.51
C LEU A 1107 -30.97 13.88 38.84
N HIS A 1108 -31.48 14.87 38.11
CA HIS A 1108 -32.81 15.31 38.46
C HIS A 1108 -33.59 15.76 37.24
N TYR A 1109 -34.91 15.65 37.37
CA TYR A 1109 -35.84 16.04 36.32
C TYR A 1109 -36.06 17.54 36.34
N ASP A 1110 -36.12 18.13 35.16
CA ASP A 1110 -36.35 19.56 34.97
C ASP A 1110 -37.77 19.71 34.44
N VAL A 1111 -38.70 20.08 35.33
CA VAL A 1111 -40.11 20.12 34.94
C VAL A 1111 -40.38 21.20 33.89
N LYS A 1112 -39.48 22.16 33.72
CA LYS A 1112 -39.71 23.21 32.73
C LYS A 1112 -39.51 22.66 31.32
N THR A 1113 -38.55 21.75 31.14
CA THR A 1113 -38.19 21.26 29.82
C THR A 1113 -38.51 19.79 29.59
N GLY A 1114 -38.72 19.02 30.65
CA GLY A 1114 -38.88 17.58 30.51
C GLY A 1114 -37.59 16.82 30.32
N ASP A 1115 -36.44 17.47 30.42
CA ASP A 1115 -35.14 16.81 30.41
C ASP A 1115 -34.77 16.33 31.82
N PHE A 1116 -33.85 15.37 31.86
CA PHE A 1116 -33.10 15.04 33.07
C PHE A 1116 -31.70 15.59 32.94
N ILE A 1117 -31.14 16.08 34.05
CA ILE A 1117 -29.81 16.67 34.08
C ILE A 1117 -28.96 15.83 35.01
N LEU A 1118 -27.84 15.34 34.50
CA LEU A 1118 -26.89 14.55 35.26
C LEU A 1118 -25.60 15.36 35.40
N HIS A 1119 -25.34 15.87 36.59
CA HIS A 1119 -24.21 16.76 36.79
C HIS A 1119 -22.96 15.95 37.15
N PHE A 1120 -21.90 16.14 36.36
CA PHE A 1120 -20.65 15.42 36.57
C PHE A 1120 -19.50 16.40 36.69
N LYS A 1121 -18.73 16.30 37.79
CA LYS A 1121 -17.48 17.03 37.94
C LYS A 1121 -16.32 16.16 37.49
N MET A 1122 -15.40 16.76 36.71
CA MET A 1122 -14.36 16.02 36.01
C MET A 1122 -13.34 15.39 36.95
N ASN A 1123 -13.24 15.85 38.20
CA ASN A 1123 -12.31 15.25 39.14
C ASN A 1123 -12.90 14.08 39.92
N ARG A 1124 -14.15 13.70 39.66
CA ARG A 1124 -14.75 12.50 40.25
C ARG A 1124 -14.62 11.33 39.28
N ASN A 1125 -14.89 10.12 39.80
CA ASN A 1125 -14.89 8.90 38.98
C ASN A 1125 -13.59 8.74 38.20
N LEU A 1126 -12.46 9.11 38.82
CA LEU A 1126 -11.22 9.15 38.05
C LEU A 1126 -10.78 7.75 37.62
N SER A 1127 -11.08 6.72 38.42
CA SER A 1127 -10.66 5.38 38.04
C SER A 1127 -11.43 4.87 36.82
N PHE A 1128 -12.55 5.51 36.48
CA PHE A 1128 -13.33 5.14 35.31
C PHE A 1128 -13.07 6.03 34.10
N GLN A 1129 -12.16 6.99 34.20
CA GLN A 1129 -11.95 7.95 33.14
C GLN A 1129 -10.77 7.55 32.26
N ARG A 1130 -10.73 8.14 31.07
CA ARG A 1130 -9.65 7.93 30.10
C ARG A 1130 -8.45 8.84 30.35
N GLY A 1131 -8.43 9.59 31.45
CA GLY A 1131 -7.27 10.40 31.79
C GLY A 1131 -7.12 11.65 30.95
N LEU A 1132 -8.23 12.24 30.50
CA LEU A 1132 -8.23 13.39 29.60
C LEU A 1132 -9.21 14.43 30.16
N PRO A 1133 -8.78 15.25 31.11
CA PRO A 1133 -9.72 16.18 31.76
C PRO A 1133 -10.18 17.31 30.85
N GLY A 1134 -9.53 17.55 29.73
CA GLY A 1134 -9.97 18.63 28.85
C GLY A 1134 -9.83 19.98 29.54
N PHE A 1135 -10.85 20.82 29.38
CA PHE A 1135 -10.80 22.19 29.89
C PHE A 1135 -11.93 22.56 30.84
N MET A 1136 -13.10 21.97 30.71
CA MET A 1136 -14.23 22.30 31.56
C MET A 1136 -14.13 21.59 32.91
N PRO A 1137 -14.38 22.28 34.02
CA PRO A 1137 -14.38 21.60 35.31
C PRO A 1137 -15.55 20.62 35.50
N ALA A 1138 -16.65 20.79 34.76
CA ALA A 1138 -17.86 20.02 35.00
C ALA A 1138 -18.73 20.05 33.75
N TRP A 1139 -19.64 19.07 33.66
CA TRP A 1139 -20.56 18.98 32.55
C TRP A 1139 -21.96 18.66 33.06
N ASP A 1140 -22.95 19.25 32.41
CA ASP A 1140 -24.35 18.91 32.64
C ASP A 1140 -24.75 17.97 31.52
N ILE A 1141 -24.78 16.68 31.83
CA ILE A 1141 -25.20 15.68 30.86
C ILE A 1141 -26.72 15.64 30.85
N VAL A 1142 -27.32 15.65 29.66
CA VAL A 1142 -28.75 15.83 29.50
C VAL A 1142 -29.35 14.56 28.91
N PHE A 1143 -30.42 14.05 29.53
CA PHE A 1143 -31.34 13.11 28.89
C PHE A 1143 -32.40 13.97 28.22
N GLU A 1144 -32.33 14.10 26.89
CA GLU A 1144 -33.27 14.96 26.19
C GLU A 1144 -34.66 14.34 26.15
N LYS A 1145 -35.67 15.17 26.40
CA LYS A 1145 -37.05 14.72 26.22
C LYS A 1145 -37.23 14.17 24.82
N ASN A 1146 -37.86 12.99 24.73
CA ASN A 1146 -37.96 12.31 23.44
C ASN A 1146 -39.16 12.86 22.65
N GLU A 1147 -39.00 14.10 22.18
CA GLU A 1147 -40.05 14.79 21.46
C GLU A 1147 -39.73 14.85 19.97
N THR A 1148 -40.75 15.15 19.18
CA THR A 1148 -40.57 15.24 17.73
C THR A 1148 -39.92 16.57 17.39
N GLN A 1149 -38.84 16.51 16.62
CA GLN A 1149 -38.22 17.65 15.98
C GLN A 1149 -38.26 17.46 14.46
N PHE A 1150 -37.99 18.54 13.72
CA PHE A 1150 -38.01 18.53 12.27
C PHE A 1150 -36.74 19.16 11.72
N ASP A 1151 -36.19 18.55 10.67
CA ASP A 1151 -34.96 19.07 10.10
C ASP A 1151 -35.26 20.21 9.13
N ALA A 1152 -34.25 20.65 8.42
CA ALA A 1152 -34.39 21.78 7.52
C ALA A 1152 -35.37 21.50 6.39
N LYS A 1153 -35.56 20.23 6.03
CA LYS A 1153 -36.43 19.84 4.93
C LYS A 1153 -37.82 19.38 5.38
N GLY A 1154 -38.10 19.38 6.68
CA GLY A 1154 -39.40 18.99 7.20
C GLY A 1154 -39.49 17.55 7.66
N THR A 1155 -38.42 16.78 7.58
CA THR A 1155 -38.45 15.37 7.95
C THR A 1155 -38.36 15.24 9.47
N PRO A 1156 -39.25 14.46 10.10
CA PRO A 1156 -39.22 14.35 11.56
C PRO A 1156 -38.11 13.45 12.06
N PHE A 1157 -37.68 13.72 13.29
CA PHE A 1157 -36.83 12.80 14.03
C PHE A 1157 -37.15 13.00 15.51
N ILE A 1158 -36.75 12.03 16.34
CA ILE A 1158 -37.06 12.05 17.77
C ILE A 1158 -35.81 12.49 18.52
N ALA A 1159 -35.94 13.54 19.32
CA ALA A 1159 -34.80 14.08 20.06
C ALA A 1159 -34.25 13.04 21.04
N GLY A 1160 -32.92 13.00 21.18
CA GLY A 1160 -32.28 12.15 22.15
C GLY A 1160 -32.25 10.67 21.81
N LYS A 1161 -32.79 10.26 20.67
CA LYS A 1161 -32.78 8.85 20.32
C LYS A 1161 -31.35 8.32 20.22
N ARG A 1162 -31.17 7.09 20.67
CA ARG A 1162 -29.92 6.37 20.58
C ARG A 1162 -30.14 5.08 19.80
N ILE A 1163 -29.09 4.62 19.12
CA ILE A 1163 -29.12 3.36 18.41
C ILE A 1163 -28.08 2.47 19.08
N VAL A 1164 -28.56 1.42 19.76
CA VAL A 1164 -27.70 0.61 20.61
C VAL A 1164 -27.83 -0.86 20.21
N PRO A 1165 -26.78 -1.67 20.38
CA PRO A 1165 -26.78 -3.09 20.03
C PRO A 1165 -27.30 -3.98 21.15
N TYR A 1176 -29.53 -4.47 16.75
CA TYR A 1176 -29.48 -3.04 17.04
C TYR A 1176 -30.88 -2.44 17.12
N ARG A 1177 -31.18 -1.80 18.24
CA ARG A 1177 -32.51 -1.27 18.51
C ARG A 1177 -32.45 0.24 18.71
N ASP A 1178 -33.57 0.91 18.42
CA ASP A 1178 -33.75 2.28 18.85
C ASP A 1178 -33.99 2.30 20.35
N LEU A 1179 -33.38 3.26 21.03
CA LEU A 1179 -33.56 3.45 22.46
C LEU A 1179 -33.89 4.91 22.73
N TYR A 1180 -34.85 5.14 23.64
CA TYR A 1180 -35.25 6.50 24.03
C TYR A 1180 -34.94 6.71 25.50
N PRO A 1181 -33.75 7.21 25.83
CA PRO A 1181 -33.28 7.15 27.23
C PRO A 1181 -34.14 7.90 28.22
N ALA A 1182 -34.57 9.12 27.93
CA ALA A 1182 -35.45 9.83 28.86
C ALA A 1182 -36.71 9.02 29.13
N ASN A 1183 -37.33 8.47 28.09
CA ASN A 1183 -38.53 7.67 28.30
C ASN A 1183 -38.22 6.42 29.12
N GLU A 1184 -37.07 5.80 28.88
CA GLU A 1184 -36.69 4.61 29.64
C GLU A 1184 -36.38 4.97 31.10
N LEU A 1185 -35.76 6.12 31.33
CA LEU A 1185 -35.52 6.57 32.70
C LEU A 1185 -36.84 6.77 33.44
N ILE A 1186 -37.81 7.43 32.79
CA ILE A 1186 -39.12 7.60 33.40
C ILE A 1186 -39.74 6.24 33.75
N ALA A 1187 -39.68 5.30 32.81
CA ALA A 1187 -40.27 3.99 33.06
C ALA A 1187 -39.55 3.28 34.20
N LEU A 1188 -38.23 3.42 34.26
CA LEU A 1188 -37.47 2.85 35.37
C LEU A 1188 -37.91 3.45 36.70
N LEU A 1189 -37.95 4.78 36.79
CA LEU A 1189 -38.31 5.43 38.05
C LEU A 1189 -39.73 5.07 38.48
N GLU A 1190 -40.65 4.97 37.51
CA GLU A 1190 -42.01 4.59 37.87
C GLU A 1190 -42.09 3.13 38.31
N GLU A 1191 -41.26 2.25 37.73
CA GLU A 1191 -41.21 0.87 38.20
C GLU A 1191 -40.75 0.79 39.65
N LYS A 1192 -39.79 1.63 40.03
CA LYS A 1192 -39.23 1.65 41.38
C LYS A 1192 -40.05 2.50 42.35
N GLY A 1193 -41.10 3.17 41.88
CA GLY A 1193 -41.82 4.06 42.76
C GLY A 1193 -41.00 5.23 43.25
N ILE A 1194 -39.99 5.64 42.49
CA ILE A 1194 -39.10 6.72 42.89
C ILE A 1194 -39.72 8.03 42.42
N VAL A 1195 -39.93 8.95 43.36
CA VAL A 1195 -40.51 10.26 43.03
C VAL A 1195 -39.43 11.12 42.38
N PHE A 1196 -39.76 11.68 41.21
CA PHE A 1196 -38.80 12.52 40.49
C PHE A 1196 -39.38 13.82 39.97
N ARG A 1197 -40.69 13.94 39.82
CA ARG A 1197 -41.26 15.19 39.32
C ARG A 1197 -41.11 16.35 40.29
N ASP A 1198 -40.63 16.11 41.50
CA ASP A 1198 -40.35 17.18 42.45
C ASP A 1198 -38.94 17.75 42.31
N GLY A 1199 -38.16 17.29 41.33
CA GLY A 1199 -36.82 17.80 41.13
C GLY A 1199 -35.77 17.28 42.08
N SER A 1200 -36.10 16.28 42.89
CA SER A 1200 -35.13 15.80 43.86
C SER A 1200 -34.06 14.96 43.18
N ASN A 1201 -32.95 14.76 43.90
CA ASN A 1201 -31.85 13.99 43.35
C ASN A 1201 -32.23 12.52 43.29
N ILE A 1202 -32.19 11.96 42.08
CA ILE A 1202 -32.63 10.58 41.86
C ILE A 1202 -31.59 9.58 42.33
N LEU A 1203 -30.30 9.91 42.24
CA LEU A 1203 -29.27 8.89 42.44
C LEU A 1203 -29.23 8.33 43.86
N PRO A 1204 -29.31 9.16 44.93
CA PRO A 1204 -29.34 8.56 46.28
C PRO A 1204 -30.49 7.60 46.49
N LYS A 1205 -31.64 7.85 45.86
CA LYS A 1205 -32.78 6.96 46.02
C LYS A 1205 -32.49 5.60 45.40
N LEU A 1206 -31.93 5.58 44.18
CA LEU A 1206 -31.55 4.32 43.56
C LEU A 1206 -30.47 3.61 44.37
N LEU A 1207 -29.48 4.37 44.84
CA LEU A 1207 -28.34 3.76 45.53
C LEU A 1207 -28.75 3.17 46.87
N GLU A 1208 -29.55 3.89 47.65
CA GLU A 1208 -29.95 3.40 48.96
C GLU A 1208 -30.88 2.20 48.83
N ASN A 1209 -31.69 2.15 47.77
CA ASN A 1209 -32.56 1.01 47.55
C ASN A 1209 -31.77 -0.22 47.08
N ASP A 1210 -30.70 -0.02 46.31
CA ASP A 1210 -29.67 -1.04 46.06
C ASP A 1210 -30.20 -2.23 45.25
N ASP A 1211 -31.04 -1.94 44.26
CA ASP A 1211 -31.54 -2.95 43.34
C ASP A 1211 -30.53 -3.08 42.21
N SER A 1212 -29.86 -4.25 42.13
CA SER A 1212 -28.75 -4.36 41.17
C SER A 1212 -29.21 -4.26 39.72
N HIS A 1213 -30.45 -4.71 39.43
CA HIS A 1213 -30.96 -4.57 38.06
C HIS A 1213 -31.29 -3.12 37.73
N ALA A 1214 -31.92 -2.39 38.66
CA ALA A 1214 -32.20 -0.98 38.44
C ALA A 1214 -30.92 -0.18 38.27
N ILE A 1215 -29.90 -0.48 39.09
CA ILE A 1215 -28.62 0.22 39.01
C ILE A 1215 -27.94 -0.07 37.67
N ASP A 1216 -27.96 -1.34 37.25
CA ASP A 1216 -27.39 -1.69 35.94
C ASP A 1216 -28.13 -0.96 34.82
N THR A 1217 -29.46 -0.88 34.90
CA THR A 1217 -30.19 -0.16 33.88
C THR A 1217 -29.84 1.32 33.88
N MET A 1218 -29.70 1.92 35.06
CA MET A 1218 -29.30 3.33 35.14
C MET A 1218 -27.97 3.57 34.44
N VAL A 1219 -26.99 2.70 34.70
CA VAL A 1219 -25.67 2.91 34.11
C VAL A 1219 -25.70 2.68 32.60
N ALA A 1220 -26.45 1.67 32.15
CA ALA A 1220 -26.59 1.47 30.70
C ALA A 1220 -27.26 2.66 30.04
N LEU A 1221 -28.24 3.27 30.70
CA LEU A 1221 -28.87 4.46 30.14
C LEU A 1221 -27.88 5.61 30.04
N ILE A 1222 -27.06 5.80 31.08
CA ILE A 1222 -26.04 6.85 31.05
C ILE A 1222 -25.08 6.60 29.90
N ARG A 1223 -24.64 5.35 29.73
CA ARG A 1223 -23.73 5.02 28.64
C ARG A 1223 -24.37 5.34 27.28
N SER A 1224 -25.66 5.05 27.14
CA SER A 1224 -26.36 5.32 25.89
C SER A 1224 -26.43 6.81 25.61
N VAL A 1225 -26.79 7.61 26.62
CA VAL A 1225 -26.83 9.06 26.45
C VAL A 1225 -25.49 9.59 25.97
N LEU A 1226 -24.40 9.07 26.54
CA LEU A 1226 -23.06 9.52 26.20
C LEU A 1226 -22.56 8.98 24.87
N GLN A 1227 -23.27 8.05 24.25
CA GLN A 1227 -22.92 7.55 22.93
C GLN A 1227 -23.47 8.52 21.90
N MET A 1228 -22.65 9.52 21.53
CA MET A 1228 -23.21 10.58 20.71
C MET A 1228 -23.30 10.20 19.24
N ARG A 1229 -22.49 9.25 18.77
CA ARG A 1229 -22.59 8.78 17.40
C ARG A 1229 -23.54 7.59 17.35
N ASN A 1230 -24.55 7.68 16.48
CA ASN A 1230 -25.58 6.66 16.39
C ASN A 1230 -25.78 6.31 14.92
N SER A 1231 -25.60 5.04 14.58
CA SER A 1231 -25.56 4.60 13.19
C SER A 1231 -26.42 3.37 13.01
N ASN A 1232 -27.08 3.29 11.86
CA ASN A 1232 -27.88 2.12 11.50
C ASN A 1232 -27.77 2.00 9.98
N ALA A 1233 -26.89 1.11 9.52
CA ALA A 1233 -26.65 0.98 8.09
C ALA A 1233 -27.93 0.68 7.32
N ALA A 1234 -28.93 0.10 8.00
CA ALA A 1234 -30.17 -0.30 7.34
C ALA A 1234 -31.16 0.84 7.17
N THR A 1235 -31.05 1.90 7.98
CA THR A 1235 -31.92 3.06 7.87
C THR A 1235 -31.24 4.27 7.28
N GLY A 1236 -29.93 4.19 7.03
CA GLY A 1236 -29.17 5.36 6.64
C GLY A 1236 -28.80 6.30 7.77
N GLU A 1237 -29.10 5.96 9.01
CA GLU A 1237 -28.78 6.86 10.11
C GLU A 1237 -27.29 6.80 10.41
N ASP A 1238 -26.67 7.96 10.59
CA ASP A 1238 -25.32 8.04 11.11
C ASP A 1238 -25.11 9.45 11.64
N TYR A 1239 -25.68 9.74 12.80
CA TYR A 1239 -25.79 11.11 13.28
C TYR A 1239 -24.99 11.31 14.56
N ILE A 1240 -24.82 12.58 14.91
CA ILE A 1240 -24.17 13.01 16.14
C ILE A 1240 -25.22 13.77 16.92
N ASN A 1241 -25.53 13.29 18.13
CA ASN A 1241 -26.43 14.01 19.03
C ASN A 1241 -25.70 14.12 20.36
N SER A 1242 -25.29 15.33 20.70
CA SER A 1242 -24.46 15.53 21.87
C SER A 1242 -25.29 15.33 23.14
N PRO A 1243 -24.67 14.85 24.21
CA PRO A 1243 -25.36 14.79 25.51
C PRO A 1243 -25.19 16.01 26.39
N VAL A 1244 -24.65 17.13 25.88
CA VAL A 1244 -24.48 18.33 26.68
C VAL A 1244 -25.00 19.52 25.89
N ARG A 1245 -25.50 20.53 26.61
CA ARG A 1245 -25.90 21.78 25.98
C ARG A 1245 -24.71 22.73 25.92
N ASP A 1246 -24.68 23.57 24.89
CA ASP A 1246 -23.59 24.52 24.75
C ASP A 1246 -23.91 25.82 25.48
N LEU A 1247 -23.01 26.80 25.38
CA LEU A 1247 -23.14 28.01 26.19
C LEU A 1247 -24.39 28.81 25.84
N ASN A 1248 -25.01 28.55 24.69
CA ASN A 1248 -26.26 29.20 24.31
C ASN A 1248 -27.46 28.27 24.47
N GLY A 1249 -27.35 27.22 25.31
CA GLY A 1249 -28.46 26.34 25.62
C GLY A 1249 -28.72 25.21 24.65
N VAL A 1250 -27.96 25.10 23.56
CA VAL A 1250 -28.27 24.19 22.46
C VAL A 1250 -27.61 22.83 22.67
N CYS A 1251 -28.38 21.77 22.48
CA CYS A 1251 -27.86 20.41 22.43
CA CYS A 1251 -27.88 20.39 22.43
C CYS A 1251 -27.71 19.99 20.97
N PHE A 1252 -26.46 19.86 20.51
CA PHE A 1252 -26.23 19.61 19.09
C PHE A 1252 -26.90 18.33 18.61
N ASP A 1253 -27.54 18.41 17.45
CA ASP A 1253 -28.00 17.21 16.75
C ASP A 1253 -27.83 17.43 15.26
N SER A 1254 -27.02 16.59 14.60
CA SER A 1254 -26.79 16.75 13.18
C SER A 1254 -28.05 16.45 12.36
N ARG A 1255 -29.05 15.80 12.96
CA ARG A 1255 -30.27 15.49 12.22
C ARG A 1255 -31.12 16.72 11.93
N PHE A 1256 -30.87 17.86 12.58
CA PHE A 1256 -31.48 19.12 12.14
C PHE A 1256 -31.04 19.51 10.74
N GLN A 1257 -29.90 18.98 10.28
CA GLN A 1257 -29.41 19.21 8.90
C GLN A 1257 -29.16 20.70 8.64
N ASN A 1258 -28.67 21.39 9.65
CA ASN A 1258 -28.26 22.78 9.54
C ASN A 1258 -26.95 22.83 8.76
N PRO A 1259 -26.93 23.34 7.52
CA PRO A 1259 -25.71 23.27 6.69
C PRO A 1259 -24.49 23.98 7.27
N GLU A 1260 -24.64 24.77 8.33
CA GLU A 1260 -23.46 25.38 8.95
C GLU A 1260 -22.76 24.47 9.95
N TRP A 1261 -23.33 23.31 10.26
CA TRP A 1261 -22.70 22.37 11.16
C TRP A 1261 -22.61 21.02 10.48
N PRO A 1262 -21.78 20.10 10.98
CA PRO A 1262 -21.66 18.79 10.32
C PRO A 1262 -23.02 18.14 10.11
N MET A 1263 -23.23 17.65 8.89
CA MET A 1263 -24.50 17.07 8.48
C MET A 1263 -24.65 15.61 8.90
N ASP A 1264 -23.57 14.97 9.31
CA ASP A 1264 -23.58 13.57 9.73
C ASP A 1264 -22.26 13.31 10.43
N ALA A 1265 -22.06 12.07 10.87
CA ALA A 1265 -20.88 11.75 11.66
C ALA A 1265 -19.58 11.84 10.86
N ASP A 1266 -19.56 11.33 9.62
CA ASP A 1266 -18.35 11.49 8.81
C ASP A 1266 -18.00 12.96 8.59
N ALA A 1267 -19.00 13.82 8.35
CA ALA A 1267 -18.69 15.24 8.19
C ALA A 1267 -18.13 15.82 9.48
N ASN A 1268 -18.61 15.32 10.63
CA ASN A 1268 -18.08 15.77 11.90
C ASN A 1268 -16.62 15.38 12.03
N GLY A 1269 -16.26 14.19 11.56
CA GLY A 1269 -14.86 13.78 11.55
C GLY A 1269 -13.99 14.72 10.71
N ALA A 1270 -14.42 15.03 9.49
CA ALA A 1270 -13.63 15.92 8.63
C ALA A 1270 -13.55 17.32 9.21
N TYR A 1271 -14.63 17.79 9.84
CA TYR A 1271 -14.61 19.09 10.51
C TYR A 1271 -13.52 19.14 11.58
N HIS A 1272 -13.45 18.13 12.44
CA HIS A 1272 -12.49 18.18 13.53
C HIS A 1272 -11.06 17.86 13.08
N ILE A 1273 -10.90 17.08 12.01
CA ILE A 1273 -9.61 16.99 11.35
C ILE A 1273 -9.12 18.38 10.95
N ALA A 1274 -9.98 19.15 10.26
CA ALA A 1274 -9.59 20.50 9.88
C ALA A 1274 -9.24 21.36 11.09
N LEU A 1275 -10.00 21.19 12.19
CA LEU A 1275 -9.76 22.04 13.36
C LEU A 1275 -8.48 21.66 14.09
N LYS A 1276 -8.06 20.40 14.01
CA LYS A 1276 -6.73 20.06 14.51
C LYS A 1276 -5.66 20.76 13.69
N GLY A 1277 -5.88 20.92 12.38
CA GLY A 1277 -5.03 21.79 11.59
C GLY A 1277 -5.07 23.23 12.06
N GLN A 1278 -6.27 23.72 12.41
CA GLN A 1278 -6.38 25.08 12.93
C GLN A 1278 -5.59 25.22 14.22
N LEU A 1279 -5.62 24.20 15.08
CA LEU A 1279 -4.81 24.22 16.30
C LEU A 1279 -3.33 24.40 15.96
N LEU A 1280 -2.84 23.63 14.99
CA LEU A 1280 -1.44 23.77 14.57
C LEU A 1280 -1.16 25.18 14.04
N LEU A 1281 -2.08 25.76 13.28
CA LEU A 1281 -1.84 27.10 12.73
C LEU A 1281 -1.88 28.16 13.82
N ASN A 1282 -2.76 27.98 14.80
CA ASN A 1282 -2.84 28.91 15.93
CA ASN A 1282 -2.83 28.92 15.91
C ASN A 1282 -1.57 28.89 16.76
N HIS A 1283 -1.05 27.69 17.03
CA HIS A 1283 0.18 27.59 17.83
C HIS A 1283 1.38 28.10 17.05
N LEU A 1284 1.40 27.87 15.73
CA LEU A 1284 2.44 28.47 14.90
C LEU A 1284 2.38 29.99 14.96
N LYS A 1285 1.16 30.54 14.95
CA LYS A 1285 0.99 31.99 15.00
C LYS A 1285 1.54 32.56 16.29
N GLU A 1286 1.27 31.89 17.42
CA GLU A 1286 1.68 32.38 18.73
C GLU A 1286 3.13 32.07 19.07
N SER A 1287 3.84 31.35 18.21
CA SER A 1287 5.25 31.05 18.45
C SER A 1287 6.13 32.07 17.75
N LYS A 1288 7.36 32.19 18.25
CA LYS A 1288 8.32 33.10 17.65
C LYS A 1288 9.18 32.46 16.57
N ASP A 1289 9.02 31.16 16.32
CA ASP A 1289 9.81 30.44 15.34
C ASP A 1289 8.93 30.11 14.12
N LEU A 1290 9.48 29.28 13.22
CA LEU A 1290 8.80 28.85 12.00
C LEU A 1290 8.62 27.34 11.96
N LYS A 1291 8.75 26.67 13.10
CA LYS A 1291 8.63 25.23 13.19
C LYS A 1291 7.27 24.88 13.75
N LEU A 1292 6.60 23.93 13.13
CA LEU A 1292 5.30 23.49 13.60
C LEU A 1292 5.47 22.50 14.73
N GLN A 1293 4.52 22.48 15.66
CA GLN A 1293 4.65 21.50 16.73
C GLN A 1293 4.48 20.11 16.14
N ASN A 1294 5.21 19.15 16.70
CA ASN A 1294 5.22 17.79 16.18
C ASN A 1294 4.23 16.97 17.00
N GLY A 1295 3.09 16.65 16.39
CA GLY A 1295 2.06 15.87 17.06
C GLY A 1295 1.07 16.72 17.81
N ILE A 1296 -0.07 16.12 18.15
CA ILE A 1296 -1.11 16.76 18.94
C ILE A 1296 -1.58 15.75 19.97
N SER A 1297 -1.18 15.93 21.22
CA SER A 1297 -1.67 15.03 22.27
C SER A 1297 -3.18 15.18 22.43
N ASN A 1298 -3.83 14.08 22.81
CA ASN A 1298 -5.27 14.09 22.95
C ASN A 1298 -5.73 15.14 23.97
N GLN A 1299 -5.00 15.29 25.07
CA GLN A 1299 -5.41 16.26 26.09
C GLN A 1299 -5.27 17.69 25.58
N ASP A 1300 -4.18 17.99 24.86
CA ASP A 1300 -4.00 19.35 24.35
C ASP A 1300 -5.08 19.71 23.35
N TRP A 1301 -5.48 18.75 22.52
CA TRP A 1301 -6.56 18.96 21.56
C TRP A 1301 -7.88 19.25 22.25
N LEU A 1302 -8.23 18.44 23.26
CA LEU A 1302 -9.51 18.61 23.94
C LEU A 1302 -9.54 19.92 24.72
N ALA A 1303 -8.46 20.26 25.42
CA ALA A 1303 -8.44 21.52 26.16
C ALA A 1303 -8.57 22.70 25.21
N TYR A 1304 -7.88 22.64 24.08
CA TYR A 1304 -7.92 23.73 23.10
C TYR A 1304 -9.32 23.94 22.58
N ILE A 1305 -9.97 22.86 22.11
CA ILE A 1305 -11.23 23.00 21.42
C ILE A 1305 -12.34 23.31 22.40
N GLN A 1306 -12.26 22.76 23.62
CA GLN A 1306 -13.25 23.08 24.64
C GLN A 1306 -13.12 24.51 25.12
N GLU A 1307 -11.89 25.01 25.25
CA GLU A 1307 -11.72 26.40 25.64
C GLU A 1307 -12.30 27.34 24.58
N LEU A 1308 -12.10 27.03 23.30
CA LEU A 1308 -12.61 27.90 22.23
C LEU A 1308 -14.13 27.92 22.22
N ARG A 1309 -14.76 26.80 22.51
CA ARG A 1309 -16.21 26.69 22.34
C ARG A 1309 -17.00 27.06 23.58
N ASN A 1310 -16.35 27.30 24.71
CA ASN A 1310 -17.07 27.53 25.95
C ASN A 1310 -16.70 28.89 26.53
NA NA E . -8.48 16.73 -24.40
CL CL F . -13.50 9.84 17.44
C1 EDO G . -6.26 20.12 -10.74
O1 EDO G . -6.77 19.06 -11.55
C2 EDO G . -6.19 21.40 -11.56
O2 EDO G . -7.49 21.74 -12.04
C1 EDO H . 7.57 13.26 -9.19
O1 EDO H . 7.04 13.46 -10.51
C2 EDO H . 6.81 14.11 -8.17
O2 EDO H . 5.41 13.94 -8.37
C1 EDO I . 6.27 32.77 -0.56
O1 EDO I . 6.50 34.13 -0.95
C2 EDO I . 7.48 31.90 -0.89
O2 EDO I . 8.54 32.19 0.02
C1 EDO J . -14.49 15.00 28.54
O1 EDO J . -15.41 15.61 27.64
C2 EDO J . -13.53 16.08 29.04
O2 EDO J . -12.55 16.38 28.04
C1 EDO K . 7.69 24.31 -36.97
O1 EDO K . 6.77 23.37 -36.36
C2 EDO K . 8.55 23.71 -38.10
O2 EDO K . 7.81 23.43 -39.31
C1 EDO L . 13.37 5.10 13.68
O1 EDO L . 13.84 3.74 13.72
C2 EDO L . 14.49 6.01 13.20
O2 EDO L . 15.11 5.40 12.05
C1 EDO M . 10.65 23.77 -32.50
O1 EDO M . 9.92 24.84 -31.90
C2 EDO M . 10.84 24.08 -33.98
O2 EDO M . 11.69 25.24 -34.11
C1 EDO N . 4.07 1.82 -23.37
O1 EDO N . 3.88 2.26 -22.02
C2 EDO N . 2.79 1.14 -23.82
O2 EDO N . 1.70 2.02 -23.54
C1 EDO O . 18.51 0.78 -11.75
O1 EDO O . 17.49 -0.01 -12.39
C2 EDO O . 18.57 2.16 -12.39
O2 EDO O . 18.19 2.03 -13.76
C1 EDO P . 3.68 -0.77 -36.55
O1 EDO P . 2.85 -1.94 -36.45
C2 EDO P . 2.84 0.47 -36.81
O2 EDO P . 2.18 0.91 -35.60
C1 EDO Q . 35.54 16.73 -25.50
O1 EDO Q . 34.77 15.64 -26.04
C2 EDO Q . 34.64 17.66 -24.69
O2 EDO Q . 33.58 18.16 -25.51
C1 EDO R . -26.62 24.53 15.52
O1 EDO R . -27.61 24.82 16.51
C2 EDO R . -26.73 23.08 15.04
O2 EDO R . -28.00 22.84 14.44
C1 EDO S . 7.03 12.94 -42.34
O1 EDO S . 7.14 11.54 -42.65
C2 EDO S . 5.99 13.59 -43.26
O2 EDO S . 5.89 14.99 -42.96
NA NA T . -4.01 -16.08 2.37
NA NA U . 7.91 1.97 -11.91
NA NA V . -11.71 -25.13 12.64
C1 EDO W . -14.86 20.36 -26.21
O1 EDO W . -15.58 19.47 -25.34
C2 EDO W . -15.69 20.73 -27.43
O2 EDO W . -15.98 19.56 -28.22
C1 EDO X . 12.58 5.16 -19.71
O1 EDO X . 11.74 4.14 -19.16
C2 EDO X . 12.11 6.52 -19.23
O2 EDO X . 12.15 6.52 -17.79
C1 EDO Y . -21.40 3.79 -23.03
O1 EDO Y . -21.66 3.86 -21.62
C2 EDO Y . -21.33 5.20 -23.61
O2 EDO Y . -20.21 5.91 -23.06
NA NA Z . -7.08 -19.16 8.42
#